data_4K8R
#
_entry.id   4K8R
#
_cell.length_a   262.190
_cell.length_b   138.650
_cell.length_c   69.540
_cell.angle_alpha   90.00
_cell.angle_beta   102.87
_cell.angle_gamma   90.00
#
_symmetry.space_group_name_H-M   'C 1 2 1'
#
loop_
_entity.id
_entity.type
_entity.pdbx_description
1 polymer 'Proprotein convertase subtilisin/kexin type 9'
2 polymer 'Proprotein convertase subtilisin/kexin type 9'
3 polymer 'Fab1, light chain'
4 polymer 'Fab1, heavy chain'
5 polymer 'Fab3H42, heavy chain'
6 polymer 'Fab3H42, light chain'
7 water water
#
loop_
_entity_poly.entity_id
_entity_poly.type
_entity_poly.pdbx_seq_one_letter_code
_entity_poly.pdbx_strand_id
1 'polypeptide(L)'
;TATFHRCAKDPWRLPGTYVVVLKEETHLSQSERTARRLQAQAARRGYLTKILHVFHGLLPGFLVKMSGDLLELALKLPHV
DYIEEDSSVFAQ
;
A
2 'polypeptide(L)'
;SIPWNLERITPPRYRADEYQPPDGGSLVEVYLLDTSIQSDHREIEGRVMVTDFENVPEEDGTRFHRQASKCDSHGTHLAG
VVSGRDAGVAKGASMRSLRVLNCQGKGTVSGTLIGLEFIRKSQLVQPVGPLVVLLPLAGGYSRVLNAACQRLARAGVVLV
TAAGNFRDDACLYSPASAPEVITVGATNAQDQPVTLGTLGTNFGRCVDLFAPGEDIIGASSDCSTCFVSQSGTSQAAAHV
AGIAAMMLSAEPELTLAELRQRLIHFSAKDVINEAWFPEDQRVLTPNLVAALPPSTHGAGWQLFCRTVWSAHSGPTRMAT
AIARCAPDEELLSCSSFSRSGKRRGERMEAQGGKLVCRAHNAFGGEGVYAIARCCLLPQANCSVHTAPPAEASMGTRVHC
HQQGHVLTGCSSHWEVEDLGTHKPPVLRPRGQPNQCVGHREASIHASCCHAPGLECKVKEHGIPAPQEQVTVACEEGWTL
TGCSALPGTSHVLGAYAVDNTCVVRSRDVSTTGSTSEEAVTAVAICCRSRHLAQASQELQLEHHHHHH
;
B
3 'polypeptide(L)'
;AIQLTQSPSSLSASVGDRVTITCRASQGISSALAWYQQKPGKAPKLLIYDASSLESGVPSRFSGSGSGTDFTLTISSLQP
EDFATYYCQQFNSYLITFGQGTRLEIKRTVAAPSVFIFPPSDEQLKSGTASVVCLLNNFYPREAKVQWKVDNALQSGNSQ
ESVTEQDSKDSTYSLSSTLTLSKADYEKHKVYACEVTHQGLSSPVTKSFNRGEC
;
C
4 'polypeptide(L)'
;EVQLVESGGGLVQPGGSLRLSCAASGFTFSSYDMHWVRQATGKGLEWVSAIGTAGDTYYPDSVKGRFTISRENAKNSLYL
QMNSLRAGDTAVYYCVREGTYYHDSGSDNYYSYGMDVWGQGTTVTVSSASTKGPSVFPLAPSSKSTSGGTAALGCLVKDY
FPEPVTVSWNSGALTSGVHTFPAVLQSSGLYSLSSVVTVPSSSLGTQTYICNVNHKPSNTKVDKRVEPSCDKTH
;
D
5 'polypeptide(L)'
;EVQLVESGGGLVKPGGSLRLSCAASGFTFSSYSMNWVRQAPGKGLEWVSSISSSSSYISYADSVKGRFTISRDNAKNSLY
LQMNSLRAEDTAVYFCARDYDFWSAYYDAFDVWGQGTMVTVSSASTKGPSVFPLAPSSKSTSGGTAALGCLVKDYFPEPV
TVSWNSGALTSGVHTFPAVLQSSGLYSLSSVVTVPSSSLGTQTYICNVNHKPSNTKVDKKVEPKSCAADEVDHHHHHH
;
H
6 'polypeptide(L)'
;ESVLTQPPSVSGAPGQRVTISCTGSSSNIGAGYDVHWYQQLPGTAPKLLISGNSNRPSGVPDRFSGSKSGTSASLAITGL
QAEDEADYYCQSYDSSLSGSVFGGGTKLTVLGQPKAAPSVTLFPPSSEELQANKATLVCLISDFYPGAVTVAWKADSSPV
KAGVETTTPSKQSNNKYAASSYLSLTPEQWKSHRSYSCQVTHEGSTVEKTVAPTECS
;
L
#
# COMPACT_ATOMS: atom_id res chain seq x y z
N THR A 1 2.28 10.09 27.94
CA THR A 1 1.33 9.11 27.43
C THR A 1 1.96 8.04 26.50
N ALA A 2 1.42 6.80 26.55
CA ALA A 2 1.84 5.63 25.78
C ALA A 2 1.36 5.69 24.32
N THR A 3 1.68 4.65 23.51
CA THR A 3 1.29 4.59 22.10
C THR A 3 0.29 3.46 21.82
N PHE A 4 -0.52 3.62 20.77
CA PHE A 4 -1.51 2.63 20.35
C PHE A 4 -1.06 1.94 19.08
N HIS A 5 -1.25 0.62 18.99
CA HIS A 5 -0.81 -0.14 17.83
C HIS A 5 -1.88 -1.05 17.29
N ARG A 6 -2.16 -0.92 16.01
CA ARG A 6 -3.15 -1.75 15.33
C ARG A 6 -2.42 -2.55 14.24
N CYS A 7 -3.00 -3.69 13.78
CA CYS A 7 -2.42 -4.44 12.66
C CYS A 7 -2.59 -3.59 11.41
N ALA A 8 -1.55 -3.53 10.58
CA ALA A 8 -1.53 -2.76 9.35
C ALA A 8 -2.53 -3.30 8.33
N LYS A 9 -2.72 -4.63 8.28
CA LYS A 9 -3.67 -5.30 7.40
C LYS A 9 -5.02 -5.11 8.07
N ASP A 10 -5.84 -4.18 7.54
CA ASP A 10 -7.14 -3.87 8.09
C ASP A 10 -8.11 -5.05 8.21
N PRO A 11 -8.19 -6.02 7.25
CA PRO A 11 -9.14 -7.14 7.44
C PRO A 11 -8.72 -8.15 8.49
N TRP A 12 -7.50 -8.02 9.02
CA TRP A 12 -6.92 -8.89 10.04
C TRP A 12 -7.04 -8.31 11.44
N ARG A 13 -7.58 -7.07 11.57
CA ARG A 13 -7.77 -6.41 12.87
C ARG A 13 -8.89 -7.10 13.61
N LEU A 14 -8.84 -7.05 14.94
CA LEU A 14 -9.83 -7.64 15.84
C LEU A 14 -10.06 -6.61 16.95
N PRO A 15 -10.74 -5.48 16.62
CA PRO A 15 -10.94 -4.43 17.62
C PRO A 15 -11.80 -4.87 18.79
N GLY A 16 -11.73 -4.12 19.88
CA GLY A 16 -12.49 -4.45 21.07
C GLY A 16 -11.74 -5.29 22.09
N THR A 17 -10.57 -5.82 21.68
CA THR A 17 -9.64 -6.60 22.52
C THR A 17 -8.27 -5.99 22.37
N TYR A 18 -7.68 -5.64 23.51
CA TYR A 18 -6.40 -4.93 23.56
C TYR A 18 -5.44 -5.59 24.50
N VAL A 19 -4.16 -5.64 24.09
CA VAL A 19 -3.06 -6.17 24.89
C VAL A 19 -2.37 -4.95 25.49
N VAL A 20 -2.63 -4.70 26.80
CA VAL A 20 -2.03 -3.58 27.51
C VAL A 20 -0.66 -4.06 28.00
N VAL A 21 0.42 -3.53 27.38
CA VAL A 21 1.79 -3.88 27.71
C VAL A 21 2.35 -2.86 28.68
N LEU A 22 2.84 -3.31 29.82
CA LEU A 22 3.39 -2.41 30.82
C LEU A 22 4.87 -2.27 30.67
N LYS A 23 5.44 -1.25 31.35
CA LYS A 23 6.87 -0.98 31.32
C LYS A 23 7.66 -2.17 31.90
N GLU A 24 8.83 -2.46 31.30
CA GLU A 24 9.74 -3.52 31.74
C GLU A 24 10.21 -3.19 33.16
N GLU A 25 9.92 -4.12 34.11
CA GLU A 25 10.20 -4.10 35.56
C GLU A 25 8.92 -3.97 36.44
N THR A 26 7.73 -4.04 35.81
CA THR A 26 6.45 -3.93 36.49
C THR A 26 6.05 -5.28 37.09
N HIS A 27 5.97 -5.35 38.43
CA HIS A 27 5.60 -6.57 39.16
C HIS A 27 4.13 -6.94 38.99
N LEU A 28 3.81 -8.25 39.11
CA LEU A 28 2.44 -8.77 38.93
C LEU A 28 1.43 -7.93 39.67
N SER A 29 1.76 -7.52 40.90
CA SER A 29 0.93 -6.68 41.74
C SER A 29 0.53 -5.38 41.02
N GLN A 30 1.52 -4.64 40.44
CA GLN A 30 1.32 -3.38 39.71
C GLN A 30 0.49 -3.63 38.47
N SER A 31 0.77 -4.75 37.74
CA SER A 31 0.02 -5.18 36.56
C SER A 31 -1.42 -5.41 36.99
N GLU A 32 -1.65 -6.26 38.02
CA GLU A 32 -2.96 -6.57 38.59
C GLU A 32 -3.74 -5.29 38.94
N ARG A 33 -3.15 -4.39 39.78
CA ARG A 33 -3.77 -3.12 40.20
C ARG A 33 -4.17 -2.27 39.00
N THR A 34 -3.25 -2.06 38.04
CA THR A 34 -3.53 -1.25 36.85
C THR A 34 -4.75 -1.76 36.07
N ALA A 35 -4.85 -3.08 35.87
CA ALA A 35 -5.97 -3.74 35.19
C ALA A 35 -7.29 -3.49 35.95
N ARG A 36 -7.21 -3.45 37.29
CA ARG A 36 -8.36 -3.16 38.13
C ARG A 36 -8.66 -1.66 38.09
N ARG A 37 -7.64 -0.80 37.91
CA ARG A 37 -7.84 0.67 37.86
C ARG A 37 -8.61 1.02 36.60
N LEU A 38 -8.21 0.43 35.46
CA LEU A 38 -8.87 0.63 34.18
C LEU A 38 -10.35 0.23 34.27
N GLN A 39 -10.65 -0.92 34.91
CA GLN A 39 -12.01 -1.40 35.06
C GLN A 39 -12.86 -0.36 35.79
N ALA A 40 -12.35 0.22 36.90
CA ALA A 40 -13.01 1.25 37.70
C ALA A 40 -13.11 2.57 36.99
N GLN A 41 -12.03 2.97 36.26
CA GLN A 41 -12.00 4.22 35.51
C GLN A 41 -13.10 4.20 34.46
N ALA A 42 -13.22 3.06 33.75
CA ALA A 42 -14.22 2.79 32.72
C ALA A 42 -15.61 2.66 33.32
N ALA A 43 -15.73 1.92 34.44
CA ALA A 43 -16.98 1.69 35.18
C ALA A 43 -17.72 3.00 35.44
N ARG A 44 -17.00 4.00 36.00
CA ARG A 44 -17.49 5.35 36.34
C ARG A 44 -18.02 6.06 35.12
N ARG A 45 -17.46 5.75 33.96
CA ARG A 45 -17.85 6.36 32.70
C ARG A 45 -19.06 5.64 32.06
N GLY A 46 -19.56 4.60 32.74
CA GLY A 46 -20.70 3.80 32.30
C GLY A 46 -20.36 2.69 31.33
N TYR A 47 -19.11 2.21 31.36
CA TYR A 47 -18.60 1.18 30.47
C TYR A 47 -18.31 -0.12 31.19
N LEU A 48 -18.56 -1.24 30.48
CA LEU A 48 -18.28 -2.58 31.00
C LEU A 48 -16.99 -3.11 30.37
N THR A 49 -16.08 -3.62 31.21
CA THR A 49 -14.79 -4.12 30.77
C THR A 49 -14.57 -5.53 31.27
N LYS A 50 -13.93 -6.38 30.47
CA LYS A 50 -13.63 -7.75 30.90
C LYS A 50 -12.12 -8.02 30.83
N ILE A 51 -11.47 -8.14 31.99
CA ILE A 51 -10.04 -8.49 32.04
C ILE A 51 -10.02 -10.00 31.78
N LEU A 52 -9.45 -10.41 30.64
CA LEU A 52 -9.42 -11.82 30.20
C LEU A 52 -8.23 -12.57 30.74
N HIS A 53 -7.08 -11.89 30.86
CA HIS A 53 -5.82 -12.47 31.32
C HIS A 53 -4.89 -11.37 31.83
N VAL A 54 -4.04 -11.69 32.80
CA VAL A 54 -3.04 -10.79 33.35
C VAL A 54 -1.73 -11.52 33.15
N PHE A 55 -0.93 -11.02 32.20
CA PHE A 55 0.35 -11.62 31.86
C PHE A 55 1.35 -11.52 33.00
N HIS A 56 1.94 -12.67 33.32
CA HIS A 56 2.86 -12.85 34.44
C HIS A 56 3.99 -13.82 34.08
N GLY A 57 5.06 -13.31 33.48
CA GLY A 57 6.19 -14.18 33.20
C GLY A 57 6.95 -13.93 31.93
N LEU A 58 6.24 -13.42 30.92
CA LEU A 58 6.87 -13.13 29.63
C LEU A 58 6.86 -11.63 29.45
N LEU A 59 5.68 -11.02 29.62
CA LEU A 59 5.51 -9.57 29.52
C LEU A 59 4.73 -9.04 30.70
N PRO A 60 5.07 -7.83 31.20
CA PRO A 60 4.23 -7.23 32.22
C PRO A 60 3.05 -6.59 31.49
N GLY A 61 1.85 -7.07 31.79
CA GLY A 61 0.67 -6.55 31.11
C GLY A 61 -0.57 -7.39 31.29
N PHE A 62 -1.64 -7.00 30.61
CA PHE A 62 -2.93 -7.69 30.71
C PHE A 62 -3.72 -7.73 29.40
N LEU A 63 -4.82 -8.47 29.42
CA LEU A 63 -5.70 -8.61 28.28
C LEU A 63 -7.05 -8.10 28.70
N VAL A 64 -7.57 -7.12 27.94
CA VAL A 64 -8.86 -6.49 28.22
C VAL A 64 -9.77 -6.48 26.98
N LYS A 65 -10.99 -6.96 27.16
CA LYS A 65 -12.07 -6.94 26.19
C LYS A 65 -12.79 -5.66 26.65
N MET A 66 -12.73 -4.59 25.83
CA MET A 66 -13.29 -3.27 26.15
C MET A 66 -13.59 -2.44 24.91
N SER A 67 -14.31 -1.32 25.08
CA SER A 67 -14.65 -0.44 23.97
C SER A 67 -13.44 0.38 23.57
N GLY A 68 -13.29 0.60 22.28
CA GLY A 68 -12.20 1.43 21.76
C GLY A 68 -12.31 2.90 22.18
N ASP A 69 -13.49 3.30 22.70
CA ASP A 69 -13.75 4.64 23.20
C ASP A 69 -12.91 4.89 24.47
N LEU A 70 -12.48 3.80 25.15
CA LEU A 70 -11.72 3.84 26.39
C LEU A 70 -10.21 3.86 26.23
N LEU A 71 -9.74 3.72 24.98
CA LEU A 71 -8.31 3.70 24.63
C LEU A 71 -7.52 4.89 25.12
N GLU A 72 -8.05 6.12 24.97
CA GLU A 72 -7.34 7.31 25.45
C GLU A 72 -7.19 7.27 26.95
N LEU A 73 -8.24 6.80 27.66
CA LEU A 73 -8.22 6.65 29.10
C LEU A 73 -7.17 5.61 29.50
N ALA A 74 -7.16 4.45 28.77
CA ALA A 74 -6.25 3.33 28.99
C ALA A 74 -4.79 3.72 28.74
N LEU A 75 -4.55 4.59 27.74
CA LEU A 75 -3.22 5.07 27.38
C LEU A 75 -2.59 5.94 28.45
N LYS A 76 -3.43 6.69 29.22
CA LYS A 76 -2.96 7.59 30.28
C LYS A 76 -2.65 6.83 31.59
N LEU A 77 -2.95 5.51 31.63
CA LEU A 77 -2.75 4.67 32.80
C LEU A 77 -1.27 4.53 33.26
N PRO A 78 -1.02 4.50 34.60
CA PRO A 78 0.36 4.32 35.10
C PRO A 78 1.02 3.02 34.64
N HIS A 79 2.36 3.04 34.49
CA HIS A 79 3.20 1.93 34.01
C HIS A 79 2.93 1.40 32.57
N VAL A 80 1.94 1.98 31.84
CA VAL A 80 1.64 1.52 30.48
C VAL A 80 2.76 1.94 29.52
N ASP A 81 3.31 0.97 28.77
CA ASP A 81 4.37 1.14 27.76
C ASP A 81 3.66 1.49 26.43
N TYR A 82 2.64 0.67 26.08
CA TYR A 82 1.81 0.77 24.88
C TYR A 82 0.63 -0.21 24.95
N ILE A 83 -0.35 0.00 24.06
CA ILE A 83 -1.54 -0.82 23.93
C ILE A 83 -1.64 -1.22 22.47
N GLU A 84 -1.66 -2.53 22.24
CA GLU A 84 -1.81 -3.08 20.90
C GLU A 84 -3.16 -3.75 20.81
N GLU A 85 -3.92 -3.39 19.80
CA GLU A 85 -5.21 -4.01 19.54
C GLU A 85 -4.96 -5.46 19.07
N ASP A 86 -5.82 -6.40 19.50
CA ASP A 86 -5.73 -7.80 19.09
C ASP A 86 -5.97 -7.91 17.58
N SER A 87 -5.49 -9.00 16.98
CA SER A 87 -5.59 -9.25 15.56
C SER A 87 -5.40 -10.73 15.26
N SER A 88 -5.84 -11.16 14.07
CA SER A 88 -5.78 -12.54 13.65
C SER A 88 -4.45 -13.05 13.15
N VAL A 89 -4.20 -14.35 13.41
CA VAL A 89 -3.04 -15.14 12.96
C VAL A 89 -3.62 -16.36 12.26
N PHE A 90 -2.97 -16.87 11.21
CA PHE A 90 -3.50 -17.97 10.42
C PHE A 90 -2.52 -19.08 10.14
N ALA A 91 -3.05 -20.32 9.95
CA ALA A 91 -2.28 -21.51 9.59
C ALA A 91 -1.46 -21.18 8.34
N GLN A 92 -0.22 -21.70 8.21
CA GLN A 92 0.60 -21.41 7.01
C GLN A 92 1.04 -22.65 6.20
N SER B 1 12.65 -44.31 -2.72
CA SER B 1 11.50 -44.57 -1.86
C SER B 1 11.39 -43.51 -0.81
N ILE B 2 12.54 -42.93 -0.41
CA ILE B 2 12.63 -41.86 0.58
C ILE B 2 12.05 -40.55 -0.01
N PRO B 3 11.19 -39.83 0.76
CA PRO B 3 10.59 -38.58 0.24
C PRO B 3 11.68 -37.58 -0.12
N TRP B 4 11.51 -36.92 -1.27
CA TRP B 4 12.47 -35.95 -1.81
C TRP B 4 12.98 -34.95 -0.77
N ASN B 5 12.10 -34.49 0.14
CA ASN B 5 12.37 -33.49 1.17
C ASN B 5 13.39 -33.94 2.18
N LEU B 6 13.20 -35.17 2.72
CA LEU B 6 14.12 -35.76 3.69
C LEU B 6 15.41 -36.05 2.97
N GLU B 7 15.30 -36.51 1.71
CA GLU B 7 16.43 -36.81 0.83
C GLU B 7 17.26 -35.53 0.58
N ARG B 8 16.59 -34.38 0.39
CA ARG B 8 17.17 -33.06 0.13
C ARG B 8 17.93 -32.50 1.35
N ILE B 9 17.33 -32.58 2.56
CA ILE B 9 17.97 -32.06 3.78
C ILE B 9 19.17 -32.91 4.27
N THR B 10 19.27 -34.14 3.76
CA THR B 10 20.35 -35.07 4.06
C THR B 10 21.59 -34.68 3.21
N PRO B 11 22.78 -34.51 3.81
CA PRO B 11 23.97 -34.20 2.98
C PRO B 11 24.56 -35.47 2.34
N PRO B 12 25.60 -35.40 1.46
CA PRO B 12 26.17 -36.64 0.88
C PRO B 12 26.85 -37.59 1.88
N ARG B 13 27.30 -37.07 3.05
CA ARG B 13 27.95 -37.87 4.12
C ARG B 13 27.04 -37.97 5.38
N TYR B 14 26.06 -38.89 5.35
CA TYR B 14 25.10 -39.14 6.44
C TYR B 14 24.67 -40.61 6.43
N TYR B 19 21.40 -39.41 14.15
CA TYR B 19 22.34 -38.32 14.31
C TYR B 19 23.32 -38.60 15.46
N LEU B 27 15.29 -35.78 25.13
CA LEU B 27 16.42 -34.86 25.23
C LEU B 27 15.91 -33.45 24.93
N VAL B 28 15.60 -33.18 23.67
CA VAL B 28 15.10 -31.89 23.23
C VAL B 28 13.57 -31.95 23.07
N GLU B 29 12.87 -30.94 23.59
CA GLU B 29 11.42 -30.85 23.48
C GLU B 29 11.01 -29.85 22.37
N VAL B 30 10.14 -30.29 21.45
CA VAL B 30 9.65 -29.43 20.39
C VAL B 30 8.19 -29.03 20.69
N TYR B 31 7.98 -27.75 21.07
CA TYR B 31 6.63 -27.25 21.29
C TYR B 31 6.08 -26.82 19.92
N LEU B 32 4.86 -27.26 19.61
CA LEU B 32 4.14 -26.98 18.37
C LEU B 32 2.90 -26.18 18.73
N LEU B 33 2.84 -24.94 18.28
CA LEU B 33 1.69 -24.07 18.53
C LEU B 33 0.93 -24.01 17.22
N ASP B 34 -0.15 -24.79 17.12
CA ASP B 34 -0.95 -24.88 15.89
C ASP B 34 -2.41 -25.25 16.19
N THR B 35 -3.01 -26.11 15.33
CA THR B 35 -4.38 -26.63 15.44
C THR B 35 -4.36 -27.87 16.32
N SER B 36 -5.51 -28.55 16.43
CA SER B 36 -5.61 -29.79 17.18
C SER B 36 -4.82 -30.85 16.41
N ILE B 37 -4.35 -31.91 17.10
CA ILE B 37 -3.57 -32.98 16.48
C ILE B 37 -4.12 -34.38 16.75
N GLN B 38 -3.88 -35.30 15.82
CA GLN B 38 -4.28 -36.70 15.97
C GLN B 38 -3.10 -37.40 16.66
N SER B 39 -3.07 -37.29 18.00
CA SER B 39 -2.05 -37.86 18.88
C SER B 39 -1.99 -39.37 18.81
N ASP B 40 -3.11 -40.03 18.41
CA ASP B 40 -3.15 -41.47 18.26
C ASP B 40 -2.67 -42.00 16.89
N HIS B 41 -2.22 -41.09 15.97
CA HIS B 41 -1.68 -41.46 14.64
C HIS B 41 -0.38 -42.26 14.81
N ARG B 42 -0.19 -43.31 13.98
CA ARG B 42 0.98 -44.20 14.00
C ARG B 42 2.31 -43.43 13.99
N GLU B 43 2.38 -42.36 13.18
CA GLU B 43 3.55 -41.50 13.00
C GLU B 43 4.07 -40.82 14.26
N ILE B 44 3.14 -40.27 15.06
CA ILE B 44 3.46 -39.48 16.25
C ILE B 44 3.04 -40.09 17.58
N GLU B 45 2.36 -41.26 17.56
CA GLU B 45 1.94 -41.89 18.81
C GLU B 45 3.16 -42.26 19.63
N GLY B 46 3.18 -41.78 20.87
CA GLY B 46 4.27 -41.97 21.84
C GLY B 46 5.26 -40.81 21.82
N ARG B 47 5.42 -40.17 20.65
CA ARG B 47 6.29 -39.03 20.38
C ARG B 47 5.65 -37.71 20.84
N VAL B 48 4.30 -37.61 20.77
CA VAL B 48 3.59 -36.39 21.13
C VAL B 48 2.80 -36.49 22.43
N MET B 49 2.76 -35.38 23.16
CA MET B 49 2.08 -35.20 24.43
C MET B 49 1.23 -33.96 24.25
N VAL B 50 -0.10 -34.13 24.20
CA VAL B 50 -1.03 -33.02 23.99
C VAL B 50 -1.25 -32.29 25.31
N THR B 51 -0.91 -30.99 25.35
CA THR B 51 -1.05 -30.19 26.56
C THR B 51 -2.49 -29.84 26.84
N ASP B 52 -2.82 -29.50 28.10
CA ASP B 52 -4.17 -29.07 28.47
C ASP B 52 -4.47 -27.68 27.85
N PHE B 53 -3.42 -26.97 27.36
CA PHE B 53 -3.54 -25.67 26.73
C PHE B 53 -4.36 -25.71 25.44
N GLU B 54 -5.22 -24.68 25.26
CA GLU B 54 -6.03 -24.38 24.09
C GLU B 54 -6.70 -23.01 24.19
N ASN B 55 -6.32 -22.07 23.32
CA ASN B 55 -6.87 -20.71 23.28
C ASN B 55 -7.20 -20.32 21.82
N VAL B 56 -8.37 -20.77 21.33
CA VAL B 56 -8.79 -20.54 19.94
C VAL B 56 -10.07 -19.70 19.78
N PRO B 57 -10.20 -18.88 18.70
CA PRO B 57 -11.44 -18.12 18.52
C PRO B 57 -12.50 -19.01 17.89
N GLU B 58 -13.79 -18.71 18.18
CA GLU B 58 -14.99 -19.38 17.66
C GLU B 58 -14.92 -19.51 16.11
N GLU B 59 -15.27 -20.67 15.53
CA GLU B 59 -15.22 -20.83 14.07
C GLU B 59 -16.35 -20.01 13.44
N ASP B 60 -16.21 -19.60 12.16
CA ASP B 60 -17.29 -18.86 11.50
C ASP B 60 -18.43 -19.84 11.16
N GLY B 61 -19.48 -19.78 11.97
CA GLY B 61 -20.67 -20.63 11.87
C GLY B 61 -21.20 -20.83 10.47
N THR B 62 -21.42 -19.71 9.76
CA THR B 62 -21.93 -19.63 8.39
C THR B 62 -21.16 -20.51 7.38
N ARG B 63 -19.91 -20.85 7.68
CA ARG B 63 -19.13 -21.72 6.82
C ARG B 63 -18.65 -22.97 7.57
N PHE B 64 -19.15 -23.21 8.79
CA PHE B 64 -18.66 -24.34 9.58
C PHE B 64 -19.61 -25.51 9.79
N HIS B 65 -19.24 -26.66 9.22
CA HIS B 65 -19.98 -27.91 9.41
C HIS B 65 -19.03 -28.88 10.13
N ARG B 66 -19.22 -29.02 11.47
CA ARG B 66 -18.39 -29.84 12.37
C ARG B 66 -18.24 -31.30 11.91
N GLN B 67 -19.32 -31.89 11.36
CA GLN B 67 -19.33 -33.30 10.92
C GLN B 67 -18.39 -33.60 9.76
N ALA B 68 -18.14 -32.61 8.90
CA ALA B 68 -17.27 -32.75 7.72
C ALA B 68 -15.87 -32.24 7.96
N SER B 69 -15.73 -31.31 8.90
CA SER B 69 -14.50 -30.65 9.27
C SER B 69 -13.47 -31.56 9.89
N LYS B 70 -12.29 -31.61 9.26
CA LYS B 70 -11.14 -32.33 9.75
C LYS B 70 -10.31 -31.23 10.44
N CYS B 71 -10.56 -31.06 11.77
CA CYS B 71 -9.98 -30.01 12.62
C CYS B 71 -8.51 -30.14 12.93
N ASP B 72 -7.98 -31.35 12.76
CA ASP B 72 -6.62 -31.77 13.09
C ASP B 72 -5.74 -32.02 11.89
N SER B 73 -6.06 -31.45 10.71
CA SER B 73 -5.28 -31.70 9.50
C SER B 73 -3.92 -31.02 9.41
N HIS B 74 -3.88 -29.70 9.73
CA HIS B 74 -2.66 -28.89 9.70
C HIS B 74 -1.60 -29.41 10.69
N GLY B 75 -1.92 -29.37 11.99
CA GLY B 75 -1.04 -29.80 13.08
C GLY B 75 -0.47 -31.21 13.01
N THR B 76 -1.33 -32.23 12.76
CA THR B 76 -0.93 -33.64 12.67
C THR B 76 0.14 -33.84 11.60
N HIS B 77 -0.08 -33.22 10.41
CA HIS B 77 0.86 -33.28 9.29
C HIS B 77 2.21 -32.69 9.70
N LEU B 78 2.19 -31.50 10.35
CA LEU B 78 3.37 -30.78 10.81
C LEU B 78 4.10 -31.56 11.86
N ALA B 79 3.39 -32.06 12.89
CA ALA B 79 4.00 -32.90 13.93
C ALA B 79 4.63 -34.11 13.27
N GLY B 80 4.02 -34.57 12.17
CA GLY B 80 4.48 -35.67 11.36
C GLY B 80 5.76 -35.31 10.61
N VAL B 81 5.91 -34.05 10.21
CA VAL B 81 7.12 -33.61 9.52
C VAL B 81 8.30 -33.58 10.50
N VAL B 82 8.11 -32.99 11.70
CA VAL B 82 9.14 -32.84 12.73
C VAL B 82 9.64 -34.19 13.29
N SER B 83 8.74 -34.99 13.86
CA SER B 83 9.04 -36.23 14.57
C SER B 83 8.60 -37.56 13.95
N GLY B 84 7.65 -37.53 13.00
CA GLY B 84 7.09 -38.72 12.34
C GLY B 84 8.04 -39.90 12.14
N ARG B 85 7.61 -41.11 12.52
CA ARG B 85 8.49 -42.27 12.40
C ARG B 85 8.93 -42.63 10.99
N ASP B 86 7.99 -42.84 10.06
CA ASP B 86 8.34 -43.22 8.69
C ASP B 86 8.76 -42.03 7.79
N ALA B 87 8.13 -40.86 7.92
CA ALA B 87 8.47 -39.74 7.06
C ALA B 87 8.73 -38.41 7.81
N GLY B 88 9.43 -38.50 8.94
CA GLY B 88 9.78 -37.35 9.76
C GLY B 88 11.21 -36.92 9.61
N VAL B 89 11.50 -35.65 9.96
CA VAL B 89 12.85 -35.09 9.88
C VAL B 89 13.69 -35.64 11.04
N ALA B 90 13.38 -35.21 12.27
CA ALA B 90 14.09 -35.69 13.44
C ALA B 90 13.26 -36.77 14.13
N LYS B 91 13.42 -38.02 13.66
CA LYS B 91 12.73 -39.18 14.22
C LYS B 91 13.37 -39.39 15.59
N GLY B 92 12.57 -39.18 16.63
CA GLY B 92 13.04 -39.27 18.01
C GLY B 92 13.16 -37.90 18.63
N ALA B 93 12.06 -37.13 18.58
CA ALA B 93 11.94 -35.78 19.12
C ALA B 93 10.71 -35.70 19.99
N SER B 94 10.86 -35.27 21.25
CA SER B 94 9.72 -35.11 22.15
C SER B 94 8.92 -33.89 21.68
N MET B 95 7.62 -34.06 21.44
CA MET B 95 6.77 -32.97 20.96
C MET B 95 5.64 -32.65 21.92
N ARG B 96 5.32 -31.36 22.04
CA ARG B 96 4.24 -30.90 22.90
C ARG B 96 3.33 -30.00 22.14
N SER B 97 2.09 -30.49 21.94
CA SER B 97 1.04 -29.83 21.17
C SER B 97 0.33 -28.73 21.96
N LEU B 98 0.13 -27.56 21.33
CA LEU B 98 -0.60 -26.42 21.88
C LEU B 98 -1.60 -25.94 20.82
N ARG B 99 -2.89 -25.74 21.21
CA ARG B 99 -3.93 -25.30 20.28
C ARG B 99 -4.11 -23.79 20.27
N VAL B 100 -3.50 -23.11 19.28
CA VAL B 100 -3.60 -21.66 19.14
C VAL B 100 -4.50 -21.27 17.98
N LEU B 101 -4.70 -22.22 17.03
CA LEU B 101 -5.56 -22.06 15.86
C LEU B 101 -6.79 -22.98 15.96
N ASN B 102 -7.96 -22.49 15.55
CA ASN B 102 -9.21 -23.27 15.50
C ASN B 102 -9.23 -24.28 14.33
N CYS B 103 -10.42 -24.84 13.97
CA CYS B 103 -10.66 -25.81 12.88
C CYS B 103 -10.39 -25.18 11.55
N GLN B 104 -10.70 -23.89 11.48
CA GLN B 104 -10.61 -23.03 10.33
C GLN B 104 -9.21 -22.38 10.18
N GLY B 105 -8.22 -22.92 10.92
CA GLY B 105 -6.83 -22.49 10.90
C GLY B 105 -6.61 -21.03 11.22
N LYS B 106 -7.42 -20.50 12.17
CA LYS B 106 -7.41 -19.11 12.59
C LYS B 106 -7.20 -19.01 14.09
N GLY B 107 -6.31 -18.12 14.49
CA GLY B 107 -6.00 -17.82 15.88
C GLY B 107 -5.98 -16.33 16.15
N THR B 108 -5.42 -15.94 17.33
CA THR B 108 -5.29 -14.53 17.71
C THR B 108 -3.92 -14.25 18.27
N VAL B 109 -3.46 -12.97 18.20
CA VAL B 109 -2.16 -12.58 18.74
C VAL B 109 -2.16 -12.83 20.24
N SER B 110 -3.28 -12.47 20.89
CA SER B 110 -3.54 -12.66 22.30
C SER B 110 -3.47 -14.14 22.68
N GLY B 111 -4.04 -15.02 21.87
CA GLY B 111 -3.97 -16.46 22.10
C GLY B 111 -2.54 -16.98 22.01
N THR B 112 -1.81 -16.51 20.97
CA THR B 112 -0.42 -16.90 20.76
C THR B 112 0.46 -16.43 21.92
N LEU B 113 0.18 -15.22 22.47
CA LEU B 113 0.92 -14.68 23.61
C LEU B 113 0.80 -15.58 24.85
N ILE B 114 -0.46 -15.99 25.18
CA ILE B 114 -0.78 -16.85 26.31
C ILE B 114 -0.05 -18.21 26.15
N GLY B 115 -0.04 -18.73 24.93
CA GLY B 115 0.66 -19.97 24.60
C GLY B 115 2.14 -19.85 24.83
N LEU B 116 2.74 -18.76 24.30
CA LEU B 116 4.17 -18.43 24.45
C LEU B 116 4.52 -18.17 25.90
N GLU B 117 3.50 -17.79 26.71
CA GLU B 117 3.68 -17.59 28.14
C GLU B 117 3.73 -18.98 28.79
N PHE B 118 2.84 -19.88 28.33
CA PHE B 118 2.72 -21.26 28.79
C PHE B 118 4.03 -22.01 28.62
N ILE B 119 4.72 -21.79 27.47
CA ILE B 119 6.01 -22.43 27.20
C ILE B 119 7.05 -21.93 28.22
N ARG B 120 7.05 -20.60 28.48
CA ARG B 120 7.95 -19.97 29.46
C ARG B 120 7.65 -20.51 30.85
N LYS B 121 6.36 -20.78 31.16
CA LYS B 121 5.96 -21.33 32.45
C LYS B 121 6.49 -22.74 32.59
N SER B 122 6.38 -23.55 31.53
CA SER B 122 6.90 -24.93 31.48
C SER B 122 8.43 -24.93 31.63
N GLN B 123 9.13 -24.01 30.92
CA GLN B 123 10.59 -23.90 30.94
C GLN B 123 11.18 -23.76 32.34
N LEU B 124 10.57 -22.91 33.20
CA LEU B 124 11.02 -22.68 34.57
C LEU B 124 10.73 -23.86 35.50
N VAL B 125 9.53 -24.45 35.40
CA VAL B 125 9.12 -25.58 36.22
C VAL B 125 9.89 -26.88 35.93
N GLN B 126 10.07 -27.23 34.64
CA GLN B 126 10.82 -28.41 34.20
C GLN B 126 12.34 -28.17 34.35
N PRO B 127 13.17 -29.20 34.68
CA PRO B 127 14.61 -28.95 34.81
C PRO B 127 15.26 -28.75 33.44
N VAL B 128 16.26 -27.84 33.36
CA VAL B 128 16.99 -27.45 32.14
C VAL B 128 17.21 -28.53 31.07
N GLY B 129 16.98 -28.15 29.82
CA GLY B 129 17.12 -28.99 28.65
C GLY B 129 16.77 -28.24 27.38
N PRO B 130 17.36 -28.58 26.21
CA PRO B 130 17.03 -27.83 24.98
C PRO B 130 15.55 -27.91 24.62
N LEU B 131 14.99 -26.78 24.09
CA LEU B 131 13.58 -26.70 23.67
C LEU B 131 13.32 -25.78 22.49
N VAL B 132 12.85 -26.36 21.38
CA VAL B 132 12.51 -25.69 20.13
C VAL B 132 11.01 -25.32 20.20
N VAL B 133 10.59 -24.25 19.51
CA VAL B 133 9.21 -23.76 19.48
C VAL B 133 8.84 -23.50 18.05
N LEU B 134 7.86 -24.26 17.55
CA LEU B 134 7.40 -24.18 16.16
C LEU B 134 6.13 -23.37 16.00
N LEU B 135 6.25 -22.24 15.30
CA LEU B 135 5.13 -21.35 15.03
C LEU B 135 4.76 -21.40 13.53
N PRO B 136 3.97 -22.41 13.08
CA PRO B 136 3.63 -22.50 11.65
C PRO B 136 2.41 -21.62 11.30
N LEU B 137 2.46 -20.39 11.81
CA LEU B 137 1.39 -19.42 11.66
C LEU B 137 1.93 -18.05 11.35
N ALA B 138 1.07 -17.19 10.81
CA ALA B 138 1.41 -15.80 10.51
C ALA B 138 0.19 -14.93 10.56
N GLY B 139 0.44 -13.71 10.98
CA GLY B 139 -0.51 -12.61 11.03
C GLY B 139 0.26 -11.40 10.58
N GLY B 140 -0.32 -10.21 10.71
CA GLY B 140 0.39 -8.99 10.36
C GLY B 140 1.50 -8.70 11.36
N TYR B 141 2.26 -7.62 11.13
CA TYR B 141 3.32 -7.28 12.06
C TYR B 141 2.67 -6.98 13.38
N SER B 142 3.15 -7.64 14.43
CA SER B 142 2.70 -7.42 15.81
C SER B 142 3.91 -7.08 16.66
N ARG B 143 3.95 -5.84 17.18
CA ARG B 143 5.03 -5.41 18.05
C ARG B 143 5.10 -6.27 19.35
N VAL B 144 3.93 -6.66 19.89
CA VAL B 144 3.87 -7.51 21.08
C VAL B 144 4.34 -8.92 20.77
N LEU B 145 3.80 -9.56 19.71
CA LEU B 145 4.17 -10.94 19.37
C LEU B 145 5.67 -11.07 19.14
N ASN B 146 6.30 -10.02 18.57
CA ASN B 146 7.72 -10.01 18.33
C ASN B 146 8.48 -9.86 19.65
N ALA B 147 7.98 -8.97 20.56
CA ALA B 147 8.56 -8.75 21.89
C ALA B 147 8.51 -10.03 22.75
N ALA B 148 7.41 -10.79 22.65
CA ALA B 148 7.22 -12.06 23.35
C ALA B 148 8.23 -13.09 22.85
N CYS B 149 8.49 -13.14 21.54
CA CYS B 149 9.47 -14.04 20.94
C CYS B 149 10.86 -13.67 21.38
N GLN B 150 11.20 -12.35 21.33
CA GLN B 150 12.49 -11.79 21.74
C GLN B 150 12.78 -12.18 23.20
N ARG B 151 11.75 -12.11 24.07
CA ARG B 151 11.87 -12.49 25.46
C ARG B 151 12.14 -14.00 25.61
N LEU B 152 11.41 -14.86 24.86
CA LEU B 152 11.63 -16.31 24.86
C LEU B 152 13.00 -16.71 24.32
N ALA B 153 13.48 -16.01 23.28
CA ALA B 153 14.78 -16.29 22.68
C ALA B 153 15.86 -15.98 23.69
N ARG B 154 15.71 -14.85 24.42
CA ARG B 154 16.63 -14.42 25.48
C ARG B 154 16.64 -15.46 26.58
N ALA B 155 15.49 -16.12 26.78
CA ALA B 155 15.34 -17.20 27.75
C ALA B 155 15.99 -18.51 27.25
N GLY B 156 16.53 -18.50 26.04
CA GLY B 156 17.25 -19.64 25.47
C GLY B 156 16.49 -20.56 24.55
N VAL B 157 15.20 -20.30 24.35
CA VAL B 157 14.35 -21.13 23.50
C VAL B 157 14.71 -20.92 22.00
N VAL B 158 14.70 -21.98 21.18
CA VAL B 158 14.96 -21.84 19.75
C VAL B 158 13.60 -21.77 19.07
N LEU B 159 13.21 -20.59 18.55
CA LEU B 159 11.91 -20.41 17.88
C LEU B 159 12.02 -20.54 16.36
N VAL B 160 11.21 -21.41 15.74
CA VAL B 160 11.21 -21.56 14.28
C VAL B 160 9.84 -21.18 13.76
N THR B 161 9.78 -20.10 12.98
CA THR B 161 8.54 -19.58 12.40
C THR B 161 8.46 -19.78 10.87
N ALA B 162 7.26 -19.72 10.29
CA ALA B 162 7.09 -19.84 8.84
C ALA B 162 7.12 -18.42 8.28
N ALA B 163 7.68 -18.27 7.09
CA ALA B 163 7.85 -16.96 6.48
C ALA B 163 6.55 -16.31 5.99
N GLY B 164 5.62 -17.13 5.53
CA GLY B 164 4.36 -16.64 5.01
C GLY B 164 4.13 -17.00 3.56
N ASN B 165 2.90 -17.31 3.21
CA ASN B 165 2.51 -17.76 1.88
C ASN B 165 1.99 -16.64 0.97
N PHE B 166 2.28 -15.39 1.35
CA PHE B 166 1.74 -14.22 0.65
C PHE B 166 2.57 -13.55 -0.46
N ARG B 167 3.66 -14.21 -0.93
CA ARG B 167 4.55 -13.71 -2.01
C ARG B 167 4.91 -12.26 -1.71
N ASP B 168 5.33 -11.99 -0.46
CA ASP B 168 5.61 -10.65 0.07
C ASP B 168 6.89 -10.59 0.89
N ASP B 169 7.21 -9.39 1.40
CA ASP B 169 8.34 -9.14 2.27
C ASP B 169 7.94 -9.69 3.64
N ALA B 170 8.66 -10.73 4.11
CA ALA B 170 8.42 -11.41 5.40
C ALA B 170 8.39 -10.46 6.57
N CYS B 171 9.08 -9.32 6.45
CA CYS B 171 9.16 -8.29 7.49
C CYS B 171 7.83 -7.65 7.80
N LEU B 172 6.79 -7.98 7.04
CA LEU B 172 5.48 -7.38 7.25
C LEU B 172 4.54 -8.22 8.07
N TYR B 173 4.98 -9.41 8.46
CA TYR B 173 4.17 -10.39 9.17
C TYR B 173 4.88 -10.81 10.40
N SER B 174 4.14 -11.21 11.42
CA SER B 174 4.70 -11.73 12.67
C SER B 174 4.18 -13.15 12.83
N PRO B 175 4.94 -14.07 13.46
CA PRO B 175 6.26 -13.88 14.12
C PRO B 175 7.45 -13.77 13.18
N ALA B 176 7.25 -13.99 11.84
CA ALA B 176 8.30 -13.97 10.80
C ALA B 176 9.26 -12.80 10.91
N SER B 177 8.74 -11.58 11.18
CA SER B 177 9.55 -10.37 11.30
C SER B 177 10.50 -10.30 12.48
N ALA B 178 10.16 -10.92 13.65
CA ALA B 178 11.01 -10.91 14.85
C ALA B 178 12.40 -11.47 14.48
N PRO B 179 13.48 -10.65 14.59
CA PRO B 179 14.81 -11.08 14.09
C PRO B 179 15.54 -12.17 14.88
N GLU B 180 15.09 -12.41 16.12
CA GLU B 180 15.69 -13.37 17.05
C GLU B 180 14.91 -14.67 17.09
N VAL B 181 14.44 -15.07 15.90
CA VAL B 181 13.65 -16.26 15.62
C VAL B 181 14.09 -16.72 14.21
N ILE B 182 14.18 -18.04 13.98
CA ILE B 182 14.53 -18.56 12.67
C ILE B 182 13.24 -18.51 11.79
N THR B 183 13.31 -17.77 10.66
CA THR B 183 12.23 -17.58 9.69
C THR B 183 12.50 -18.45 8.47
N VAL B 184 11.55 -19.31 8.12
CA VAL B 184 11.75 -20.25 7.03
C VAL B 184 10.83 -20.09 5.79
N GLY B 185 11.44 -19.89 4.63
CA GLY B 185 10.74 -19.79 3.36
C GLY B 185 10.57 -21.18 2.76
N ALA B 186 9.76 -21.30 1.69
CA ALA B 186 9.51 -22.61 1.07
C ALA B 186 10.03 -22.76 -0.35
N THR B 187 10.70 -23.90 -0.61
CA THR B 187 11.29 -24.27 -1.89
C THR B 187 10.86 -25.69 -2.27
N ASN B 188 10.46 -25.89 -3.54
CA ASN B 188 9.99 -27.16 -4.11
C ASN B 188 11.12 -28.15 -4.41
N ALA B 189 10.78 -29.25 -5.11
CA ALA B 189 11.69 -30.31 -5.54
C ALA B 189 12.87 -29.76 -6.32
N GLN B 190 12.58 -29.02 -7.39
CA GLN B 190 13.58 -28.43 -8.26
C GLN B 190 14.18 -27.14 -7.66
N ASP B 191 14.51 -27.15 -6.34
CA ASP B 191 15.12 -26.05 -5.57
C ASP B 191 14.63 -24.65 -5.99
N GLN B 192 13.32 -24.51 -6.22
CA GLN B 192 12.69 -23.26 -6.66
C GLN B 192 11.75 -22.73 -5.59
N PRO B 193 11.47 -21.41 -5.52
CA PRO B 193 10.54 -20.94 -4.47
C PRO B 193 9.12 -21.41 -4.78
N VAL B 194 8.44 -22.01 -3.79
CA VAL B 194 7.09 -22.61 -3.89
C VAL B 194 6.04 -21.60 -4.27
N THR B 195 5.17 -21.97 -5.19
CA THR B 195 4.04 -21.15 -5.56
C THR B 195 2.83 -21.75 -4.85
N LEU B 196 2.03 -20.91 -4.18
CA LEU B 196 0.84 -21.35 -3.47
C LEU B 196 -0.29 -20.48 -4.02
N GLY B 197 -1.12 -21.08 -4.87
CA GLY B 197 -2.17 -20.35 -5.59
C GLY B 197 -1.47 -19.35 -6.49
N THR B 198 -1.93 -18.09 -6.49
CA THR B 198 -1.24 -17.05 -7.28
C THR B 198 -0.12 -16.43 -6.46
N LEU B 199 0.05 -16.85 -5.20
CA LEU B 199 1.07 -16.33 -4.32
C LEU B 199 2.17 -17.36 -4.07
N GLY B 200 2.63 -17.52 -2.84
CA GLY B 200 3.69 -18.44 -2.51
C GLY B 200 4.60 -17.96 -1.41
N THR B 201 5.79 -18.54 -1.30
CA THR B 201 6.76 -18.18 -0.25
C THR B 201 7.03 -16.69 -0.12
N ASN B 202 7.29 -16.26 1.13
CA ASN B 202 7.69 -14.88 1.42
C ASN B 202 9.20 -14.78 1.24
N PHE B 203 9.74 -13.56 1.20
CA PHE B 203 11.16 -13.36 0.94
C PHE B 203 11.80 -12.16 1.69
N GLY B 204 12.98 -11.78 1.25
CA GLY B 204 13.72 -10.67 1.81
C GLY B 204 14.33 -10.85 3.18
N ARG B 205 15.09 -9.84 3.57
CA ARG B 205 15.81 -9.53 4.79
C ARG B 205 15.46 -10.36 6.07
N CYS B 206 14.15 -10.51 6.36
CA CYS B 206 13.70 -11.23 7.56
C CYS B 206 13.79 -12.76 7.45
N VAL B 207 13.78 -13.32 6.24
CA VAL B 207 13.88 -14.76 6.02
C VAL B 207 15.34 -15.16 6.26
N ASP B 208 15.58 -16.18 7.13
CA ASP B 208 16.93 -16.67 7.44
C ASP B 208 17.39 -17.69 6.41
N LEU B 209 16.48 -18.60 6.04
CA LEU B 209 16.71 -19.62 5.02
C LEU B 209 15.41 -20.21 4.52
N PHE B 210 15.54 -21.11 3.55
CA PHE B 210 14.44 -21.83 2.93
C PHE B 210 14.62 -23.31 3.24
N ALA B 211 13.54 -24.08 3.13
CA ALA B 211 13.53 -25.51 3.36
C ALA B 211 12.37 -26.14 2.53
N PRO B 212 12.41 -27.47 2.22
CA PRO B 212 11.31 -28.09 1.44
C PRO B 212 9.91 -27.66 1.86
N GLY B 213 9.07 -27.26 0.89
CA GLY B 213 7.72 -26.77 1.19
C GLY B 213 6.61 -27.07 0.19
N GLU B 214 6.88 -27.91 -0.80
CA GLU B 214 5.91 -28.31 -1.80
C GLU B 214 5.94 -29.83 -1.78
N ASP B 215 4.79 -30.48 -2.01
CA ASP B 215 4.68 -31.94 -2.04
C ASP B 215 5.43 -32.57 -0.85
N ILE B 216 5.03 -32.18 0.39
CA ILE B 216 5.64 -32.68 1.63
C ILE B 216 4.73 -33.75 2.22
N ILE B 217 5.16 -35.02 2.16
CA ILE B 217 4.42 -36.15 2.71
C ILE B 217 4.57 -36.26 4.24
N GLY B 218 3.42 -36.31 4.91
CA GLY B 218 3.30 -36.41 6.37
C GLY B 218 1.99 -37.06 6.78
N ALA B 219 1.76 -37.18 8.09
CA ALA B 219 0.57 -37.81 8.66
C ALA B 219 -0.73 -37.22 8.19
N SER B 220 -1.70 -38.06 7.83
CA SER B 220 -3.05 -37.64 7.44
C SER B 220 -4.01 -38.06 8.54
N SER B 221 -4.63 -37.06 9.20
CA SER B 221 -5.58 -37.28 10.31
C SER B 221 -6.89 -38.01 9.89
N ASP B 222 -6.97 -38.40 8.60
CA ASP B 222 -8.10 -39.11 8.00
C ASP B 222 -8.25 -40.49 8.63
N CYS B 223 -7.11 -41.19 8.86
CA CYS B 223 -7.01 -42.50 9.52
C CYS B 223 -5.67 -42.65 10.21
N SER B 224 -5.62 -43.56 11.20
CA SER B 224 -4.46 -43.87 12.06
C SER B 224 -3.13 -44.10 11.34
N THR B 225 -3.17 -44.56 10.09
CA THR B 225 -1.99 -44.88 9.33
C THR B 225 -1.88 -44.20 7.98
N CYS B 226 -2.86 -43.39 7.57
CA CYS B 226 -2.73 -42.75 6.27
C CYS B 226 -1.90 -41.49 6.27
N PHE B 227 -1.29 -41.21 5.10
CA PHE B 227 -0.41 -40.08 4.86
C PHE B 227 -0.95 -39.19 3.76
N VAL B 228 -0.47 -37.93 3.71
CA VAL B 228 -0.86 -36.93 2.72
C VAL B 228 0.26 -35.94 2.45
N SER B 229 0.37 -35.48 1.19
CA SER B 229 1.35 -34.49 0.77
C SER B 229 0.68 -33.12 0.85
N GLN B 230 1.31 -32.20 1.59
CA GLN B 230 0.84 -30.83 1.81
C GLN B 230 1.91 -29.83 1.37
N SER B 231 1.51 -28.59 0.96
CA SER B 231 2.42 -27.51 0.53
C SER B 231 2.18 -26.21 1.29
N GLY B 232 3.25 -25.59 1.77
CA GLY B 232 3.17 -24.34 2.54
C GLY B 232 4.43 -24.05 3.35
N THR B 233 4.60 -22.78 3.80
CA THR B 233 5.75 -22.37 4.60
C THR B 233 5.76 -23.06 5.95
N SER B 234 4.60 -23.52 6.44
CA SER B 234 4.48 -24.27 7.69
C SER B 234 5.33 -25.52 7.57
N GLN B 235 5.22 -26.23 6.44
CA GLN B 235 5.97 -27.45 6.16
C GLN B 235 7.49 -27.18 6.14
N ALA B 236 7.91 -26.05 5.51
CA ALA B 236 9.30 -25.60 5.48
C ALA B 236 9.80 -25.30 6.90
N ALA B 237 8.94 -24.66 7.72
CA ALA B 237 9.25 -24.35 9.12
C ALA B 237 9.41 -25.65 9.96
N ALA B 238 8.59 -26.69 9.67
CA ALA B 238 8.61 -27.98 10.35
C ALA B 238 9.95 -28.70 10.11
N HIS B 239 10.49 -28.63 8.88
CA HIS B 239 11.77 -29.26 8.51
C HIS B 239 12.91 -28.66 9.32
N VAL B 240 12.91 -27.31 9.44
CA VAL B 240 13.91 -26.55 10.19
C VAL B 240 13.84 -26.85 11.68
N ALA B 241 12.60 -27.00 12.20
CA ALA B 241 12.34 -27.34 13.60
C ALA B 241 13.01 -28.69 13.88
N GLY B 242 12.74 -29.67 13.01
CA GLY B 242 13.35 -30.99 13.07
C GLY B 242 14.86 -30.97 13.00
N ILE B 243 15.44 -30.14 12.09
CA ILE B 243 16.89 -30.02 11.96
C ILE B 243 17.50 -29.40 13.24
N ALA B 244 16.81 -28.40 13.83
CA ALA B 244 17.27 -27.76 15.06
C ALA B 244 17.19 -28.74 16.22
N ALA B 245 16.14 -29.55 16.25
CA ALA B 245 15.95 -30.57 17.27
C ALA B 245 17.02 -31.64 17.10
N MET B 246 17.38 -31.95 15.85
CA MET B 246 18.39 -32.93 15.55
C MET B 246 19.73 -32.44 16.07
N MET B 247 20.05 -31.16 15.78
CA MET B 247 21.27 -30.47 16.19
C MET B 247 21.37 -30.39 17.70
N LEU B 248 20.32 -29.84 18.35
CA LEU B 248 20.25 -29.67 19.79
C LEU B 248 20.33 -30.97 20.58
N SER B 249 19.98 -32.11 19.95
CA SER B 249 20.06 -33.44 20.53
C SER B 249 21.51 -33.83 20.76
N ALA B 250 22.41 -33.38 19.86
CA ALA B 250 23.84 -33.64 19.95
C ALA B 250 24.62 -32.55 20.71
N GLU B 251 24.24 -31.27 20.58
CA GLU B 251 24.88 -30.18 21.33
C GLU B 251 23.75 -29.48 22.08
N PRO B 252 23.46 -29.89 23.33
CA PRO B 252 22.32 -29.32 24.04
C PRO B 252 22.49 -27.89 24.56
N GLU B 253 23.74 -27.42 24.73
CA GLU B 253 24.04 -26.08 25.23
C GLU B 253 23.97 -24.95 24.17
N LEU B 254 23.74 -25.31 22.87
CA LEU B 254 23.67 -24.39 21.73
C LEU B 254 22.69 -23.24 21.89
N THR B 255 23.15 -21.98 21.68
CA THR B 255 22.25 -20.82 21.75
C THR B 255 21.50 -20.70 20.43
N LEU B 256 20.55 -19.75 20.34
CA LEU B 256 19.81 -19.53 19.11
C LEU B 256 20.73 -18.96 18.06
N ALA B 257 21.58 -18.00 18.45
CA ALA B 257 22.59 -17.36 17.60
C ALA B 257 23.49 -18.44 17.02
N GLU B 258 24.00 -19.33 17.91
CA GLU B 258 24.86 -20.47 17.59
C GLU B 258 24.20 -21.43 16.60
N LEU B 259 22.93 -21.83 16.86
CA LEU B 259 22.17 -22.73 16.00
C LEU B 259 21.88 -22.09 14.63
N ARG B 260 21.47 -20.82 14.60
CA ARG B 260 21.22 -20.09 13.35
C ARG B 260 22.48 -20.07 12.48
N GLN B 261 23.63 -19.67 13.07
CA GLN B 261 24.94 -19.57 12.40
C GLN B 261 25.36 -20.88 11.77
N ARG B 262 25.02 -22.02 12.42
CA ARG B 262 25.30 -23.36 11.92
C ARG B 262 24.30 -23.71 10.84
N LEU B 263 22.99 -23.45 11.06
CA LEU B 263 21.93 -23.68 10.06
C LEU B 263 22.33 -23.04 8.74
N ILE B 264 22.75 -21.75 8.79
CA ILE B 264 23.20 -20.92 7.66
C ILE B 264 24.36 -21.61 6.97
N HIS B 265 25.41 -21.95 7.73
CA HIS B 265 26.63 -22.58 7.27
C HIS B 265 26.42 -23.91 6.57
N PHE B 266 25.64 -24.81 7.16
CA PHE B 266 25.43 -26.16 6.62
C PHE B 266 24.40 -26.31 5.50
N SER B 267 23.64 -25.23 5.21
CA SER B 267 22.62 -25.16 4.16
C SER B 267 23.21 -25.30 2.75
N ALA B 268 22.36 -25.50 1.73
CA ALA B 268 22.78 -25.57 0.33
C ALA B 268 22.85 -24.16 -0.26
N LYS B 269 24.08 -23.70 -0.54
CA LYS B 269 24.32 -22.38 -1.08
C LYS B 269 24.01 -22.31 -2.58
N ASP B 270 23.53 -21.15 -3.01
CA ASP B 270 23.24 -20.79 -4.40
C ASP B 270 22.50 -21.79 -5.29
N VAL B 271 21.47 -22.46 -4.73
CA VAL B 271 20.62 -23.40 -5.48
C VAL B 271 19.42 -22.70 -6.11
N ILE B 272 18.69 -21.91 -5.31
CA ILE B 272 17.46 -21.21 -5.68
C ILE B 272 17.57 -20.27 -6.87
N ASN B 273 16.71 -20.49 -7.89
CA ASN B 273 16.64 -19.61 -9.04
C ASN B 273 15.84 -18.40 -8.60
N GLU B 274 16.58 -17.41 -8.06
CA GLU B 274 16.11 -16.13 -7.51
C GLU B 274 15.14 -15.34 -8.39
N ALA B 275 15.16 -15.56 -9.72
CA ALA B 275 14.30 -14.92 -10.72
C ALA B 275 12.85 -14.75 -10.26
N TRP B 276 12.29 -15.76 -9.56
CA TRP B 276 10.93 -15.75 -9.03
C TRP B 276 10.65 -14.61 -8.04
N PHE B 277 11.67 -14.18 -7.27
CA PHE B 277 11.58 -13.07 -6.31
C PHE B 277 11.65 -11.73 -7.03
N PRO B 278 10.99 -10.66 -6.51
CA PRO B 278 11.12 -9.34 -7.15
C PRO B 278 12.56 -8.90 -7.12
N GLU B 279 13.06 -8.34 -8.24
CA GLU B 279 14.44 -7.88 -8.38
C GLU B 279 14.99 -7.16 -7.14
N ASP B 280 14.23 -6.18 -6.60
CA ASP B 280 14.58 -5.39 -5.41
C ASP B 280 14.78 -6.21 -4.14
N GLN B 281 14.32 -7.47 -4.14
CA GLN B 281 14.42 -8.38 -2.99
C GLN B 281 15.50 -9.49 -3.13
N ARG B 282 15.91 -9.80 -4.36
CA ARG B 282 16.86 -10.86 -4.70
C ARG B 282 18.16 -10.92 -3.86
N VAL B 283 18.79 -9.75 -3.71
CA VAL B 283 20.04 -9.53 -3.00
C VAL B 283 19.88 -9.74 -1.48
N LEU B 284 18.68 -9.37 -0.96
CA LEU B 284 18.27 -9.42 0.44
C LEU B 284 17.88 -10.85 0.84
N THR B 285 17.02 -11.51 0.04
CA THR B 285 16.53 -12.88 0.22
C THR B 285 17.70 -13.88 0.16
N PRO B 286 18.00 -14.60 1.26
CA PRO B 286 19.13 -15.56 1.26
C PRO B 286 18.92 -16.80 0.39
N ASN B 287 19.97 -17.18 -0.38
CA ASN B 287 19.96 -18.35 -1.26
C ASN B 287 20.55 -19.54 -0.49
N LEU B 288 19.77 -20.03 0.50
CA LEU B 288 20.10 -21.15 1.39
C LEU B 288 18.95 -22.14 1.46
N VAL B 289 19.27 -23.44 1.45
CA VAL B 289 18.29 -24.51 1.59
C VAL B 289 18.75 -25.42 2.73
N ALA B 290 17.93 -25.52 3.78
CA ALA B 290 18.17 -26.30 5.00
C ALA B 290 18.77 -27.67 4.77
N ALA B 291 19.79 -27.97 5.55
CA ALA B 291 20.48 -29.25 5.48
C ALA B 291 21.08 -29.55 6.82
N LEU B 292 21.07 -30.83 7.19
CA LEU B 292 21.63 -31.31 8.45
C LEU B 292 23.14 -31.25 8.39
N PRO B 293 23.81 -30.85 9.47
CA PRO B 293 25.29 -30.91 9.49
C PRO B 293 25.72 -32.37 9.43
N PRO B 294 26.82 -32.72 8.70
CA PRO B 294 27.17 -34.14 8.54
C PRO B 294 27.74 -34.89 9.75
N SER B 295 28.11 -34.16 10.84
CA SER B 295 28.69 -34.77 12.05
C SER B 295 28.32 -34.03 13.34
N THR B 296 28.77 -34.56 14.52
CA THR B 296 28.57 -33.99 15.87
C THR B 296 29.18 -32.58 15.92
N HIS B 297 30.47 -32.46 15.51
CA HIS B 297 31.29 -31.26 15.37
C HIS B 297 32.66 -31.61 14.82
N TRP B 301 38.22 -25.61 16.55
CA TRP B 301 37.04 -24.77 16.60
C TRP B 301 36.92 -23.83 15.37
N GLN B 302 35.66 -23.50 14.95
CA GLN B 302 35.41 -22.65 13.78
C GLN B 302 34.61 -21.36 14.02
N LEU B 303 35.02 -20.29 13.31
CA LEU B 303 34.40 -18.96 13.35
C LEU B 303 33.28 -18.88 12.31
N PHE B 304 32.05 -18.55 12.76
CA PHE B 304 30.88 -18.43 11.91
C PHE B 304 30.48 -16.96 11.73
N CYS B 305 30.16 -16.55 10.49
CA CYS B 305 29.74 -15.18 10.18
C CYS B 305 28.52 -15.17 9.27
N ARG B 306 27.54 -14.30 9.55
CA ARG B 306 26.37 -14.13 8.71
C ARG B 306 26.27 -12.68 8.25
N THR B 307 25.60 -12.45 7.12
CA THR B 307 25.38 -11.14 6.51
C THR B 307 24.00 -10.65 6.96
N VAL B 308 23.94 -9.43 7.48
CA VAL B 308 22.69 -8.87 8.03
C VAL B 308 22.32 -7.61 7.29
N TRP B 309 21.53 -7.75 6.21
CA TRP B 309 21.09 -6.60 5.40
C TRP B 309 20.05 -5.86 6.21
N SER B 310 20.04 -4.54 6.08
CA SER B 310 19.07 -3.72 6.81
C SER B 310 18.02 -3.21 5.84
N ALA B 311 16.89 -2.70 6.38
CA ALA B 311 15.81 -2.17 5.56
C ALA B 311 16.26 -0.88 4.89
N HIS B 312 15.86 -0.70 3.61
CA HIS B 312 16.17 0.45 2.77
C HIS B 312 16.01 1.77 3.54
N SER B 313 16.99 2.68 3.41
CA SER B 313 17.02 3.97 4.10
C SER B 313 15.85 4.87 3.75
N GLY B 314 15.36 4.73 2.52
CA GLY B 314 14.29 5.54 1.96
C GLY B 314 14.91 6.63 1.11
N PRO B 315 14.25 7.09 0.02
CA PRO B 315 14.86 8.12 -0.83
C PRO B 315 15.04 9.52 -0.22
N THR B 316 14.74 9.69 1.08
CA THR B 316 14.86 10.94 1.84
C THR B 316 16.30 11.49 1.91
N ARG B 317 16.45 12.81 2.15
CA ARG B 317 17.74 13.51 2.18
C ARG B 317 18.62 13.14 3.40
N MET B 318 18.00 13.00 4.57
CA MET B 318 18.68 12.68 5.84
C MET B 318 18.58 11.17 6.17
N ALA B 319 18.11 10.38 5.19
CA ALA B 319 17.92 8.94 5.29
C ALA B 319 19.14 8.20 5.79
N THR B 320 18.90 7.22 6.68
CA THR B 320 19.94 6.38 7.25
C THR B 320 19.44 4.96 7.38
N ALA B 321 20.33 3.98 7.13
CA ALA B 321 20.01 2.56 7.24
C ALA B 321 20.81 1.95 8.41
N ILE B 322 20.17 1.09 9.23
CA ILE B 322 20.86 0.50 10.38
C ILE B 322 20.81 -1.00 10.40
N ALA B 323 21.98 -1.64 10.30
CA ALA B 323 22.14 -3.09 10.39
C ALA B 323 22.78 -3.42 11.74
N ARG B 324 22.14 -4.30 12.52
CA ARG B 324 22.65 -4.71 13.84
C ARG B 324 22.63 -6.24 14.04
N CYS B 325 23.53 -6.72 14.93
CA CYS B 325 23.71 -8.13 15.23
C CYS B 325 22.95 -8.53 16.47
N ALA B 326 22.81 -9.85 16.67
CA ALA B 326 22.21 -10.42 17.88
C ALA B 326 23.11 -10.04 19.05
N PRO B 327 22.58 -9.84 20.28
CA PRO B 327 23.46 -9.46 21.40
C PRO B 327 24.62 -10.42 21.64
N ASP B 328 24.38 -11.72 21.38
CA ASP B 328 25.33 -12.82 21.47
C ASP B 328 26.47 -12.73 20.41
N GLU B 329 26.33 -11.87 19.39
CA GLU B 329 27.25 -11.72 18.26
C GLU B 329 28.09 -10.44 18.25
N GLU B 330 29.26 -10.51 17.57
CA GLU B 330 30.18 -9.38 17.38
C GLU B 330 30.07 -8.89 15.93
N LEU B 331 29.97 -7.55 15.73
CA LEU B 331 29.92 -6.92 14.41
C LEU B 331 31.36 -6.73 13.95
N LEU B 332 31.86 -7.62 13.07
CA LEU B 332 33.25 -7.56 12.64
C LEU B 332 33.50 -6.58 11.53
N SER B 333 32.50 -6.35 10.66
CA SER B 333 32.56 -5.40 9.54
C SER B 333 31.19 -4.87 9.14
N CYS B 334 31.20 -3.66 8.55
CA CYS B 334 30.02 -2.94 8.09
C CYS B 334 30.26 -2.43 6.67
N SER B 335 29.23 -2.55 5.80
CA SER B 335 29.29 -2.11 4.42
C SER B 335 27.96 -1.49 3.95
N SER B 336 27.98 -0.79 2.80
CA SER B 336 26.80 -0.18 2.22
C SER B 336 26.61 -0.54 0.74
N PHE B 337 25.36 -0.37 0.25
CA PHE B 337 24.97 -0.65 -1.14
C PHE B 337 23.84 0.28 -1.61
N SER B 338 23.88 0.70 -2.90
CA SER B 338 22.88 1.53 -3.56
C SER B 338 22.85 1.26 -5.06
N ARG B 339 21.70 0.72 -5.55
CA ARG B 339 21.46 0.37 -6.95
C ARG B 339 21.69 1.55 -7.89
N SER B 340 21.41 2.78 -7.41
CA SER B 340 21.61 4.01 -8.18
C SER B 340 23.09 4.37 -8.29
N GLY B 341 23.84 4.04 -7.23
CA GLY B 341 25.26 4.35 -7.11
C GLY B 341 25.51 5.54 -6.21
N LYS B 342 24.44 6.32 -5.92
CA LYS B 342 24.52 7.50 -5.06
C LYS B 342 24.52 7.09 -3.58
N ARG B 343 25.70 7.13 -2.92
CA ARG B 343 25.89 6.80 -1.50
C ARG B 343 26.98 7.65 -0.81
N ARG B 344 26.76 7.98 0.47
CA ARG B 344 27.70 8.80 1.28
C ARG B 344 28.62 7.95 2.19
N GLY B 345 28.65 6.64 1.95
CA GLY B 345 29.48 5.70 2.71
C GLY B 345 28.77 5.05 3.88
N GLU B 346 29.56 4.44 4.80
CA GLU B 346 29.07 3.75 6.00
C GLU B 346 30.00 3.91 7.21
N ARG B 347 29.42 3.85 8.42
CA ARG B 347 30.15 3.97 9.69
C ARG B 347 29.74 2.93 10.72
N MET B 348 30.72 2.49 11.53
CA MET B 348 30.51 1.54 12.60
C MET B 348 30.40 2.36 13.87
N GLU B 349 29.15 2.57 14.30
CA GLU B 349 28.79 3.38 15.46
C GLU B 349 28.30 2.49 16.58
N ALA B 350 28.05 3.09 17.75
CA ALA B 350 27.53 2.37 18.90
C ALA B 350 26.10 2.86 19.20
N GLN B 351 25.16 1.92 19.38
CA GLN B 351 23.77 2.23 19.71
C GLN B 351 23.27 1.31 20.80
N GLY B 352 22.85 1.92 21.91
CA GLY B 352 22.35 1.22 23.09
C GLY B 352 23.39 0.31 23.72
N GLY B 353 24.65 0.72 23.63
CA GLY B 353 25.77 -0.02 24.18
C GLY B 353 26.07 -1.31 23.44
N LYS B 354 26.30 -1.19 22.12
CA LYS B 354 26.66 -2.26 21.17
C LYS B 354 26.93 -1.67 19.77
N LEU B 355 27.92 -2.24 19.03
CA LEU B 355 28.27 -1.79 17.69
C LEU B 355 27.19 -2.04 16.66
N VAL B 356 26.92 -1.02 15.84
CA VAL B 356 25.89 -1.03 14.80
C VAL B 356 26.42 -0.49 13.45
N CYS B 357 25.90 -1.02 12.34
CA CYS B 357 26.29 -0.63 10.98
C CYS B 357 25.30 0.43 10.45
N ARG B 358 25.70 1.71 10.49
CA ARG B 358 24.83 2.78 10.00
C ARG B 358 25.35 3.38 8.71
N ALA B 359 24.50 3.41 7.66
CA ALA B 359 24.84 3.94 6.34
C ALA B 359 23.95 5.12 5.97
N HIS B 360 24.57 6.23 5.57
CA HIS B 360 23.88 7.47 5.19
C HIS B 360 23.59 7.53 3.68
N ASN B 361 22.47 8.15 3.30
CA ASN B 361 22.11 8.31 1.89
C ASN B 361 22.66 9.58 1.31
N ALA B 362 23.15 9.51 0.05
CA ALA B 362 23.65 10.63 -0.73
C ALA B 362 22.46 11.48 -1.13
N PHE B 363 22.65 12.81 -1.17
CA PHE B 363 21.61 13.79 -1.39
C PHE B 363 20.55 13.51 -2.47
N GLY B 364 20.97 13.27 -3.70
CA GLY B 364 20.02 12.94 -4.77
C GLY B 364 19.63 11.47 -4.85
N GLY B 365 20.21 10.66 -3.97
CA GLY B 365 20.04 9.21 -3.93
C GLY B 365 18.66 8.68 -3.68
N GLU B 366 18.35 7.53 -4.34
CA GLU B 366 17.10 6.79 -4.23
C GLU B 366 17.02 6.09 -2.88
N GLY B 367 18.13 6.10 -2.16
CA GLY B 367 18.27 5.46 -0.85
C GLY B 367 19.42 4.47 -0.79
N VAL B 368 19.85 4.15 0.45
CA VAL B 368 20.97 3.24 0.71
C VAL B 368 20.58 2.01 1.53
N TYR B 369 21.47 1.02 1.54
CA TYR B 369 21.37 -0.22 2.30
C TYR B 369 22.59 -0.37 3.20
N ALA B 370 22.39 -0.71 4.49
CA ALA B 370 23.52 -0.95 5.39
C ALA B 370 23.62 -2.46 5.57
N ILE B 371 24.82 -3.02 5.36
CA ILE B 371 25.03 -4.45 5.42
C ILE B 371 26.07 -4.80 6.49
N ALA B 372 25.63 -5.46 7.57
CA ALA B 372 26.54 -5.87 8.67
C ALA B 372 27.05 -7.30 8.52
N ARG B 373 28.19 -7.59 9.15
CA ARG B 373 28.79 -8.92 9.15
C ARG B 373 28.91 -9.29 10.62
N CYS B 374 27.99 -10.15 11.08
CA CYS B 374 27.85 -10.59 12.47
C CYS B 374 28.47 -11.95 12.68
N CYS B 375 29.42 -12.03 13.62
CA CYS B 375 30.14 -13.27 13.88
C CYS B 375 30.05 -13.78 15.32
N LEU B 376 30.38 -15.07 15.50
CA LEU B 376 30.43 -15.66 16.83
C LEU B 376 31.88 -15.83 17.21
N LEU B 377 32.37 -14.91 18.03
CA LEU B 377 33.75 -14.91 18.51
C LEU B 377 33.77 -15.00 20.04
N PRO B 378 34.31 -16.10 20.62
CA PRO B 378 34.37 -16.20 22.09
C PRO B 378 35.52 -15.39 22.68
N GLN B 379 35.25 -14.71 23.83
CA GLN B 379 36.19 -13.86 24.58
C GLN B 379 36.79 -12.69 23.74
N ALA B 380 36.03 -12.17 22.76
CA ALA B 380 36.49 -11.10 21.87
C ALA B 380 36.33 -9.67 22.40
N ASN B 381 37.42 -8.90 22.38
CA ASN B 381 37.46 -7.51 22.76
C ASN B 381 37.58 -6.72 21.46
N CYS B 382 36.41 -6.37 20.88
CA CYS B 382 36.29 -5.66 19.62
C CYS B 382 35.98 -4.17 19.85
N SER B 383 36.73 -3.27 19.19
CA SER B 383 36.61 -1.83 19.33
C SER B 383 36.81 -1.10 18.00
N VAL B 384 36.14 0.05 17.83
CA VAL B 384 36.24 0.85 16.60
C VAL B 384 37.30 1.97 16.66
N HIS B 385 38.27 1.93 15.73
CA HIS B 385 39.33 2.93 15.61
C HIS B 385 38.95 3.86 14.45
N THR B 386 38.63 5.12 14.78
CA THR B 386 38.22 6.15 13.83
C THR B 386 39.35 7.15 13.56
N ALA B 387 39.49 7.59 12.29
CA ALA B 387 40.48 8.57 11.86
C ALA B 387 39.85 9.59 10.89
N PRO B 388 40.01 10.92 11.15
CA PRO B 388 39.40 11.92 10.25
C PRO B 388 40.18 12.12 8.94
N PRO B 389 39.56 12.62 7.83
CA PRO B 389 40.35 12.82 6.60
C PRO B 389 41.27 14.04 6.69
N ALA B 390 42.57 13.83 6.40
CA ALA B 390 43.59 14.88 6.46
C ALA B 390 43.90 15.54 5.10
N GLU B 391 43.42 14.92 3.98
CA GLU B 391 43.60 15.35 2.59
C GLU B 391 45.08 15.26 2.13
N ALA B 392 45.56 14.01 1.96
CA ALA B 392 46.93 13.71 1.54
C ALA B 392 46.94 12.90 0.24
N SER B 393 48.09 12.92 -0.48
CA SER B 393 48.33 12.21 -1.74
C SER B 393 48.09 10.69 -1.61
N MET B 394 48.46 10.13 -0.44
CA MET B 394 48.28 8.72 -0.09
C MET B 394 46.79 8.40 0.13
N GLY B 395 46.19 9.07 1.10
CA GLY B 395 44.79 8.89 1.50
C GLY B 395 44.64 8.75 3.01
N THR B 396 43.39 8.60 3.48
CA THR B 396 43.10 8.45 4.92
C THR B 396 43.34 7.00 5.38
N ARG B 397 44.12 6.86 6.47
CA ARG B 397 44.51 5.57 7.05
C ARG B 397 44.22 5.48 8.55
N VAL B 398 44.07 4.25 9.07
CA VAL B 398 43.82 3.92 10.48
C VAL B 398 44.24 2.46 10.70
N HIS B 399 44.84 2.13 11.87
CA HIS B 399 45.27 0.77 12.19
C HIS B 399 45.19 0.36 13.65
N CYS B 400 45.16 -0.96 13.89
CA CYS B 400 45.06 -1.57 15.21
C CYS B 400 46.40 -1.52 15.90
N HIS B 401 46.58 -0.54 16.81
CA HIS B 401 47.84 -0.32 17.54
C HIS B 401 48.11 -1.32 18.67
N GLN B 402 47.04 -1.74 19.36
CA GLN B 402 47.08 -2.67 20.48
C GLN B 402 47.55 -4.07 20.07
N GLN B 403 48.48 -4.66 20.86
CA GLN B 403 49.04 -5.97 20.58
C GLN B 403 47.98 -7.04 20.76
N GLY B 404 47.88 -7.92 19.78
CA GLY B 404 46.91 -9.00 19.75
C GLY B 404 45.56 -8.56 19.22
N HIS B 405 45.49 -7.31 18.73
CA HIS B 405 44.31 -6.71 18.14
C HIS B 405 44.39 -6.75 16.62
N VAL B 406 43.50 -7.55 16.01
CA VAL B 406 43.46 -7.82 14.58
C VAL B 406 42.35 -7.10 13.86
N LEU B 407 42.65 -6.56 12.65
CA LEU B 407 41.71 -5.86 11.78
C LEU B 407 40.72 -6.85 11.19
N THR B 408 39.46 -6.72 11.56
CA THR B 408 38.43 -7.63 11.09
C THR B 408 37.61 -7.06 9.94
N GLY B 409 37.75 -5.76 9.68
CA GLY B 409 37.00 -5.09 8.61
C GLY B 409 37.07 -3.57 8.60
N CYS B 410 37.02 -3.00 7.39
CA CYS B 410 37.09 -1.55 7.15
C CYS B 410 35.71 -0.97 6.88
N SER B 411 35.60 0.34 7.12
CA SER B 411 34.41 1.15 6.87
C SER B 411 34.88 2.56 6.55
N SER B 412 34.14 3.26 5.67
CA SER B 412 34.49 4.62 5.25
C SER B 412 33.29 5.40 4.76
N HIS B 413 33.12 6.62 5.29
CA HIS B 413 32.03 7.54 4.93
C HIS B 413 32.62 8.91 4.63
N TRP B 414 31.95 9.69 3.76
CA TRP B 414 32.40 11.02 3.37
C TRP B 414 31.26 12.01 3.44
N GLU B 415 31.46 13.13 4.16
CA GLU B 415 30.46 14.17 4.32
C GLU B 415 30.26 14.98 3.03
N VAL B 416 31.25 14.93 2.11
CA VAL B 416 31.23 15.59 0.80
C VAL B 416 30.23 14.90 -0.15
N GLU B 417 29.87 15.56 -1.27
CA GLU B 417 28.95 15.01 -2.27
C GLU B 417 29.65 14.46 -3.51
N ASP B 418 30.77 15.09 -3.92
CA ASP B 418 31.56 14.69 -5.08
C ASP B 418 33.02 14.40 -4.67
N LEU B 419 33.41 13.12 -4.73
CA LEU B 419 34.77 12.69 -4.40
C LEU B 419 35.70 13.02 -5.57
N PRO B 433 49.54 -3.31 6.50
CA PRO B 433 49.72 -4.34 7.53
C PRO B 433 48.82 -4.10 8.74
N ASN B 434 47.61 -4.73 8.71
CA ASN B 434 46.56 -4.62 9.74
C ASN B 434 46.00 -3.17 9.76
N GLN B 435 45.91 -2.55 8.57
CA GLN B 435 45.51 -1.16 8.34
C GLN B 435 44.35 -1.01 7.36
N CYS B 436 43.53 0.04 7.57
CA CYS B 436 42.40 0.45 6.72
C CYS B 436 42.81 1.68 5.91
N VAL B 437 42.58 1.65 4.59
CA VAL B 437 42.91 2.77 3.70
C VAL B 437 41.65 3.20 2.97
N GLY B 438 41.31 4.47 3.11
CA GLY B 438 40.15 5.08 2.46
C GLY B 438 40.50 6.31 1.66
N HIS B 439 39.45 7.03 1.20
CA HIS B 439 39.55 8.25 0.40
C HIS B 439 40.14 9.40 1.23
N ARG B 440 40.82 10.34 0.53
CA ARG B 440 41.45 11.54 1.11
C ARG B 440 40.44 12.53 1.74
N GLU B 441 39.17 12.47 1.28
CA GLU B 441 38.04 13.31 1.70
C GLU B 441 37.13 12.57 2.70
N ALA B 442 37.34 11.26 2.89
CA ALA B 442 36.53 10.39 3.75
C ALA B 442 37.14 9.99 5.09
N SER B 443 36.31 9.99 6.16
CA SER B 443 36.69 9.58 7.51
C SER B 443 36.61 8.04 7.55
N ILE B 444 37.74 7.39 7.92
CA ILE B 444 37.90 5.94 7.97
C ILE B 444 37.60 5.33 9.35
N HIS B 445 36.99 4.12 9.35
CA HIS B 445 36.58 3.37 10.53
C HIS B 445 37.05 1.91 10.47
N ALA B 446 38.03 1.54 11.31
CA ALA B 446 38.56 0.17 11.39
C ALA B 446 38.00 -0.57 12.61
N SER B 447 37.77 -1.90 12.46
CA SER B 447 37.32 -2.78 13.53
C SER B 447 38.52 -3.63 13.96
N CYS B 448 38.85 -3.59 15.25
CA CYS B 448 39.98 -4.30 15.80
C CYS B 448 39.51 -5.21 16.92
N CYS B 449 39.78 -6.51 16.77
CA CYS B 449 39.36 -7.51 17.74
C CYS B 449 40.52 -8.21 18.40
N HIS B 450 40.33 -8.59 19.67
CA HIS B 450 41.29 -9.37 20.41
C HIS B 450 40.60 -10.69 20.75
N ALA B 451 41.00 -11.78 20.11
CA ALA B 451 40.41 -13.08 20.39
C ALA B 451 41.47 -14.15 20.40
N PRO B 452 41.33 -15.20 21.24
CA PRO B 452 42.35 -16.27 21.25
C PRO B 452 42.54 -16.97 19.91
N GLY B 453 43.80 -17.04 19.48
CA GLY B 453 44.23 -17.69 18.24
C GLY B 453 43.57 -17.19 16.97
N LEU B 454 43.07 -15.95 16.97
CA LEU B 454 42.43 -15.35 15.81
C LEU B 454 43.50 -14.79 14.92
N GLU B 455 43.51 -15.22 13.66
CA GLU B 455 44.47 -14.69 12.68
C GLU B 455 43.73 -14.21 11.45
N CYS B 456 44.11 -13.04 10.92
CA CYS B 456 43.42 -12.48 9.77
C CYS B 456 44.36 -12.09 8.65
N LYS B 457 44.01 -12.52 7.42
CA LYS B 457 44.71 -12.23 6.17
C LYS B 457 43.79 -11.47 5.24
N VAL B 458 44.37 -10.69 4.31
CA VAL B 458 43.63 -9.91 3.31
C VAL B 458 43.84 -10.48 1.91
N LYS B 459 42.75 -10.83 1.24
CA LYS B 459 42.73 -11.31 -0.14
C LYS B 459 42.23 -10.18 -1.01
N GLU B 460 42.80 -10.03 -2.20
CA GLU B 460 42.44 -8.96 -3.12
C GLU B 460 42.24 -9.49 -4.52
N HIS B 461 41.36 -8.84 -5.30
CA HIS B 461 41.10 -9.20 -6.69
C HIS B 461 40.60 -8.02 -7.47
N GLY B 462 41.28 -7.72 -8.56
CA GLY B 462 40.94 -6.59 -9.42
C GLY B 462 40.70 -6.93 -10.87
N ILE B 463 39.97 -6.05 -11.55
CA ILE B 463 39.63 -6.12 -12.97
C ILE B 463 39.84 -4.69 -13.55
N PRO B 464 40.44 -4.54 -14.77
CA PRO B 464 40.69 -3.17 -15.28
C PRO B 464 39.43 -2.41 -15.73
N ALA B 465 38.49 -3.11 -16.40
CA ALA B 465 37.23 -2.52 -16.86
C ALA B 465 36.10 -3.48 -16.46
N PRO B 466 35.39 -3.20 -15.33
CA PRO B 466 34.33 -4.14 -14.89
C PRO B 466 33.14 -4.26 -15.82
N GLN B 467 32.47 -5.41 -15.72
CA GLN B 467 31.31 -5.77 -16.54
C GLN B 467 30.01 -5.54 -15.74
N GLU B 468 30.03 -5.96 -14.46
CA GLU B 468 28.91 -5.83 -13.54
C GLU B 468 29.34 -5.94 -12.08
N GLN B 469 30.38 -6.77 -11.82
CA GLN B 469 30.95 -7.01 -10.49
C GLN B 469 32.33 -7.70 -10.49
N VAL B 470 33.12 -7.45 -9.43
CA VAL B 470 34.43 -8.08 -9.20
C VAL B 470 34.28 -8.83 -7.88
N THR B 471 34.76 -10.09 -7.83
CA THR B 471 34.65 -10.89 -6.61
C THR B 471 35.93 -11.57 -6.18
N VAL B 472 36.18 -11.56 -4.87
CA VAL B 472 37.28 -12.25 -4.21
C VAL B 472 36.66 -13.04 -3.05
N ALA B 473 37.07 -14.30 -2.88
CA ALA B 473 36.53 -15.15 -1.84
C ALA B 473 37.60 -15.80 -0.96
N CYS B 474 37.29 -15.99 0.33
CA CYS B 474 38.18 -16.60 1.30
C CYS B 474 38.28 -18.09 0.99
N GLU B 475 39.49 -18.65 1.13
CA GLU B 475 39.79 -20.07 0.90
C GLU B 475 39.14 -21.01 1.94
N GLU B 476 39.14 -22.32 1.64
CA GLU B 476 38.57 -23.35 2.50
C GLU B 476 39.25 -23.30 3.85
N GLY B 477 38.46 -23.04 4.88
CA GLY B 477 38.98 -22.94 6.25
C GLY B 477 38.90 -21.54 6.80
N TRP B 478 39.07 -20.54 5.91
CA TRP B 478 39.01 -19.13 6.27
C TRP B 478 37.60 -18.59 6.13
N THR B 479 37.18 -17.78 7.11
CA THR B 479 35.85 -17.15 7.13
C THR B 479 35.96 -15.68 6.76
N LEU B 480 35.04 -15.21 5.88
CA LEU B 480 35.03 -13.80 5.47
C LEU B 480 34.46 -12.97 6.57
N THR B 481 35.24 -12.00 7.04
CA THR B 481 34.79 -11.11 8.09
C THR B 481 34.55 -9.74 7.51
N GLY B 482 35.39 -9.31 6.57
CA GLY B 482 35.25 -7.99 5.98
C GLY B 482 35.32 -7.89 4.48
N CYS B 483 34.21 -7.48 3.86
CA CYS B 483 34.17 -7.27 2.41
C CYS B 483 34.29 -5.77 2.11
N SER B 484 35.12 -5.42 1.13
CA SER B 484 35.39 -4.03 0.79
C SER B 484 35.73 -3.85 -0.68
N ALA B 485 35.52 -2.63 -1.17
CA ALA B 485 35.85 -2.17 -2.51
C ALA B 485 37.02 -1.20 -2.34
N LEU B 486 38.07 -1.32 -3.17
CA LEU B 486 39.22 -0.43 -3.07
C LEU B 486 38.85 0.99 -3.47
N PRO B 487 39.04 1.98 -2.57
CA PRO B 487 38.64 3.37 -2.92
C PRO B 487 39.47 3.98 -4.06
N GLY B 488 38.97 3.77 -5.27
CA GLY B 488 39.58 4.24 -6.50
C GLY B 488 38.53 4.68 -7.50
N THR B 489 37.63 3.75 -7.86
CA THR B 489 36.53 4.01 -8.81
C THR B 489 35.43 4.80 -8.12
N SER B 490 34.94 5.87 -8.78
CA SER B 490 33.85 6.72 -8.30
C SER B 490 32.53 5.93 -8.41
N HIS B 491 32.27 5.39 -9.61
CA HIS B 491 31.06 4.63 -9.89
C HIS B 491 31.16 3.17 -9.47
N VAL B 492 30.86 2.94 -8.18
CA VAL B 492 30.80 1.64 -7.50
C VAL B 492 29.51 1.69 -6.67
N LEU B 493 28.57 0.79 -6.99
CA LEU B 493 27.26 0.71 -6.37
C LEU B 493 27.33 0.31 -4.91
N GLY B 494 28.33 -0.48 -4.56
CA GLY B 494 28.55 -0.93 -3.19
C GLY B 494 29.36 -2.21 -3.10
N ALA B 495 29.49 -2.75 -1.89
CA ALA B 495 30.23 -3.99 -1.62
C ALA B 495 29.57 -4.75 -0.49
N TYR B 496 29.28 -6.05 -0.71
CA TYR B 496 28.64 -6.92 0.27
C TYR B 496 29.21 -8.34 0.28
N ALA B 497 29.19 -8.97 1.47
CA ALA B 497 29.64 -10.33 1.69
C ALA B 497 28.50 -11.30 1.40
N VAL B 498 28.78 -12.31 0.56
CA VAL B 498 27.83 -13.37 0.22
C VAL B 498 28.51 -14.65 0.67
N ASP B 499 27.97 -15.27 1.74
CA ASP B 499 28.57 -16.47 2.34
C ASP B 499 30.05 -16.13 2.67
N ASN B 500 31.02 -16.56 1.83
CA ASN B 500 32.43 -16.26 2.05
C ASN B 500 33.02 -15.57 0.85
N THR B 501 32.19 -14.83 0.11
CA THR B 501 32.63 -14.13 -1.10
C THR B 501 32.36 -12.64 -1.05
N CYS B 502 33.44 -11.86 -1.14
CA CYS B 502 33.33 -10.42 -1.17
C CYS B 502 32.89 -10.07 -2.55
N VAL B 503 31.73 -9.40 -2.67
CA VAL B 503 31.12 -9.03 -3.94
C VAL B 503 31.08 -7.51 -4.06
N VAL B 504 31.68 -6.96 -5.16
CA VAL B 504 31.70 -5.52 -5.42
C VAL B 504 30.94 -5.16 -6.71
N ARG B 505 29.65 -4.75 -6.57
CA ARG B 505 28.78 -4.35 -7.68
C ARG B 505 29.29 -3.04 -8.27
N SER B 506 29.58 -3.05 -9.60
CA SER B 506 30.12 -1.89 -10.30
C SER B 506 29.57 -1.75 -11.72
N ARG B 507 28.46 -1.01 -11.85
CA ARG B 507 27.74 -0.69 -13.10
C ARG B 507 28.67 -0.09 -14.18
N ALA B 519 39.03 0.22 -12.97
CA ALA B 519 40.01 -0.46 -12.12
C ALA B 519 39.42 -0.85 -10.75
N VAL B 520 38.28 -1.58 -10.78
CA VAL B 520 37.57 -2.03 -9.57
C VAL B 520 38.26 -3.23 -8.92
N THR B 521 38.70 -3.06 -7.66
CA THR B 521 39.36 -4.10 -6.88
C THR B 521 38.57 -4.42 -5.62
N ALA B 522 38.24 -5.71 -5.44
CA ALA B 522 37.52 -6.25 -4.29
C ALA B 522 38.57 -6.64 -3.22
N VAL B 523 38.36 -6.20 -1.97
CA VAL B 523 39.25 -6.41 -0.83
C VAL B 523 38.54 -7.24 0.24
N ALA B 524 38.98 -8.50 0.44
CA ALA B 524 38.40 -9.40 1.43
C ALA B 524 39.27 -9.56 2.66
N ILE B 525 38.66 -9.53 3.86
CA ILE B 525 39.34 -9.72 5.15
C ILE B 525 38.91 -11.08 5.65
N CYS B 526 39.82 -12.05 5.51
CA CYS B 526 39.62 -13.45 5.85
C CYS B 526 40.20 -13.73 7.22
N CYS B 527 39.39 -14.30 8.13
CA CYS B 527 39.81 -14.63 9.50
C CYS B 527 39.54 -16.09 9.84
N ARG B 528 40.25 -16.60 10.86
CA ARG B 528 40.12 -17.95 11.41
C ARG B 528 40.72 -18.06 12.80
N SER B 529 40.26 -19.06 13.57
CA SER B 529 40.71 -19.37 14.93
C SER B 529 41.17 -20.82 14.98
N ARG B 530 42.25 -21.10 15.74
CA ARG B 530 42.84 -22.44 15.89
C ARG B 530 42.85 -22.91 17.34
N ALA C 1 29.09 26.04 5.75
CA ALA C 1 27.95 26.95 5.66
C ALA C 1 27.90 27.62 4.29
N ILE C 2 26.66 27.79 3.77
CA ILE C 2 26.40 28.42 2.46
C ILE C 2 25.56 29.71 2.67
N GLN C 3 26.18 30.89 2.53
CA GLN C 3 25.48 32.17 2.68
C GLN C 3 24.63 32.45 1.44
N LEU C 4 23.38 32.90 1.65
CA LEU C 4 22.46 33.22 0.56
C LEU C 4 22.10 34.71 0.55
N THR C 5 22.58 35.41 -0.49
CA THR C 5 22.37 36.84 -0.68
C THR C 5 21.36 37.05 -1.81
N GLN C 6 20.36 37.90 -1.54
CA GLN C 6 19.29 38.20 -2.50
C GLN C 6 19.36 39.64 -3.03
N SER C 7 19.04 39.82 -4.32
CA SER C 7 19.05 41.14 -4.95
C SER C 7 17.72 41.49 -5.64
N PRO C 8 17.03 42.57 -5.20
CA PRO C 8 17.39 43.50 -4.11
C PRO C 8 16.91 43.03 -2.73
N SER C 9 16.77 43.97 -1.78
CA SER C 9 16.26 43.70 -0.42
C SER C 9 14.77 44.07 -0.35
N SER C 10 14.37 45.08 -1.16
CA SER C 10 13.01 45.61 -1.30
C SER C 10 12.85 46.25 -2.69
N LEU C 11 11.63 46.19 -3.28
CA LEU C 11 11.30 46.74 -4.60
C LEU C 11 9.80 46.90 -4.86
N SER C 12 9.43 47.78 -5.82
CA SER C 12 8.04 47.99 -6.25
C SER C 12 7.97 47.93 -7.77
N ALA C 13 7.11 47.06 -8.30
CA ALA C 13 6.92 46.85 -9.75
C ALA C 13 5.45 46.96 -10.16
N SER C 14 5.21 47.37 -11.42
CA SER C 14 3.87 47.54 -12.00
C SER C 14 3.17 46.20 -12.25
N VAL C 15 1.82 46.22 -12.38
CA VAL C 15 1.01 45.04 -12.66
C VAL C 15 1.26 44.63 -14.11
N GLY C 16 1.79 43.42 -14.29
CA GLY C 16 2.13 42.87 -15.60
C GLY C 16 3.60 42.97 -15.96
N ASP C 17 4.48 43.05 -14.95
CA ASP C 17 5.94 43.16 -15.11
C ASP C 17 6.64 41.85 -14.77
N ARG C 18 7.76 41.57 -15.47
CA ARG C 18 8.59 40.38 -15.23
C ARG C 18 9.65 40.67 -14.17
N VAL C 19 9.40 40.20 -12.93
CA VAL C 19 10.26 40.41 -11.76
C VAL C 19 11.52 39.54 -11.77
N THR C 20 12.69 40.17 -11.55
CA THR C 20 13.99 39.51 -11.52
C THR C 20 14.46 39.43 -10.05
N ILE C 21 14.46 38.21 -9.48
CA ILE C 21 14.86 37.97 -8.09
C ILE C 21 16.04 37.01 -8.06
N THR C 22 17.21 37.50 -7.64
CA THR C 22 18.44 36.69 -7.60
C THR C 22 18.75 36.14 -6.20
N CYS C 23 19.41 34.96 -6.15
CA CYS C 23 19.81 34.27 -4.92
C CYS C 23 21.26 33.76 -5.06
N ARG C 24 22.23 34.59 -4.65
CA ARG C 24 23.65 34.26 -4.74
C ARG C 24 24.12 33.38 -3.58
N ALA C 25 24.58 32.17 -3.93
CA ALA C 25 25.09 31.18 -2.99
C ALA C 25 26.61 31.27 -2.95
N SER C 26 27.19 31.36 -1.73
CA SER C 26 28.64 31.46 -1.49
C SER C 26 29.43 30.28 -2.08
N GLN C 27 28.85 29.07 -2.06
CA GLN C 27 29.46 27.85 -2.61
C GLN C 27 28.62 27.29 -3.76
N GLY C 28 29.23 26.39 -4.55
CA GLY C 28 28.57 25.70 -5.65
C GLY C 28 27.62 24.66 -5.10
N ILE C 29 26.30 24.96 -5.16
CA ILE C 29 25.25 24.11 -4.62
C ILE C 29 24.33 23.41 -5.65
N SER C 30 24.85 23.14 -6.87
CA SER C 30 24.16 22.46 -7.98
C SER C 30 22.79 23.07 -8.31
N SER C 31 21.72 22.28 -8.17
CA SER C 31 20.33 22.69 -8.39
C SER C 31 19.53 22.58 -7.06
N ALA C 32 20.25 22.42 -5.93
CA ALA C 32 19.68 22.27 -4.60
C ALA C 32 19.16 23.60 -4.02
N LEU C 33 18.15 24.21 -4.67
CA LEU C 33 17.55 25.47 -4.22
C LEU C 33 16.03 25.49 -4.39
N ALA C 34 15.32 26.09 -3.40
CA ALA C 34 13.86 26.21 -3.40
C ALA C 34 13.38 27.67 -3.21
N TRP C 35 12.22 27.99 -3.82
CA TRP C 35 11.63 29.33 -3.77
C TRP C 35 10.30 29.37 -3.02
N TYR C 36 10.21 30.23 -1.98
CA TYR C 36 9.03 30.35 -1.12
C TYR C 36 8.37 31.74 -1.14
N GLN C 37 7.02 31.76 -1.04
CA GLN C 37 6.17 32.96 -1.03
C GLN C 37 5.57 33.18 0.38
N GLN C 38 6.26 33.96 1.23
CA GLN C 38 5.74 34.23 2.58
C GLN C 38 4.97 35.55 2.64
N LYS C 39 3.65 35.46 2.81
CA LYS C 39 2.77 36.63 2.94
C LYS C 39 2.78 37.13 4.41
N PRO C 40 2.46 38.43 4.68
CA PRO C 40 2.55 38.94 6.07
C PRO C 40 1.74 38.20 7.15
N GLY C 41 2.43 37.88 8.26
CA GLY C 41 1.85 37.21 9.42
C GLY C 41 1.75 35.70 9.35
N LYS C 42 1.60 35.15 8.13
CA LYS C 42 1.44 33.71 7.87
C LYS C 42 2.76 32.93 7.79
N ALA C 43 2.76 31.81 7.03
CA ALA C 43 3.89 30.90 6.82
C ALA C 43 4.22 30.81 5.31
N PRO C 44 5.47 30.48 4.90
CA PRO C 44 5.79 30.43 3.46
C PRO C 44 5.06 29.36 2.64
N LYS C 45 5.12 29.51 1.30
CA LYS C 45 4.49 28.62 0.33
C LYS C 45 5.52 28.24 -0.73
N LEU C 46 5.83 26.94 -0.88
CA LEU C 46 6.80 26.44 -1.87
C LEU C 46 6.30 26.67 -3.29
N LEU C 47 7.04 27.48 -4.06
CA LEU C 47 6.71 27.80 -5.44
C LEU C 47 7.53 26.91 -6.36
N ILE C 48 8.86 26.99 -6.26
CA ILE C 48 9.75 26.20 -7.08
C ILE C 48 10.71 25.39 -6.21
N TYR C 49 10.81 24.09 -6.50
CA TYR C 49 11.73 23.15 -5.86
C TYR C 49 12.76 22.73 -6.92
N ASP C 50 14.00 22.39 -6.50
CA ASP C 50 15.10 21.99 -7.39
C ASP C 50 15.43 23.06 -8.45
N ALA C 51 15.55 24.33 -8.00
CA ALA C 51 15.89 25.52 -8.80
C ALA C 51 14.95 25.95 -9.93
N SER C 52 14.37 25.00 -10.72
CA SER C 52 13.50 25.30 -11.86
C SER C 52 12.06 24.74 -11.80
N SER C 53 11.89 23.50 -11.26
CA SER C 53 10.61 22.79 -11.16
C SER C 53 9.57 23.47 -10.28
N LEU C 54 8.35 23.68 -10.84
CA LEU C 54 7.21 24.31 -10.19
C LEU C 54 6.46 23.33 -9.28
N GLU C 55 6.09 23.79 -8.08
CA GLU C 55 5.31 23.00 -7.12
C GLU C 55 3.82 23.15 -7.47
N SER C 56 3.05 22.03 -7.51
CA SER C 56 1.62 22.03 -7.84
C SER C 56 0.77 22.87 -6.87
N GLY C 57 -0.03 23.76 -7.44
CA GLY C 57 -0.86 24.70 -6.71
C GLY C 57 -0.44 26.13 -6.99
N VAL C 58 0.75 26.27 -7.62
CA VAL C 58 1.38 27.54 -8.01
C VAL C 58 1.10 27.79 -9.50
N PRO C 59 0.59 29.00 -9.88
CA PRO C 59 0.29 29.28 -11.30
C PRO C 59 1.51 29.25 -12.23
N SER C 60 1.25 28.99 -13.53
CA SER C 60 2.24 28.90 -14.61
C SER C 60 3.14 30.13 -14.80
N ARG C 61 2.72 31.31 -14.28
CA ARG C 61 3.47 32.57 -14.37
C ARG C 61 4.83 32.54 -13.66
N PHE C 62 4.90 31.91 -12.48
CA PHE C 62 6.12 31.77 -11.68
C PHE C 62 7.04 30.74 -12.35
N SER C 63 8.32 31.11 -12.57
CA SER C 63 9.31 30.22 -13.20
C SER C 63 10.72 30.35 -12.62
N GLY C 64 11.37 29.21 -12.43
CA GLY C 64 12.72 29.13 -11.89
C GLY C 64 13.80 28.90 -12.93
N SER C 65 14.97 29.51 -12.71
CA SER C 65 16.13 29.44 -13.61
C SER C 65 17.45 29.64 -12.86
N GLY C 66 18.47 28.87 -13.27
CA GLY C 66 19.81 28.95 -12.69
C GLY C 66 20.29 27.69 -12.00
N SER C 67 21.63 27.57 -11.89
CA SER C 67 22.34 26.46 -11.24
C SER C 67 23.77 26.85 -10.88
N GLY C 68 24.25 26.36 -9.75
CA GLY C 68 25.61 26.61 -9.27
C GLY C 68 25.73 27.61 -8.13
N THR C 69 25.96 28.91 -8.49
CA THR C 69 26.13 29.99 -7.52
C THR C 69 25.14 31.16 -7.69
N ASP C 70 24.38 31.19 -8.80
CA ASP C 70 23.40 32.26 -9.07
C ASP C 70 22.08 31.69 -9.62
N PHE C 71 20.97 31.99 -8.92
CA PHE C 71 19.61 31.51 -9.25
C PHE C 71 18.63 32.66 -9.35
N THR C 72 17.64 32.56 -10.27
CA THR C 72 16.62 33.58 -10.50
C THR C 72 15.19 33.05 -10.67
N LEU C 73 14.22 33.71 -9.99
CA LEU C 73 12.78 33.45 -10.05
C LEU C 73 12.10 34.57 -10.85
N THR C 74 11.17 34.21 -11.77
CA THR C 74 10.48 35.19 -12.64
C THR C 74 8.95 35.03 -12.69
N ILE C 75 8.22 36.14 -12.42
CA ILE C 75 6.75 36.21 -12.48
C ILE C 75 6.41 36.97 -13.77
N SER C 76 5.85 36.27 -14.77
CA SER C 76 5.51 36.83 -16.09
C SER C 76 4.50 37.98 -16.07
N SER C 77 3.37 37.80 -15.37
CA SER C 77 2.33 38.83 -15.26
C SER C 77 1.93 39.01 -13.80
N LEU C 78 2.46 40.06 -13.16
CA LEU C 78 2.23 40.42 -11.76
C LEU C 78 0.74 40.52 -11.40
N GLN C 79 0.40 40.21 -10.14
CA GLN C 79 -0.98 40.24 -9.62
C GLN C 79 -1.05 41.02 -8.30
N PRO C 80 -2.22 41.58 -7.87
CA PRO C 80 -2.25 42.30 -6.58
C PRO C 80 -1.94 41.42 -5.37
N GLU C 81 -2.19 40.10 -5.48
CA GLU C 81 -1.94 39.10 -4.45
C GLU C 81 -0.45 38.67 -4.36
N ASP C 82 0.40 39.13 -5.30
CA ASP C 82 1.83 38.80 -5.35
C ASP C 82 2.69 39.58 -4.32
N PHE C 83 2.05 40.33 -3.39
CA PHE C 83 2.71 41.09 -2.33
C PHE C 83 3.18 40.13 -1.23
N ALA C 84 4.47 39.76 -1.25
CA ALA C 84 5.08 38.85 -0.28
C ALA C 84 6.60 39.01 -0.24
N THR C 85 7.20 38.83 0.94
CA THR C 85 8.66 38.87 1.14
C THR C 85 9.15 37.49 0.68
N TYR C 86 9.70 37.41 -0.54
CA TYR C 86 10.18 36.17 -1.13
C TYR C 86 11.51 35.68 -0.54
N TYR C 87 11.60 34.37 -0.29
CA TYR C 87 12.77 33.71 0.28
C TYR C 87 13.28 32.58 -0.59
N CYS C 88 14.61 32.41 -0.64
CA CYS C 88 15.28 31.32 -1.34
C CYS C 88 15.98 30.46 -0.30
N GLN C 89 16.02 29.14 -0.50
CA GLN C 89 16.62 28.23 0.48
C GLN C 89 17.31 27.06 -0.19
N GLN C 90 18.56 26.75 0.25
CA GLN C 90 19.38 25.66 -0.26
C GLN C 90 19.23 24.35 0.53
N PHE C 91 19.42 23.20 -0.17
CA PHE C 91 19.32 21.84 0.40
C PHE C 91 20.59 21.01 0.16
N ASN C 92 21.75 21.65 -0.15
CA ASN C 92 23.00 20.93 -0.42
C ASN C 92 23.82 20.57 0.83
N SER C 93 23.42 21.13 1.99
CA SER C 93 24.04 20.88 3.30
C SER C 93 22.98 20.38 4.27
N TYR C 94 23.42 19.66 5.33
CA TYR C 94 22.53 19.17 6.40
C TYR C 94 22.00 20.37 7.19
N LEU C 95 22.80 21.48 7.20
CA LEU C 95 22.52 22.76 7.83
C LEU C 95 21.85 23.69 6.80
N ILE C 96 20.56 24.01 7.03
CA ILE C 96 19.73 24.85 6.13
C ILE C 96 19.93 26.35 6.32
N THR C 97 20.08 27.07 5.19
CA THR C 97 20.24 28.52 5.17
C THR C 97 19.22 29.15 4.20
N PHE C 98 18.78 30.37 4.53
CA PHE C 98 17.80 31.13 3.76
C PHE C 98 18.36 32.49 3.34
N GLY C 99 17.73 33.10 2.34
CA GLY C 99 18.07 34.44 1.87
C GLY C 99 17.57 35.49 2.85
N GLN C 100 17.98 36.76 2.70
CA GLN C 100 17.54 37.83 3.62
C GLN C 100 16.05 38.22 3.50
N GLY C 101 15.47 37.97 2.32
CA GLY C 101 14.08 38.26 2.02
C GLY C 101 13.93 39.39 1.01
N THR C 102 13.36 39.07 -0.16
CA THR C 102 13.12 40.03 -1.24
C THR C 102 11.65 40.50 -1.16
N ARG C 103 11.45 41.71 -0.63
CA ARG C 103 10.15 42.33 -0.45
C ARG C 103 9.59 42.85 -1.78
N LEU C 104 8.48 42.27 -2.27
CA LEU C 104 7.82 42.70 -3.51
C LEU C 104 6.55 43.49 -3.20
N GLU C 105 6.45 44.69 -3.77
CA GLU C 105 5.33 45.62 -3.60
C GLU C 105 4.48 45.68 -4.88
N ILE C 106 3.22 46.15 -4.76
CA ILE C 106 2.27 46.30 -5.86
C ILE C 106 2.09 47.81 -6.16
N LYS C 107 2.16 48.20 -7.44
CA LYS C 107 1.98 49.60 -7.87
C LYS C 107 0.51 49.93 -8.15
N ARG C 108 -0.04 50.94 -7.44
CA ARG C 108 -1.43 51.39 -7.54
C ARG C 108 -1.52 52.92 -7.69
N THR C 109 -2.71 53.44 -8.04
CA THR C 109 -2.98 54.88 -8.20
C THR C 109 -2.93 55.57 -6.83
N VAL C 110 -2.20 56.70 -6.74
CA VAL C 110 -1.99 57.51 -5.53
C VAL C 110 -3.31 57.88 -4.81
N ALA C 111 -3.78 56.94 -3.96
CA ALA C 111 -5.03 57.01 -3.19
C ALA C 111 -5.02 58.03 -2.06
N ALA C 112 -6.22 58.46 -1.61
CA ALA C 112 -6.41 59.42 -0.51
C ALA C 112 -6.85 58.71 0.78
N PRO C 113 -6.17 58.94 1.93
CA PRO C 113 -6.57 58.24 3.17
C PRO C 113 -7.82 58.79 3.86
N SER C 114 -8.71 57.88 4.32
CA SER C 114 -9.93 58.23 5.04
C SER C 114 -9.57 58.49 6.52
N VAL C 115 -9.45 59.78 6.89
CA VAL C 115 -9.02 60.26 8.22
C VAL C 115 -10.16 60.40 9.25
N PHE C 116 -10.03 59.69 10.40
CA PHE C 116 -10.98 59.68 11.52
C PHE C 116 -10.23 59.85 12.85
N ILE C 117 -10.74 60.72 13.74
CA ILE C 117 -10.16 60.96 15.07
C ILE C 117 -10.94 60.23 16.19
N PHE C 118 -10.20 59.51 17.06
CA PHE C 118 -10.74 58.75 18.18
C PHE C 118 -10.22 59.25 19.54
N PRO C 119 -11.05 60.01 20.29
CA PRO C 119 -10.61 60.54 21.60
C PRO C 119 -10.38 59.47 22.67
N PRO C 120 -9.74 59.78 23.84
CA PRO C 120 -9.54 58.74 24.86
C PRO C 120 -10.82 58.37 25.61
N SER C 121 -11.01 57.07 25.87
CA SER C 121 -12.18 56.52 26.56
C SER C 121 -12.34 57.01 28.01
N ASP C 122 -13.59 57.07 28.47
CA ASP C 122 -13.97 57.52 29.81
C ASP C 122 -13.44 56.60 30.92
N GLU C 123 -13.37 55.28 30.64
CA GLU C 123 -12.87 54.25 31.57
C GLU C 123 -11.35 54.43 31.80
N GLN C 124 -10.61 54.73 30.71
CA GLN C 124 -9.15 54.96 30.70
C GLN C 124 -8.82 56.24 31.48
N LEU C 125 -9.59 57.32 31.24
CA LEU C 125 -9.43 58.64 31.88
C LEU C 125 -9.73 58.62 33.39
N LYS C 126 -10.43 57.58 33.88
CA LYS C 126 -10.76 57.40 35.30
C LYS C 126 -9.73 56.53 36.07
N SER C 127 -8.50 56.47 35.54
CA SER C 127 -7.38 55.74 36.13
C SER C 127 -6.13 56.63 36.16
N GLY C 128 -5.81 57.27 35.03
CA GLY C 128 -4.66 58.17 34.90
C GLY C 128 -3.99 58.24 33.54
N THR C 129 -4.54 57.55 32.53
CA THR C 129 -3.99 57.49 31.16
C THR C 129 -5.03 57.97 30.13
N ALA C 130 -4.55 58.63 29.05
CA ALA C 130 -5.38 59.12 27.95
C ALA C 130 -4.67 58.94 26.59
N SER C 131 -5.26 58.12 25.71
CA SER C 131 -4.70 57.81 24.38
C SER C 131 -5.60 58.26 23.23
N VAL C 132 -5.09 59.16 22.37
CA VAL C 132 -5.81 59.69 21.19
C VAL C 132 -5.20 59.06 19.92
N VAL C 133 -6.02 58.30 19.16
CA VAL C 133 -5.60 57.59 17.95
C VAL C 133 -6.24 58.20 16.69
N CYS C 134 -5.52 58.16 15.55
CA CYS C 134 -5.96 58.68 14.26
C CYS C 134 -5.74 57.64 13.15
N LEU C 135 -6.84 57.10 12.59
CA LEU C 135 -6.81 56.09 11.53
C LEU C 135 -6.71 56.75 10.14
N LEU C 136 -5.90 56.14 9.24
CA LEU C 136 -5.71 56.53 7.85
C LEU C 136 -6.08 55.31 7.00
N ASN C 137 -7.39 55.08 6.83
CA ASN C 137 -7.92 53.92 6.10
C ASN C 137 -7.70 53.91 4.60
N ASN C 138 -6.92 52.91 4.12
CA ASN C 138 -6.55 52.62 2.74
C ASN C 138 -5.97 53.78 1.91
N PHE C 139 -4.63 53.77 1.72
CA PHE C 139 -3.86 54.77 0.95
C PHE C 139 -2.58 54.20 0.32
N TYR C 140 -2.07 54.85 -0.75
CA TYR C 140 -0.84 54.49 -1.45
C TYR C 140 -0.06 55.75 -1.92
N PRO C 141 1.28 55.84 -1.73
CA PRO C 141 2.20 54.88 -1.09
C PRO C 141 2.15 54.93 0.45
N ARG C 142 3.00 54.12 1.13
CA ARG C 142 3.04 54.08 2.60
C ARG C 142 3.53 55.40 3.26
N GLU C 143 4.07 56.32 2.44
CA GLU C 143 4.54 57.65 2.84
C GLU C 143 3.32 58.49 3.26
N ALA C 144 3.23 58.79 4.57
CA ALA C 144 2.14 59.58 5.17
C ALA C 144 2.63 60.35 6.40
N LYS C 145 2.51 61.69 6.35
CA LYS C 145 2.94 62.60 7.42
C LYS C 145 1.83 62.87 8.45
N VAL C 146 1.97 62.28 9.65
CA VAL C 146 1.02 62.44 10.76
C VAL C 146 1.58 63.41 11.80
N GLN C 147 0.92 64.57 11.97
CA GLN C 147 1.30 65.64 12.89
C GLN C 147 0.22 65.81 13.97
N TRP C 148 0.61 65.70 15.26
CA TRP C 148 -0.32 65.85 16.37
C TRP C 148 -0.35 67.29 16.88
N LYS C 149 -1.42 68.01 16.55
CA LYS C 149 -1.62 69.42 16.91
C LYS C 149 -2.53 69.59 18.12
N VAL C 150 -1.93 69.57 19.31
CA VAL C 150 -2.64 69.75 20.58
C VAL C 150 -2.52 71.23 20.95
N ASP C 151 -3.66 71.97 20.87
CA ASP C 151 -3.77 73.42 21.09
C ASP C 151 -2.90 74.18 20.07
N ASN C 152 -2.91 73.69 18.81
CA ASN C 152 -2.14 74.19 17.66
C ASN C 152 -0.60 74.14 17.89
N ALA C 153 -0.12 73.01 18.46
CA ALA C 153 1.29 72.75 18.75
C ALA C 153 1.68 71.34 18.32
N LEU C 154 2.65 71.22 17.39
CA LEU C 154 3.15 69.95 16.85
C LEU C 154 3.87 69.12 17.91
N GLN C 155 3.33 67.92 18.20
CA GLN C 155 3.84 67.01 19.23
C GLN C 155 5.05 66.18 18.79
N SER C 156 5.98 65.96 19.73
CA SER C 156 7.20 65.16 19.58
C SER C 156 7.67 64.66 20.95
N GLY C 157 7.74 63.34 21.11
CA GLY C 157 8.17 62.68 22.35
C GLY C 157 7.08 61.97 23.14
N ASN C 158 6.02 61.49 22.45
CA ASN C 158 4.89 60.76 23.05
C ASN C 158 4.15 59.84 22.06
N SER C 159 4.05 60.26 20.78
CA SER C 159 3.36 59.53 19.71
C SER C 159 4.04 58.22 19.30
N GLN C 160 3.22 57.23 18.90
CA GLN C 160 3.64 55.90 18.46
C GLN C 160 2.99 55.57 17.10
N GLU C 161 3.80 55.24 16.09
CA GLU C 161 3.29 54.92 14.76
C GLU C 161 3.30 53.41 14.44
N SER C 162 2.36 52.98 13.58
CA SER C 162 2.22 51.59 13.13
C SER C 162 1.52 51.55 11.78
N VAL C 163 2.08 50.79 10.82
CA VAL C 163 1.52 50.67 9.46
C VAL C 163 1.20 49.20 9.12
N THR C 164 0.12 49.00 8.33
CA THR C 164 -0.32 47.67 7.87
C THR C 164 0.34 47.33 6.53
N GLU C 165 -0.19 46.30 5.83
CA GLU C 165 0.33 45.83 4.55
C GLU C 165 -0.67 45.97 3.40
N GLN C 166 -0.20 45.77 2.16
CA GLN C 166 -1.00 45.85 0.94
C GLN C 166 -1.97 44.68 0.82
N ASP C 167 -3.26 44.99 0.67
CA ASP C 167 -4.34 44.00 0.55
C ASP C 167 -4.25 43.23 -0.78
N SER C 168 -4.74 41.97 -0.77
CA SER C 168 -4.71 41.04 -1.90
C SER C 168 -5.52 41.51 -3.13
N LYS C 169 -6.40 42.51 -2.96
CA LYS C 169 -7.26 43.02 -4.03
C LYS C 169 -6.95 44.46 -4.47
N ASP C 170 -7.23 45.45 -3.60
CA ASP C 170 -7.04 46.87 -3.87
C ASP C 170 -5.60 47.37 -3.72
N SER C 171 -4.83 46.78 -2.77
CA SER C 171 -3.41 47.08 -2.45
C SER C 171 -3.15 48.54 -2.00
N THR C 172 -3.62 48.87 -0.78
CA THR C 172 -3.46 50.18 -0.14
C THR C 172 -3.23 50.04 1.37
N TYR C 173 -2.15 50.67 1.88
CA TYR C 173 -1.73 50.65 3.29
C TYR C 173 -2.73 51.37 4.22
N SER C 174 -2.71 51.05 5.53
CA SER C 174 -3.54 51.68 6.57
C SER C 174 -2.68 52.00 7.81
N LEU C 175 -2.78 53.24 8.34
CA LEU C 175 -1.96 53.72 9.47
C LEU C 175 -2.77 54.22 10.68
N SER C 176 -2.13 54.22 11.88
CA SER C 176 -2.67 54.69 13.16
C SER C 176 -1.58 55.31 14.04
N SER C 177 -1.92 56.33 14.85
CA SER C 177 -0.96 57.00 15.73
C SER C 177 -1.51 57.24 17.14
N THR C 178 -1.00 56.45 18.12
CA THR C 178 -1.39 56.53 19.55
C THR C 178 -0.69 57.72 20.22
N LEU C 179 -1.46 58.57 20.93
CA LEU C 179 -0.90 59.73 21.63
C LEU C 179 -1.15 59.60 23.15
N THR C 180 -0.11 59.10 23.87
CA THR C 180 -0.14 58.85 25.31
C THR C 180 0.05 60.14 26.12
N LEU C 181 -0.95 60.49 26.95
CA LEU C 181 -0.96 61.67 27.82
C LEU C 181 -1.55 61.29 29.18
N SER C 182 -0.94 61.75 30.29
CA SER C 182 -1.42 61.45 31.64
C SER C 182 -2.71 62.23 32.00
N LYS C 183 -3.35 61.88 33.15
CA LYS C 183 -4.58 62.49 33.64
C LYS C 183 -4.46 64.00 33.94
N ALA C 184 -3.38 64.42 34.64
CA ALA C 184 -3.12 65.83 34.98
C ALA C 184 -2.71 66.63 33.74
N ASP C 185 -2.12 65.96 32.72
CA ASP C 185 -1.68 66.55 31.47
C ASP C 185 -2.78 66.67 30.40
N TYR C 186 -3.76 65.73 30.38
CA TYR C 186 -4.88 65.76 29.43
C TYR C 186 -5.90 66.85 29.78
N GLU C 187 -6.21 67.03 31.09
CA GLU C 187 -7.16 68.01 31.63
C GLU C 187 -6.74 69.46 31.38
N LYS C 188 -5.44 69.68 31.07
CA LYS C 188 -4.83 70.98 30.78
C LYS C 188 -5.36 71.57 29.47
N HIS C 189 -5.11 70.87 28.35
CA HIS C 189 -5.43 71.27 26.98
C HIS C 189 -6.91 71.17 26.58
N LYS C 190 -7.28 71.80 25.43
CA LYS C 190 -8.64 71.83 24.90
C LYS C 190 -8.75 71.34 23.43
N VAL C 191 -8.17 72.08 22.46
CA VAL C 191 -8.27 71.74 21.04
C VAL C 191 -7.25 70.67 20.60
N TYR C 192 -7.66 69.40 20.64
CA TYR C 192 -6.86 68.24 20.24
C TYR C 192 -7.13 67.95 18.76
N ALA C 193 -6.10 68.03 17.90
CA ALA C 193 -6.23 67.82 16.46
C ALA C 193 -5.14 66.96 15.83
N CYS C 194 -5.40 66.48 14.59
CA CYS C 194 -4.47 65.65 13.83
C CYS C 194 -4.47 66.05 12.35
N GLU C 195 -3.29 66.46 11.85
CA GLU C 195 -3.08 66.89 10.46
C GLU C 195 -2.41 65.80 9.62
N VAL C 196 -3.02 65.47 8.47
CA VAL C 196 -2.55 64.43 7.55
C VAL C 196 -2.11 65.05 6.21
N THR C 197 -0.79 65.03 5.95
CA THR C 197 -0.19 65.52 4.71
C THR C 197 0.15 64.27 3.89
N HIS C 198 -0.52 64.09 2.73
CA HIS C 198 -0.33 62.92 1.86
C HIS C 198 -0.22 63.28 0.38
N GLN C 199 0.53 62.46 -0.38
CA GLN C 199 0.76 62.57 -1.82
C GLN C 199 -0.57 62.48 -2.61
N GLY C 200 -1.50 61.67 -2.10
CA GLY C 200 -2.83 61.47 -2.67
C GLY C 200 -3.81 62.57 -2.32
N LEU C 201 -3.53 63.35 -1.26
CA LEU C 201 -4.37 64.46 -0.83
C LEU C 201 -3.93 65.76 -1.51
N SER C 202 -4.92 66.53 -2.00
CA SER C 202 -4.70 67.81 -2.69
C SER C 202 -4.37 68.95 -1.70
N SER C 203 -4.72 68.76 -0.41
CA SER C 203 -4.51 69.71 0.69
C SER C 203 -4.27 68.93 2.01
N PRO C 204 -3.46 69.45 2.97
CA PRO C 204 -3.26 68.70 4.23
C PRO C 204 -4.50 68.72 5.13
N VAL C 205 -5.28 67.62 5.11
CA VAL C 205 -6.53 67.44 5.86
C VAL C 205 -6.29 67.42 7.38
N THR C 206 -6.97 68.31 8.12
CA THR C 206 -6.86 68.43 9.57
C THR C 206 -8.21 68.14 10.25
N LYS C 207 -8.47 66.85 10.60
CA LYS C 207 -9.70 66.44 11.29
C LYS C 207 -9.55 66.79 12.77
N SER C 208 -10.26 67.87 13.19
CA SER C 208 -10.17 68.43 14.53
C SER C 208 -11.40 68.27 15.43
N PHE C 209 -11.13 68.18 16.75
CA PHE C 209 -12.12 68.07 17.83
C PHE C 209 -11.69 68.89 19.06
N ASN C 210 -12.57 69.00 20.06
CA ASN C 210 -12.33 69.75 21.30
C ASN C 210 -12.55 68.85 22.53
N ARG C 211 -11.79 69.10 23.63
CA ARG C 211 -11.87 68.35 24.89
C ARG C 211 -13.25 68.52 25.54
N GLY C 212 -13.95 67.40 25.72
CA GLY C 212 -15.29 67.35 26.28
C GLY C 212 -16.38 67.43 25.23
N GLU C 213 -16.14 68.26 24.19
CA GLU C 213 -17.04 68.51 23.06
C GLU C 213 -16.98 67.40 22.00
N GLU D 1 -6.88 16.08 4.00
CA GLU D 1 -5.66 16.49 3.30
C GLU D 1 -4.41 16.52 4.22
N VAL D 2 -3.41 17.39 3.93
CA VAL D 2 -2.16 17.48 4.70
C VAL D 2 -2.08 18.77 5.52
N GLN D 3 -1.72 18.65 6.82
CA GLN D 3 -1.58 19.76 7.78
C GLN D 3 -0.57 19.49 8.91
N LEU D 4 -0.26 20.52 9.73
CA LEU D 4 0.63 20.48 10.90
C LEU D 4 0.09 21.47 11.94
N VAL D 5 -0.20 21.01 13.16
CA VAL D 5 -0.72 21.88 14.22
C VAL D 5 0.28 21.96 15.37
N GLU D 6 0.81 23.16 15.64
CA GLU D 6 1.81 23.42 16.68
C GLU D 6 1.22 23.72 18.07
N SER D 7 2.01 23.45 19.14
CA SER D 7 1.66 23.69 20.55
C SER D 7 2.92 23.73 21.44
N GLY D 8 2.78 24.32 22.63
CA GLY D 8 3.85 24.43 23.62
C GLY D 8 4.58 25.76 23.69
N GLY D 9 3.98 26.81 23.14
CA GLY D 9 4.54 28.15 23.13
C GLY D 9 4.10 29.00 24.31
N GLY D 10 5.02 29.82 24.81
CA GLY D 10 4.77 30.71 25.95
C GLY D 10 5.98 31.50 26.40
N LEU D 11 5.98 31.93 27.67
CA LEU D 11 7.04 32.74 28.29
C LEU D 11 7.93 31.89 29.22
N VAL D 12 9.22 32.28 29.35
CA VAL D 12 10.24 31.66 30.20
C VAL D 12 11.35 32.66 30.59
N GLN D 13 12.03 32.41 31.72
CA GLN D 13 13.13 33.24 32.25
C GLN D 13 14.41 33.11 31.38
N PRO D 14 15.41 34.04 31.46
CA PRO D 14 16.63 33.85 30.66
C PRO D 14 17.50 32.71 31.20
N GLY D 15 17.26 31.53 30.66
CA GLY D 15 17.95 30.29 31.03
C GLY D 15 17.02 29.16 31.44
N GLY D 16 15.74 29.30 31.10
CA GLY D 16 14.70 28.33 31.44
C GLY D 16 14.56 27.15 30.50
N SER D 17 13.47 26.36 30.70
CA SER D 17 13.13 25.17 29.92
C SER D 17 11.67 25.20 29.44
N LEU D 18 11.43 24.78 28.18
CA LEU D 18 10.10 24.75 27.55
C LEU D 18 10.04 23.74 26.38
N ARG D 19 9.02 22.84 26.39
CA ARG D 19 8.86 21.82 25.33
C ARG D 19 7.81 22.18 24.28
N LEU D 20 8.21 22.16 23.00
CA LEU D 20 7.36 22.43 21.84
C LEU D 20 6.89 21.13 21.22
N SER D 21 5.68 21.13 20.64
CA SER D 21 5.09 19.93 20.01
C SER D 21 4.26 20.25 18.77
N CYS D 22 4.14 19.26 17.85
CA CYS D 22 3.37 19.38 16.61
C CYS D 22 2.45 18.19 16.37
N ALA D 23 1.30 18.45 15.72
CA ALA D 23 0.29 17.45 15.39
C ALA D 23 0.25 17.18 13.88
N ALA D 24 1.20 16.36 13.41
CA ALA D 24 1.29 15.98 11.99
C ALA D 24 0.13 15.06 11.64
N SER D 25 -0.62 15.41 10.57
CA SER D 25 -1.80 14.67 10.16
C SER D 25 -2.07 14.66 8.66
N GLY D 26 -2.67 13.56 8.19
CA GLY D 26 -3.11 13.38 6.82
C GLY D 26 -2.10 12.96 5.77
N PHE D 27 -1.02 12.28 6.20
CA PHE D 27 0.06 11.78 5.32
C PHE D 27 0.90 10.72 6.08
N THR D 28 1.84 10.07 5.38
CA THR D 28 2.70 9.07 6.02
C THR D 28 3.87 9.79 6.70
N PHE D 29 3.70 10.07 8.02
CA PHE D 29 4.69 10.78 8.84
C PHE D 29 6.04 10.06 8.95
N SER D 30 6.04 8.72 8.78
CA SER D 30 7.26 7.90 8.81
C SER D 30 8.15 8.18 7.59
N SER D 31 7.51 8.47 6.43
CA SER D 31 8.14 8.69 5.13
C SER D 31 8.93 9.98 4.94
N TYR D 32 8.60 11.05 5.69
CA TYR D 32 9.24 12.35 5.51
C TYR D 32 10.22 12.79 6.61
N ASP D 33 11.26 13.56 6.22
CA ASP D 33 12.25 14.17 7.11
C ASP D 33 11.58 15.39 7.71
N MET D 34 11.83 15.70 8.99
CA MET D 34 11.18 16.84 9.63
C MET D 34 12.10 17.96 10.04
N HIS D 35 11.57 19.20 10.07
CA HIS D 35 12.28 20.43 10.43
C HIS D 35 11.44 21.33 11.32
N TRP D 36 12.13 22.21 12.05
CA TRP D 36 11.56 23.27 12.89
C TRP D 36 12.28 24.54 12.44
N VAL D 37 11.53 25.57 12.01
CA VAL D 37 12.10 26.84 11.53
C VAL D 37 11.48 28.01 12.28
N ARG D 38 12.31 28.79 12.99
CA ARG D 38 11.84 29.96 13.74
C ARG D 38 11.93 31.26 12.93
N GLN D 39 11.10 32.24 13.28
CA GLN D 39 11.06 33.55 12.63
C GLN D 39 10.67 34.64 13.62
N ALA D 40 11.49 35.70 13.71
CA ALA D 40 11.25 36.85 14.60
C ALA D 40 10.09 37.71 14.06
N THR D 41 9.54 38.61 14.90
CA THR D 41 8.44 39.51 14.53
C THR D 41 8.81 40.42 13.36
N GLY D 42 8.49 39.95 12.15
CA GLY D 42 8.76 40.63 10.88
C GLY D 42 10.20 40.59 10.40
N LYS D 43 10.88 39.43 10.55
CA LYS D 43 12.28 39.22 10.13
C LYS D 43 12.48 37.93 9.28
N GLY D 44 13.74 37.60 8.97
CA GLY D 44 14.11 36.43 8.17
C GLY D 44 13.85 35.09 8.85
N LEU D 45 13.66 34.03 8.04
CA LEU D 45 13.40 32.66 8.52
C LEU D 45 14.68 31.96 8.91
N GLU D 46 14.81 31.62 10.21
CA GLU D 46 15.99 30.92 10.72
C GLU D 46 15.65 29.46 11.02
N TRP D 47 16.40 28.52 10.42
CA TRP D 47 16.22 27.08 10.61
C TRP D 47 16.86 26.67 11.94
N VAL D 48 16.07 26.04 12.82
CA VAL D 48 16.54 25.63 14.15
C VAL D 48 16.98 24.18 14.30
N SER D 49 16.15 23.21 13.83
CA SER D 49 16.50 21.79 13.97
C SER D 49 15.93 20.92 12.87
N ALA D 50 16.56 19.74 12.64
CA ALA D 50 16.11 18.79 11.64
C ALA D 50 16.33 17.35 12.07
N ILE D 51 15.31 16.51 11.83
CA ILE D 51 15.35 15.09 12.14
C ILE D 51 15.12 14.27 10.88
N GLY D 52 15.91 13.22 10.71
CA GLY D 52 15.81 12.31 9.57
C GLY D 52 14.78 11.23 9.81
N THR D 53 14.63 10.31 8.84
CA THR D 53 13.69 9.19 8.91
C THR D 53 14.11 8.17 9.99
N ALA D 54 15.43 7.91 10.11
CA ALA D 54 15.98 7.01 11.11
C ALA D 54 16.11 7.71 12.48
N GLY D 55 16.10 9.04 12.46
CA GLY D 55 16.16 9.85 13.66
C GLY D 55 17.47 10.57 13.92
N ASP D 56 18.15 11.03 12.85
CA ASP D 56 19.41 11.74 12.95
C ASP D 56 19.20 13.23 13.19
N THR D 57 19.68 13.73 14.33
CA THR D 57 19.55 15.12 14.76
C THR D 57 20.51 16.08 14.06
N TYR D 58 20.01 17.26 13.63
CA TYR D 58 20.80 18.30 12.94
C TYR D 58 20.38 19.71 13.38
N TYR D 59 21.24 20.41 14.17
CA TYR D 59 21.01 21.78 14.63
C TYR D 59 22.16 22.70 14.20
N PRO D 60 21.92 24.00 13.92
CA PRO D 60 23.05 24.87 13.59
C PRO D 60 23.86 25.24 14.83
N ASP D 61 25.03 25.91 14.66
CA ASP D 61 25.89 26.33 15.77
C ASP D 61 25.25 27.46 16.59
N SER D 62 24.18 28.08 16.02
CA SER D 62 23.40 29.16 16.61
C SER D 62 22.27 28.63 17.53
N VAL D 63 22.19 27.30 17.70
CA VAL D 63 21.14 26.63 18.47
C VAL D 63 21.68 25.42 19.30
N LYS D 64 22.70 24.73 18.76
CA LYS D 64 23.39 23.53 19.30
C LYS D 64 23.47 23.41 20.83
N GLY D 65 23.16 22.20 21.33
CA GLY D 65 23.22 21.85 22.74
C GLY D 65 21.94 22.14 23.51
N ARG D 66 21.57 23.42 23.61
CA ARG D 66 20.38 23.92 24.32
C ARG D 66 19.04 23.55 23.68
N PHE D 67 19.08 22.86 22.52
CA PHE D 67 17.92 22.41 21.74
C PHE D 67 18.05 20.94 21.34
N THR D 68 16.92 20.21 21.30
CA THR D 68 16.86 18.80 20.92
C THR D 68 15.56 18.45 20.17
N ILE D 69 15.70 18.05 18.88
CA ILE D 69 14.60 17.61 18.02
C ILE D 69 14.34 16.10 18.23
N SER D 70 13.06 15.70 18.27
CA SER D 70 12.66 14.30 18.45
C SER D 70 11.32 14.02 17.79
N ARG D 71 11.17 12.81 17.24
CA ARG D 71 9.93 12.36 16.58
C ARG D 71 9.43 11.05 17.17
N GLU D 72 8.12 10.86 17.12
CA GLU D 72 7.44 9.65 17.59
C GLU D 72 6.35 9.32 16.57
N ASN D 73 6.73 8.49 15.58
CA ASN D 73 5.88 8.07 14.47
C ASN D 73 4.54 7.47 14.86
N ALA D 74 4.52 6.56 15.88
CA ALA D 74 3.30 5.92 16.39
C ALA D 74 2.34 6.95 16.99
N LYS D 75 2.91 8.04 17.53
CA LYS D 75 2.19 9.18 18.11
C LYS D 75 1.88 10.20 16.99
N ASN D 76 2.57 10.07 15.83
CA ASN D 76 2.47 10.92 14.63
C ASN D 76 2.80 12.39 14.96
N SER D 77 3.65 12.58 15.98
CA SER D 77 4.03 13.89 16.49
C SER D 77 5.54 14.22 16.39
N LEU D 78 5.86 15.54 16.39
CA LEU D 78 7.21 16.09 16.32
C LEU D 78 7.43 17.01 17.52
N TYR D 79 8.59 16.89 18.18
CA TYR D 79 8.91 17.65 19.40
C TYR D 79 10.21 18.45 19.33
N LEU D 80 10.38 19.39 20.28
CA LEU D 80 11.56 20.25 20.40
C LEU D 80 11.77 20.72 21.85
N GLN D 81 12.73 20.10 22.56
CA GLN D 81 13.04 20.44 23.94
C GLN D 81 14.04 21.59 23.98
N MET D 82 13.60 22.73 24.53
CA MET D 82 14.40 23.95 24.62
C MET D 82 14.81 24.20 26.07
N ASN D 83 16.12 24.15 26.33
CA ASN D 83 16.71 24.40 27.65
C ASN D 83 17.63 25.63 27.57
N SER D 84 17.98 26.26 28.73
CA SER D 84 18.86 27.43 28.84
C SER D 84 18.55 28.52 27.78
N LEU D 85 17.28 28.96 27.73
CA LEU D 85 16.78 29.93 26.76
C LEU D 85 17.27 31.38 26.94
N ARG D 86 17.38 32.14 25.82
CA ARG D 86 17.84 33.54 25.84
C ARG D 86 17.13 34.50 24.85
N ALA D 87 17.54 35.79 24.85
CA ALA D 87 17.00 36.89 24.04
C ALA D 87 17.05 36.67 22.52
N GLY D 88 18.08 35.98 22.03
CA GLY D 88 18.25 35.68 20.62
C GLY D 88 17.50 34.46 20.14
N ASP D 89 16.43 34.07 20.85
CA ASP D 89 15.56 32.92 20.56
C ASP D 89 14.07 33.29 20.62
N THR D 90 13.78 34.52 21.12
CA THR D 90 12.45 35.11 21.25
C THR D 90 11.86 35.30 19.84
N ALA D 91 11.15 34.26 19.35
CA ALA D 91 10.56 34.20 18.01
C ALA D 91 9.42 33.18 17.92
N VAL D 92 8.74 33.12 16.75
CA VAL D 92 7.64 32.21 16.45
C VAL D 92 8.23 30.95 15.79
N TYR D 93 8.05 29.77 16.43
CA TYR D 93 8.57 28.48 15.95
C TYR D 93 7.57 27.73 15.06
N TYR D 94 7.96 27.50 13.79
CA TYR D 94 7.13 26.83 12.77
C TYR D 94 7.58 25.40 12.50
N CYS D 95 6.62 24.47 12.44
CA CYS D 95 6.89 23.07 12.13
C CYS D 95 6.92 22.89 10.62
N VAL D 96 8.00 22.26 10.08
CA VAL D 96 8.19 22.07 8.64
C VAL D 96 8.32 20.62 8.21
N ARG D 97 7.77 20.30 7.03
CA ARG D 97 7.83 19.00 6.39
C ARG D 97 8.67 19.10 5.12
N GLU D 98 9.71 18.26 4.99
CA GLU D 98 10.56 18.23 3.80
C GLU D 98 10.01 17.15 2.86
N GLY D 99 9.71 17.54 1.62
CA GLY D 99 9.13 16.68 0.60
C GLY D 99 10.11 16.18 -0.45
N THR D 100 9.85 14.96 -0.98
CA THR D 100 10.66 14.32 -2.01
C THR D 100 9.93 14.36 -3.36
N TYR D 101 10.70 14.58 -4.44
CA TYR D 101 10.16 14.63 -5.81
C TYR D 101 11.09 13.83 -6.72
N TYR D 102 10.58 12.74 -7.35
CA TYR D 102 11.41 11.93 -8.26
C TYR D 102 11.45 12.48 -9.68
N HIS D 103 12.66 12.75 -10.17
CA HIS D 103 12.90 13.31 -11.48
C HIS D 103 13.16 12.24 -12.55
N ASP D 104 12.17 12.04 -13.45
CA ASP D 104 12.23 11.09 -14.57
C ASP D 104 12.51 11.84 -15.89
N SER D 105 13.56 12.70 -15.87
CA SER D 105 13.96 13.51 -17.03
C SER D 105 14.62 12.66 -18.12
N GLY D 106 15.53 11.78 -17.70
CA GLY D 106 16.28 10.87 -18.55
C GLY D 106 17.12 9.89 -17.74
N SER D 107 18.42 10.17 -17.44
CA SER D 107 19.27 11.34 -17.79
C SER D 107 18.76 12.77 -17.42
N ASP D 108 18.79 13.15 -16.12
CA ASP D 108 19.25 12.34 -14.99
C ASP D 108 18.09 11.99 -14.05
N ASN D 109 18.08 10.72 -13.56
CA ASN D 109 17.07 10.19 -12.63
C ASN D 109 17.56 10.28 -11.17
N TYR D 110 17.03 11.29 -10.45
CA TYR D 110 17.37 11.57 -9.06
C TYR D 110 16.18 12.14 -8.26
N TYR D 111 16.38 12.35 -6.96
CA TYR D 111 15.36 12.91 -6.06
C TYR D 111 15.70 14.34 -5.69
N SER D 112 14.66 15.18 -5.54
CA SER D 112 14.80 16.58 -5.15
C SER D 112 13.97 16.91 -3.92
N TYR D 113 14.30 18.02 -3.25
CA TYR D 113 13.64 18.42 -2.02
C TYR D 113 13.08 19.84 -2.00
N GLY D 114 12.13 20.03 -1.11
CA GLY D 114 11.42 21.28 -0.87
C GLY D 114 10.62 21.20 0.42
N MET D 115 10.68 22.27 1.21
CA MET D 115 9.93 22.38 2.46
C MET D 115 8.48 22.78 2.11
N ASP D 116 7.73 21.83 1.51
CA ASP D 116 6.36 22.03 1.06
C ASP D 116 5.37 22.40 2.15
N VAL D 117 5.12 21.47 3.09
CA VAL D 117 4.13 21.63 4.17
C VAL D 117 4.65 22.33 5.43
N TRP D 118 4.06 23.50 5.70
CA TRP D 118 4.34 24.35 6.86
C TRP D 118 3.09 24.34 7.74
N GLY D 119 3.30 24.50 9.04
CA GLY D 119 2.21 24.56 10.02
C GLY D 119 1.61 25.95 10.14
N GLN D 120 1.47 26.43 11.39
CA GLN D 120 0.93 27.75 11.69
C GLN D 120 1.82 28.51 12.66
N GLY D 121 2.57 27.77 13.47
CA GLY D 121 3.52 28.30 14.43
C GLY D 121 2.94 28.68 15.78
N THR D 122 3.73 28.46 16.84
CA THR D 122 3.38 28.80 18.22
C THR D 122 4.45 29.76 18.78
N THR D 123 4.01 30.98 19.15
CA THR D 123 4.87 32.05 19.65
C THR D 123 5.55 31.76 20.99
N VAL D 124 6.89 31.82 21.01
CA VAL D 124 7.72 31.60 22.20
C VAL D 124 8.48 32.91 22.53
N THR D 125 8.15 33.49 23.69
CA THR D 125 8.75 34.74 24.16
C THR D 125 9.72 34.47 25.30
N VAL D 126 11.00 34.85 25.14
CA VAL D 126 12.01 34.62 26.19
C VAL D 126 12.49 35.96 26.80
N SER D 127 12.00 36.27 28.02
CA SER D 127 12.35 37.48 28.78
C SER D 127 12.19 37.30 30.29
N SER D 128 12.95 38.11 31.07
CA SER D 128 12.95 38.12 32.53
C SER D 128 11.71 38.82 33.11
N ALA D 129 11.02 39.63 32.29
CA ALA D 129 9.83 40.38 32.67
C ALA D 129 8.61 39.48 32.89
N SER D 130 7.76 39.88 33.86
CA SER D 130 6.53 39.17 34.24
C SER D 130 5.43 39.25 33.15
N THR D 131 4.33 38.49 33.34
CA THR D 131 3.19 38.44 32.42
C THR D 131 2.09 39.43 32.85
N LYS D 132 1.47 40.10 31.86
CA LYS D 132 0.39 41.07 32.06
C LYS D 132 -0.75 40.86 31.04
N GLY D 133 -1.97 41.15 31.47
CA GLY D 133 -3.19 41.03 30.66
C GLY D 133 -3.46 42.26 29.80
N PRO D 134 -4.35 42.16 28.79
CA PRO D 134 -4.60 43.32 27.91
C PRO D 134 -5.72 44.26 28.40
N SER D 135 -5.35 45.51 28.73
CA SER D 135 -6.30 46.53 29.16
C SER D 135 -7.04 47.05 27.93
N VAL D 136 -8.29 46.57 27.75
CA VAL D 136 -9.14 46.92 26.60
C VAL D 136 -9.94 48.19 26.85
N PHE D 137 -9.67 49.24 26.05
CA PHE D 137 -10.31 50.55 26.11
C PHE D 137 -11.05 50.82 24.79
N PRO D 138 -12.36 51.18 24.81
CA PRO D 138 -13.07 51.38 23.54
C PRO D 138 -12.93 52.77 22.91
N LEU D 139 -12.51 52.80 21.63
CA LEU D 139 -12.38 54.04 20.88
C LEU D 139 -13.72 54.30 20.18
N ALA D 140 -14.63 54.99 20.89
CA ALA D 140 -15.99 55.32 20.44
C ALA D 140 -16.02 56.21 19.20
N PRO D 141 -16.91 55.94 18.21
CA PRO D 141 -16.96 56.80 17.01
C PRO D 141 -17.48 58.20 17.29
N SER D 142 -16.86 59.21 16.67
CA SER D 142 -17.19 60.64 16.83
C SER D 142 -18.64 60.98 16.41
N SER D 143 -19.23 62.02 17.03
CA SER D 143 -20.59 62.50 16.75
C SER D 143 -20.66 63.41 15.50
N LYS D 144 -19.54 63.53 14.75
CA LYS D 144 -19.43 64.31 13.51
C LYS D 144 -19.69 63.43 12.27
N SER D 145 -20.25 62.21 12.49
CA SER D 145 -20.59 61.21 11.46
C SER D 145 -21.75 61.67 10.60
N THR D 146 -21.56 61.64 9.27
CA THR D 146 -22.55 62.05 8.28
C THR D 146 -23.13 60.80 7.57
N SER D 147 -24.46 60.63 7.63
CA SER D 147 -25.18 59.50 7.01
C SER D 147 -25.23 59.66 5.48
N GLY D 148 -24.11 59.35 4.84
CA GLY D 148 -23.91 59.43 3.39
C GLY D 148 -22.54 58.95 2.94
N GLY D 149 -21.69 58.61 3.91
CA GLY D 149 -20.34 58.11 3.68
C GLY D 149 -20.10 56.81 4.42
N THR D 150 -19.00 56.74 5.19
CA THR D 150 -18.59 55.57 5.99
C THR D 150 -18.04 56.03 7.34
N ALA D 151 -18.47 55.38 8.44
CA ALA D 151 -18.03 55.70 9.80
C ALA D 151 -17.12 54.60 10.36
N ALA D 152 -16.05 55.01 11.05
CA ALA D 152 -15.08 54.08 11.64
C ALA D 152 -15.19 54.02 13.17
N LEU D 153 -14.96 52.82 13.72
CA LEU D 153 -14.98 52.52 15.17
C LEU D 153 -14.00 51.40 15.50
N GLY D 154 -13.25 51.57 16.59
CA GLY D 154 -12.26 50.59 17.01
C GLY D 154 -12.11 50.38 18.49
N CYS D 155 -11.18 49.47 18.87
CA CYS D 155 -10.87 49.14 20.26
C CYS D 155 -9.37 49.08 20.51
N LEU D 156 -8.93 49.66 21.64
CA LEU D 156 -7.52 49.73 22.06
C LEU D 156 -7.14 48.57 22.97
N VAL D 157 -5.96 47.99 22.72
CA VAL D 157 -5.36 46.89 23.49
C VAL D 157 -4.01 47.45 24.02
N LYS D 158 -4.08 48.27 25.09
CA LYS D 158 -2.92 48.95 25.70
C LYS D 158 -2.37 48.22 26.93
N ASP D 159 -1.04 48.26 27.11
CA ASP D 159 -0.27 47.67 28.23
C ASP D 159 -0.49 46.16 28.44
N TYR D 160 0.21 45.33 27.63
CA TYR D 160 0.15 43.86 27.71
C TYR D 160 1.46 43.20 27.29
N PHE D 161 1.88 42.18 28.04
CA PHE D 161 3.10 41.41 27.77
C PHE D 161 2.92 39.95 28.19
N PRO D 162 3.28 38.97 27.33
CA PRO D 162 3.85 39.12 25.98
C PRO D 162 2.83 39.13 24.84
N GLU D 163 3.31 39.38 23.61
CA GLU D 163 2.52 39.39 22.38
C GLU D 163 2.26 37.93 21.94
N PRO D 164 1.24 37.61 21.10
CA PRO D 164 0.26 38.47 20.43
C PRO D 164 -1.12 38.46 21.08
N VAL D 165 -2.13 38.95 20.34
CA VAL D 165 -3.55 38.99 20.71
C VAL D 165 -4.40 38.63 19.50
N THR D 166 -5.35 37.71 19.68
CA THR D 166 -6.25 37.26 18.61
C THR D 166 -7.59 38.01 18.73
N VAL D 167 -7.68 39.18 18.07
CA VAL D 167 -8.87 40.06 18.09
C VAL D 167 -9.83 39.67 16.95
N SER D 168 -11.13 39.55 17.27
CA SER D 168 -12.18 39.19 16.31
C SER D 168 -13.44 40.01 16.58
N TRP D 169 -13.79 40.92 15.64
CA TRP D 169 -14.97 41.78 15.76
C TRP D 169 -16.26 40.99 15.52
N ASN D 170 -17.20 41.08 16.49
CA ASN D 170 -18.50 40.41 16.51
C ASN D 170 -18.44 38.87 16.39
N SER D 171 -17.36 38.27 16.95
CA SER D 171 -17.07 36.84 17.01
C SER D 171 -17.07 36.09 15.65
N GLY D 172 -16.20 36.53 14.74
CA GLY D 172 -16.02 35.93 13.42
C GLY D 172 -16.94 36.41 12.32
N ALA D 173 -18.12 36.96 12.68
CA ALA D 173 -19.12 37.45 11.73
C ALA D 173 -18.64 38.70 11.00
N LEU D 174 -18.27 39.76 11.75
CA LEU D 174 -17.77 41.01 11.16
C LEU D 174 -16.31 40.83 10.74
N THR D 175 -16.05 40.91 9.42
CA THR D 175 -14.72 40.70 8.83
C THR D 175 -14.29 41.78 7.82
N SER D 176 -15.22 42.28 6.97
CA SER D 176 -14.92 43.28 5.95
C SER D 176 -14.84 44.70 6.54
N GLY D 177 -13.77 45.41 6.20
CA GLY D 177 -13.52 46.75 6.70
C GLY D 177 -12.60 46.75 7.92
N VAL D 178 -12.39 45.55 8.50
CA VAL D 178 -11.53 45.34 9.67
C VAL D 178 -10.06 45.44 9.25
N HIS D 179 -9.29 46.31 9.94
CA HIS D 179 -7.87 46.52 9.70
C HIS D 179 -7.11 46.64 11.02
N THR D 180 -6.44 45.56 11.44
CA THR D 180 -5.68 45.48 12.70
C THR D 180 -4.23 45.91 12.48
N PHE D 181 -3.72 46.77 13.39
CA PHE D 181 -2.36 47.31 13.34
C PHE D 181 -1.42 46.49 14.26
N PRO D 182 -0.18 46.17 13.82
CA PRO D 182 0.74 45.43 14.70
C PRO D 182 1.15 46.21 15.95
N ALA D 183 1.32 45.49 17.08
CA ALA D 183 1.68 46.04 18.39
C ALA D 183 3.00 46.79 18.41
N VAL D 184 3.02 47.94 19.12
CA VAL D 184 4.20 48.78 19.28
C VAL D 184 4.61 48.76 20.76
N LEU D 185 5.87 48.40 21.03
CA LEU D 185 6.42 48.33 22.39
C LEU D 185 6.60 49.72 23.01
N GLN D 186 6.08 49.90 24.23
CA GLN D 186 6.16 51.14 25.00
C GLN D 186 7.48 51.18 25.79
N SER D 187 7.72 52.29 26.53
CA SER D 187 8.92 52.47 27.36
C SER D 187 8.92 51.49 28.54
N SER D 188 7.72 51.13 29.03
CA SER D 188 7.48 50.20 30.14
C SER D 188 7.80 48.73 29.82
N GLY D 189 7.91 48.43 28.53
CA GLY D 189 8.18 47.07 28.03
C GLY D 189 6.89 46.28 27.84
N LEU D 190 5.78 47.00 27.57
CA LEU D 190 4.44 46.46 27.35
C LEU D 190 3.92 46.90 25.98
N TYR D 191 3.35 45.95 25.22
CA TYR D 191 2.83 46.18 23.87
C TYR D 191 1.56 47.05 23.84
N SER D 192 1.36 47.80 22.73
CA SER D 192 0.22 48.67 22.48
C SER D 192 -0.34 48.36 21.08
N LEU D 193 -1.47 47.61 21.03
CA LEU D 193 -2.13 47.19 19.80
C LEU D 193 -3.52 47.85 19.63
N SER D 194 -3.98 48.02 18.38
CA SER D 194 -5.28 48.60 18.04
C SER D 194 -5.89 47.93 16.81
N SER D 195 -7.23 47.82 16.79
CA SER D 195 -8.00 47.21 15.71
C SER D 195 -9.22 48.07 15.41
N VAL D 196 -9.45 48.38 14.11
CA VAL D 196 -10.57 49.22 13.65
C VAL D 196 -11.39 48.54 12.53
N VAL D 197 -12.59 49.09 12.22
CA VAL D 197 -13.51 48.59 11.18
C VAL D 197 -14.32 49.73 10.50
N THR D 198 -14.40 49.69 9.15
CA THR D 198 -15.15 50.68 8.35
C THR D 198 -16.51 50.15 7.90
N VAL D 199 -17.60 50.80 8.38
CA VAL D 199 -19.00 50.45 8.11
C VAL D 199 -19.85 51.73 7.86
N PRO D 200 -21.04 51.67 7.19
CA PRO D 200 -21.83 52.90 6.98
C PRO D 200 -22.24 53.64 8.26
N SER D 201 -22.39 54.99 8.18
CA SER D 201 -22.76 55.87 9.29
C SER D 201 -24.20 55.67 9.78
N SER D 202 -25.10 55.17 8.91
CA SER D 202 -26.51 54.91 9.22
C SER D 202 -26.72 53.61 10.03
N SER D 203 -25.67 52.78 10.16
CA SER D 203 -25.70 51.50 10.89
C SER D 203 -25.09 51.56 12.31
N LEU D 204 -24.61 52.75 12.75
CA LEU D 204 -23.99 52.98 14.06
C LEU D 204 -24.94 52.73 15.23
N GLY D 205 -26.08 53.42 15.23
CA GLY D 205 -27.10 53.32 16.28
C GLY D 205 -28.11 52.22 16.09
N THR D 206 -27.72 51.14 15.38
CA THR D 206 -28.57 49.97 15.12
C THR D 206 -27.82 48.67 15.45
N GLN D 207 -26.79 48.33 14.66
CA GLN D 207 -25.99 47.12 14.83
C GLN D 207 -25.06 47.27 16.04
N THR D 208 -24.90 46.18 16.82
CA THR D 208 -24.07 46.14 18.02
C THR D 208 -22.63 45.80 17.64
N TYR D 209 -21.67 46.63 18.08
CA TYR D 209 -20.25 46.46 17.79
C TYR D 209 -19.46 46.07 19.04
N ILE D 210 -19.04 44.79 19.11
CA ILE D 210 -18.26 44.24 20.24
C ILE D 210 -17.01 43.55 19.70
N CYS D 211 -15.85 43.80 20.34
CA CYS D 211 -14.57 43.18 19.99
C CYS D 211 -14.30 41.98 20.90
N ASN D 212 -13.47 41.03 20.43
CA ASN D 212 -13.11 39.85 21.21
C ASN D 212 -11.59 39.71 21.32
N VAL D 213 -11.01 40.43 22.31
CA VAL D 213 -9.57 40.46 22.61
C VAL D 213 -9.21 39.21 23.43
N ASN D 214 -8.28 38.39 22.92
CA ASN D 214 -7.84 37.15 23.59
C ASN D 214 -6.34 37.15 23.85
N HIS D 215 -5.96 36.82 25.10
CA HIS D 215 -4.58 36.74 25.55
C HIS D 215 -4.40 35.38 26.26
N LYS D 216 -3.56 34.50 25.68
CA LYS D 216 -3.30 33.17 26.21
C LYS D 216 -2.25 33.08 27.35
N PRO D 217 -1.09 33.82 27.31
CA PRO D 217 -0.11 33.70 28.42
C PRO D 217 -0.60 34.17 29.78
N SER D 218 -1.45 35.22 29.82
CA SER D 218 -2.03 35.75 31.06
C SER D 218 -3.42 35.14 31.33
N ASN D 219 -3.97 34.41 30.33
CA ASN D 219 -5.30 33.76 30.31
C ASN D 219 -6.47 34.75 30.46
N THR D 220 -6.32 35.95 29.85
CA THR D 220 -7.32 37.02 29.88
C THR D 220 -8.06 37.13 28.54
N LYS D 221 -9.38 37.34 28.62
CA LYS D 221 -10.28 37.53 27.47
C LYS D 221 -11.35 38.56 27.83
N VAL D 222 -11.16 39.81 27.36
CA VAL D 222 -12.05 40.94 27.63
C VAL D 222 -12.85 41.30 26.36
N ASP D 223 -14.19 41.37 26.50
CA ASP D 223 -15.11 41.73 25.42
C ASP D 223 -15.70 43.12 25.69
N LYS D 224 -15.19 44.14 24.96
CA LYS D 224 -15.60 45.54 25.11
C LYS D 224 -16.51 46.00 23.96
N ARG D 225 -17.62 46.66 24.31
CA ARG D 225 -18.59 47.19 23.36
C ARG D 225 -18.22 48.63 22.96
N VAL D 226 -18.32 48.93 21.66
CA VAL D 226 -18.01 50.26 21.10
C VAL D 226 -19.32 50.93 20.64
N GLU D 227 -19.86 51.80 21.51
CA GLU D 227 -21.12 52.53 21.27
C GLU D 227 -20.88 53.98 20.82
N PRO D 228 -21.78 54.58 19.99
CA PRO D 228 -21.55 55.96 19.52
C PRO D 228 -21.64 57.01 20.62
N SER D 229 -20.67 57.95 20.63
CA SER D 229 -20.58 59.04 21.59
C SER D 229 -20.09 60.33 20.91
N GLU E 1 1.22 -32.10 -15.21
CA GLU E 1 0.51 -30.82 -15.39
C GLU E 1 -0.72 -30.72 -14.51
N VAL E 2 -1.00 -29.50 -14.04
CA VAL E 2 -2.18 -29.20 -13.23
C VAL E 2 -3.42 -29.55 -14.07
N GLN E 3 -4.38 -30.27 -13.48
CA GLN E 3 -5.60 -30.67 -14.19
C GLN E 3 -6.79 -30.87 -13.26
N LEU E 4 -8.00 -30.61 -13.79
CA LEU E 4 -9.28 -30.82 -13.13
C LEU E 4 -10.21 -31.36 -14.18
N VAL E 5 -10.75 -32.57 -13.95
CA VAL E 5 -11.70 -33.20 -14.86
C VAL E 5 -13.04 -33.48 -14.18
N GLU E 6 -14.01 -32.57 -14.42
CA GLU E 6 -15.35 -32.73 -13.88
C GLU E 6 -16.09 -33.70 -14.76
N SER E 7 -16.88 -34.57 -14.14
CA SER E 7 -17.61 -35.67 -14.78
C SER E 7 -18.90 -35.93 -14.05
N GLY E 8 -19.82 -36.62 -14.70
CA GLY E 8 -21.08 -37.00 -14.07
C GLY E 8 -22.32 -36.22 -14.45
N GLY E 9 -22.25 -35.44 -15.51
CA GLY E 9 -23.41 -34.68 -15.98
C GLY E 9 -24.40 -35.55 -16.73
N GLY E 10 -25.50 -34.93 -17.18
CA GLY E 10 -26.55 -35.61 -17.93
C GLY E 10 -27.93 -34.97 -17.91
N LEU E 11 -28.90 -35.66 -18.50
CA LEU E 11 -30.27 -35.17 -18.59
C LEU E 11 -31.04 -35.75 -17.42
N VAL E 12 -31.65 -34.87 -16.63
CA VAL E 12 -32.36 -35.23 -15.41
C VAL E 12 -33.74 -34.58 -15.36
N LYS E 13 -34.73 -35.30 -14.78
CA LYS E 13 -36.11 -34.82 -14.68
C LYS E 13 -36.26 -33.91 -13.44
N PRO E 14 -37.15 -32.88 -13.43
CA PRO E 14 -37.27 -32.04 -12.23
C PRO E 14 -37.58 -32.92 -11.01
N GLY E 15 -36.91 -32.63 -9.90
CA GLY E 15 -37.03 -33.39 -8.67
C GLY E 15 -35.90 -34.36 -8.50
N GLY E 16 -35.46 -34.94 -9.62
CA GLY E 16 -34.37 -35.90 -9.69
C GLY E 16 -33.01 -35.38 -9.23
N SER E 17 -32.12 -36.32 -8.92
CA SER E 17 -30.78 -36.05 -8.42
C SER E 17 -29.65 -36.47 -9.35
N LEU E 18 -28.51 -35.80 -9.20
CA LEU E 18 -27.28 -36.03 -9.92
C LEU E 18 -26.08 -35.83 -8.99
N ARG E 19 -24.96 -36.52 -9.27
CA ARG E 19 -23.75 -36.40 -8.48
C ARG E 19 -22.54 -36.18 -9.39
N LEU E 20 -22.03 -34.94 -9.38
CA LEU E 20 -20.86 -34.55 -10.17
C LEU E 20 -19.59 -34.83 -9.39
N SER E 21 -18.46 -34.99 -10.11
CA SER E 21 -17.16 -35.27 -9.51
C SER E 21 -16.11 -34.52 -10.31
N CYS E 22 -15.20 -33.84 -9.63
CA CYS E 22 -14.09 -33.09 -10.21
C CYS E 22 -12.84 -33.90 -9.88
N ALA E 23 -12.03 -34.27 -10.88
CA ALA E 23 -10.85 -35.10 -10.63
C ALA E 23 -9.53 -34.34 -10.77
N ALA E 24 -8.78 -34.21 -9.68
CA ALA E 24 -7.53 -33.44 -9.62
C ALA E 24 -6.17 -34.16 -9.79
N SER E 25 -5.37 -33.74 -10.79
CA SER E 25 -4.03 -34.26 -11.03
C SER E 25 -3.01 -33.12 -11.21
N GLY E 26 -1.74 -33.41 -10.93
CA GLY E 26 -0.62 -32.49 -11.09
C GLY E 26 -0.43 -31.41 -10.05
N PHE E 27 -1.04 -31.57 -8.85
CA PHE E 27 -0.92 -30.61 -7.75
C PHE E 27 -1.34 -31.14 -6.35
N THR E 28 -0.83 -30.48 -5.27
CA THR E 28 -1.13 -30.87 -3.88
C THR E 28 -2.53 -30.44 -3.47
N PHE E 29 -3.52 -31.18 -4.02
CA PHE E 29 -4.98 -31.07 -3.84
C PHE E 29 -5.38 -30.83 -2.39
N SER E 30 -4.72 -31.53 -1.47
CA SER E 30 -4.94 -31.47 -0.04
C SER E 30 -4.63 -30.08 0.56
N SER E 31 -3.89 -29.21 -0.17
CA SER E 31 -3.54 -27.86 0.29
C SER E 31 -4.44 -26.76 -0.32
N TYR E 32 -5.22 -27.14 -1.34
CA TYR E 32 -6.16 -26.30 -2.08
C TYR E 32 -7.62 -26.46 -1.68
N SER E 33 -8.35 -25.34 -1.66
CA SER E 33 -9.78 -25.31 -1.42
C SER E 33 -10.32 -25.59 -2.80
N MET E 34 -11.52 -26.17 -2.90
CA MET E 34 -12.13 -26.43 -4.20
C MET E 34 -13.50 -25.73 -4.29
N ASN E 35 -13.86 -25.29 -5.51
CA ASN E 35 -15.18 -24.69 -5.70
C ASN E 35 -15.85 -25.15 -6.97
N TRP E 36 -17.19 -25.03 -7.02
CA TRP E 36 -18.05 -25.38 -8.14
C TRP E 36 -18.68 -24.11 -8.70
N VAL E 37 -18.46 -23.80 -10.00
CA VAL E 37 -19.04 -22.62 -10.64
C VAL E 37 -19.88 -23.06 -11.84
N ARG E 38 -21.18 -22.71 -11.88
CA ARG E 38 -22.07 -23.10 -12.97
C ARG E 38 -22.34 -21.97 -13.94
N GLN E 39 -22.74 -22.30 -15.19
CA GLN E 39 -23.01 -21.31 -16.24
C GLN E 39 -24.11 -21.80 -17.18
N ALA E 40 -25.33 -21.20 -17.08
CA ALA E 40 -26.46 -21.59 -17.94
C ALA E 40 -26.08 -21.26 -19.37
N PRO E 41 -26.46 -22.10 -20.37
CA PRO E 41 -26.05 -21.81 -21.76
C PRO E 41 -26.34 -20.37 -22.16
N GLY E 42 -25.29 -19.67 -22.57
CA GLY E 42 -25.36 -18.28 -22.96
C GLY E 42 -25.09 -17.31 -21.81
N LYS E 43 -25.79 -17.51 -20.69
CA LYS E 43 -25.70 -16.71 -19.46
C LYS E 43 -24.30 -16.74 -18.80
N GLY E 44 -24.12 -15.92 -17.76
CA GLY E 44 -22.85 -15.75 -17.06
C GLY E 44 -22.54 -16.76 -15.99
N LEU E 45 -21.32 -16.66 -15.42
CA LEU E 45 -20.83 -17.56 -14.37
C LEU E 45 -21.49 -17.24 -13.09
N GLU E 46 -21.86 -18.28 -12.32
CA GLU E 46 -22.54 -18.16 -11.03
C GLU E 46 -21.94 -19.14 -10.04
N TRP E 47 -21.36 -18.62 -8.94
CA TRP E 47 -20.76 -19.45 -7.90
C TRP E 47 -21.81 -20.37 -7.29
N VAL E 48 -21.47 -21.66 -7.10
CA VAL E 48 -22.41 -22.63 -6.55
C VAL E 48 -22.07 -22.97 -5.09
N SER E 49 -20.88 -23.54 -4.86
CA SER E 49 -20.40 -23.92 -3.54
C SER E 49 -18.87 -23.95 -3.50
N SER E 50 -18.29 -23.79 -2.28
CA SER E 50 -16.85 -23.80 -2.03
C SER E 50 -16.55 -24.64 -0.80
N ILE E 51 -15.58 -25.57 -0.90
CA ILE E 51 -15.14 -26.44 0.20
C ILE E 51 -13.64 -26.23 0.48
N SER E 52 -13.31 -25.91 1.74
CA SER E 52 -11.96 -25.72 2.25
C SER E 52 -11.13 -27.00 2.05
N SER E 53 -9.78 -26.88 2.06
CA SER E 53 -8.86 -28.00 1.93
C SER E 53 -9.23 -29.14 2.90
N SER E 54 -9.36 -28.83 4.21
CA SER E 54 -9.70 -29.75 5.30
C SER E 54 -11.21 -29.87 5.56
N SER E 55 -12.06 -29.24 4.71
CA SER E 55 -13.53 -29.21 4.79
C SER E 55 -14.11 -28.42 5.98
N SER E 56 -13.28 -27.53 6.59
CA SER E 56 -13.64 -26.64 7.70
C SER E 56 -14.66 -25.60 7.22
N TYR E 57 -14.31 -24.85 6.14
CA TYR E 57 -15.13 -23.83 5.49
C TYR E 57 -16.00 -24.44 4.37
N ILE E 58 -17.32 -24.41 4.53
CA ILE E 58 -18.28 -24.93 3.55
C ILE E 58 -19.43 -23.90 3.39
N SER E 59 -19.43 -23.25 2.21
CA SER E 59 -20.42 -22.23 1.89
C SER E 59 -21.15 -22.56 0.60
N TYR E 60 -22.47 -22.28 0.57
CA TYR E 60 -23.31 -22.52 -0.60
C TYR E 60 -24.01 -21.23 -1.04
N ALA E 61 -24.43 -21.21 -2.30
CA ALA E 61 -25.22 -20.14 -2.86
C ALA E 61 -26.69 -20.31 -2.35
N ASP E 62 -27.41 -19.20 -2.14
CA ASP E 62 -28.81 -19.23 -1.67
C ASP E 62 -29.69 -19.97 -2.64
N SER E 63 -29.39 -19.84 -3.94
CA SER E 63 -30.15 -20.47 -5.01
C SER E 63 -30.16 -22.00 -4.89
N VAL E 64 -29.13 -22.56 -4.24
CA VAL E 64 -28.92 -24.00 -4.09
C VAL E 64 -28.91 -24.49 -2.64
N LYS E 65 -28.95 -23.53 -1.66
CA LYS E 65 -28.94 -23.79 -0.21
C LYS E 65 -30.00 -24.82 0.14
N GLY E 66 -29.57 -25.92 0.74
CA GLY E 66 -30.47 -27.00 1.16
C GLY E 66 -30.69 -28.12 0.17
N ARG E 67 -30.43 -27.88 -1.11
CA ARG E 67 -30.58 -28.89 -2.14
C ARG E 67 -29.20 -29.51 -2.48
N PHE E 68 -28.23 -28.63 -2.75
CA PHE E 68 -26.89 -29.03 -3.13
C PHE E 68 -25.98 -29.31 -1.96
N THR E 69 -25.18 -30.36 -2.06
CA THR E 69 -24.23 -30.73 -1.03
C THR E 69 -22.83 -30.94 -1.57
N ILE E 70 -21.87 -30.16 -1.05
CA ILE E 70 -20.48 -30.28 -1.46
C ILE E 70 -19.81 -31.25 -0.51
N SER E 71 -18.68 -31.86 -0.96
CA SER E 71 -17.81 -32.81 -0.23
C SER E 71 -16.51 -33.02 -1.01
N ARG E 72 -15.51 -33.68 -0.41
CA ARG E 72 -14.24 -33.95 -1.09
C ARG E 72 -13.53 -35.17 -0.53
N ASP E 73 -12.66 -35.80 -1.34
CA ASP E 73 -11.86 -36.94 -0.91
C ASP E 73 -10.39 -36.65 -1.30
N ASN E 74 -9.61 -36.11 -0.32
CA ASN E 74 -8.20 -35.77 -0.58
C ASN E 74 -7.38 -37.00 -0.93
N ALA E 75 -7.78 -38.16 -0.34
CA ALA E 75 -7.19 -39.46 -0.55
C ALA E 75 -7.43 -39.89 -1.97
N LYS E 76 -8.64 -39.62 -2.49
CA LYS E 76 -9.02 -39.94 -3.86
C LYS E 76 -8.90 -38.69 -4.76
N ASN E 77 -8.13 -37.65 -4.32
CA ASN E 77 -7.91 -36.40 -5.09
C ASN E 77 -9.16 -35.93 -5.89
N SER E 78 -10.35 -36.06 -5.27
CA SER E 78 -11.61 -35.73 -5.91
C SER E 78 -12.50 -34.81 -5.07
N LEU E 79 -13.30 -33.99 -5.78
CA LEU E 79 -14.31 -33.09 -5.22
C LEU E 79 -15.68 -33.54 -5.75
N TYR E 80 -16.71 -33.47 -4.91
CA TYR E 80 -18.07 -33.88 -5.29
C TYR E 80 -19.12 -32.81 -5.06
N LEU E 81 -20.19 -32.88 -5.86
CA LEU E 81 -21.36 -32.05 -5.65
C LEU E 81 -22.59 -32.94 -5.77
N GLN E 82 -23.32 -33.12 -4.65
CA GLN E 82 -24.54 -33.90 -4.67
C GLN E 82 -25.65 -32.93 -4.94
N MET E 83 -26.34 -33.11 -6.06
CA MET E 83 -27.41 -32.21 -6.49
C MET E 83 -28.74 -32.85 -6.26
N ASN E 84 -29.46 -32.39 -5.24
CA ASN E 84 -30.76 -32.94 -4.92
C ASN E 84 -31.87 -31.97 -5.25
N SER E 85 -33.08 -32.53 -5.46
CA SER E 85 -34.30 -31.78 -5.77
C SER E 85 -33.98 -30.76 -6.83
N LEU E 86 -33.53 -31.25 -8.02
CA LEU E 86 -33.13 -30.40 -9.16
C LEU E 86 -34.29 -29.67 -9.80
N ARG E 87 -34.03 -28.43 -10.19
CA ARG E 87 -34.96 -27.50 -10.84
C ARG E 87 -34.46 -27.26 -12.27
N ALA E 88 -35.36 -26.86 -13.20
CA ALA E 88 -34.91 -26.58 -14.58
C ALA E 88 -33.91 -25.43 -14.59
N GLU E 89 -34.12 -24.46 -13.69
CA GLU E 89 -33.26 -23.30 -13.43
C GLU E 89 -31.82 -23.71 -13.10
N ASP E 90 -31.60 -24.99 -12.73
CA ASP E 90 -30.27 -25.53 -12.44
C ASP E 90 -29.52 -25.93 -13.71
N THR E 91 -30.21 -25.89 -14.90
CA THR E 91 -29.56 -26.24 -16.16
C THR E 91 -28.39 -25.32 -16.46
N ALA E 92 -27.18 -25.92 -16.38
CA ALA E 92 -25.92 -25.21 -16.58
C ALA E 92 -24.78 -26.16 -16.87
N VAL E 93 -23.67 -25.58 -17.33
CA VAL E 93 -22.41 -26.26 -17.51
C VAL E 93 -21.80 -26.02 -16.12
N TYR E 94 -21.42 -27.10 -15.43
CA TYR E 94 -20.87 -26.96 -14.09
C TYR E 94 -19.37 -27.07 -14.15
N PHE E 95 -18.66 -26.02 -13.72
CA PHE E 95 -17.19 -26.00 -13.66
C PHE E 95 -16.74 -26.24 -12.24
N CYS E 96 -15.48 -26.69 -12.09
CA CYS E 96 -14.82 -26.86 -10.81
C CYS E 96 -13.48 -26.14 -10.86
N ALA E 97 -13.12 -25.41 -9.81
CA ALA E 97 -11.89 -24.62 -9.80
C ALA E 97 -11.24 -24.56 -8.41
N ARG E 98 -9.90 -24.51 -8.41
CA ARG E 98 -9.10 -24.47 -7.20
C ARG E 98 -8.63 -23.05 -6.84
N ASP E 99 -8.48 -22.82 -5.54
CA ASP E 99 -7.90 -21.63 -4.93
C ASP E 99 -7.12 -22.14 -3.75
N TYR E 100 -5.89 -21.63 -3.54
CA TYR E 100 -5.07 -22.13 -2.44
C TYR E 100 -5.65 -21.77 -1.11
N ASP E 101 -5.83 -22.76 -0.23
CA ASP E 101 -6.42 -22.53 1.08
C ASP E 101 -5.46 -21.71 1.93
N PHE E 102 -5.74 -20.40 2.00
CA PHE E 102 -4.96 -19.46 2.80
C PHE E 102 -5.55 -19.33 4.21
N TRP E 103 -6.62 -20.15 4.49
CA TRP E 103 -7.40 -20.25 5.72
C TRP E 103 -7.98 -18.89 6.07
N SER E 104 -8.72 -18.31 5.12
CA SER E 104 -9.39 -17.01 5.21
C SER E 104 -8.46 -15.80 5.37
N ALA E 105 -7.12 -16.03 5.38
CA ALA E 105 -6.11 -14.96 5.48
C ALA E 105 -6.16 -14.15 4.19
N TYR E 106 -6.48 -14.83 3.08
CA TYR E 106 -6.63 -14.21 1.77
C TYR E 106 -7.56 -15.02 0.92
N TYR E 107 -8.46 -14.31 0.25
CA TYR E 107 -9.37 -14.91 -0.69
C TYR E 107 -8.77 -14.63 -2.07
N ASP E 108 -8.04 -15.64 -2.58
CA ASP E 108 -7.30 -15.64 -3.84
C ASP E 108 -8.20 -16.01 -5.01
N ALA E 109 -7.69 -15.85 -6.26
CA ALA E 109 -8.39 -16.15 -7.51
C ALA E 109 -8.53 -17.67 -7.68
N PHE E 110 -9.51 -18.09 -8.50
CA PHE E 110 -9.70 -19.48 -8.88
C PHE E 110 -8.76 -19.58 -10.10
N ASP E 111 -7.51 -20.03 -9.86
CA ASP E 111 -6.43 -20.04 -10.87
C ASP E 111 -6.41 -21.15 -11.93
N VAL E 112 -7.08 -22.27 -11.68
CA VAL E 112 -7.11 -23.41 -12.60
C VAL E 112 -8.53 -23.95 -12.63
N TRP E 113 -9.15 -23.97 -13.82
CA TRP E 113 -10.52 -24.47 -14.00
C TRP E 113 -10.57 -25.80 -14.78
N GLY E 114 -11.70 -26.48 -14.69
CA GLY E 114 -11.92 -27.70 -15.46
C GLY E 114 -12.52 -27.36 -16.81
N GLN E 115 -12.88 -28.37 -17.62
CA GLN E 115 -13.50 -28.07 -18.91
C GLN E 115 -15.05 -27.96 -18.89
N GLY E 116 -15.66 -28.35 -17.77
CA GLY E 116 -17.09 -28.27 -17.56
C GLY E 116 -17.83 -29.56 -17.85
N THR E 117 -18.98 -29.75 -17.17
CA THR E 117 -19.86 -30.88 -17.36
C THR E 117 -21.30 -30.37 -17.49
N MET E 118 -22.02 -30.88 -18.50
CA MET E 118 -23.38 -30.44 -18.80
C MET E 118 -24.48 -31.11 -17.95
N VAL E 119 -25.32 -30.27 -17.34
CA VAL E 119 -26.43 -30.72 -16.53
C VAL E 119 -27.67 -30.12 -17.16
N THR E 120 -28.60 -30.98 -17.64
CA THR E 120 -29.86 -30.54 -18.26
C THR E 120 -31.03 -31.05 -17.43
N VAL E 121 -31.87 -30.13 -16.92
CA VAL E 121 -33.05 -30.46 -16.11
C VAL E 121 -34.31 -30.07 -16.87
N SER E 122 -35.07 -31.08 -17.30
CA SER E 122 -36.28 -30.89 -18.12
C SER E 122 -37.34 -31.96 -17.90
N SER E 123 -38.62 -31.56 -18.13
CA SER E 123 -39.81 -32.39 -18.06
C SER E 123 -39.78 -33.40 -19.18
N ALA E 124 -39.10 -33.05 -20.29
CA ALA E 124 -38.93 -33.81 -21.52
C ALA E 124 -37.76 -34.80 -21.48
N SER E 125 -37.98 -36.01 -22.03
CA SER E 125 -37.00 -37.09 -22.15
C SER E 125 -36.17 -36.86 -23.43
N THR E 126 -35.18 -37.74 -23.69
CA THR E 126 -34.37 -37.61 -24.91
C THR E 126 -35.16 -38.07 -26.14
N LYS E 127 -34.79 -37.54 -27.32
CA LYS E 127 -35.39 -37.91 -28.59
C LYS E 127 -34.32 -37.86 -29.64
N GLY E 128 -34.22 -38.93 -30.41
CA GLY E 128 -33.32 -39.02 -31.54
C GLY E 128 -33.79 -38.12 -32.68
N PRO E 129 -32.87 -37.57 -33.48
CA PRO E 129 -33.30 -36.70 -34.57
C PRO E 129 -33.77 -37.43 -35.82
N SER E 130 -34.70 -36.79 -36.56
CA SER E 130 -35.23 -37.31 -37.82
C SER E 130 -34.44 -36.66 -38.95
N VAL E 131 -33.76 -37.47 -39.76
CA VAL E 131 -32.94 -36.90 -40.82
C VAL E 131 -33.67 -36.94 -42.17
N PHE E 132 -33.54 -35.86 -42.97
CA PHE E 132 -34.11 -35.73 -44.30
C PHE E 132 -33.01 -35.17 -45.20
N PRO E 133 -32.95 -35.51 -46.50
CA PRO E 133 -31.87 -34.99 -47.32
C PRO E 133 -32.21 -33.69 -48.03
N LEU E 134 -31.26 -32.76 -48.05
CA LEU E 134 -31.43 -31.49 -48.76
C LEU E 134 -30.64 -31.68 -50.06
N ALA E 135 -31.27 -32.41 -51.00
CA ALA E 135 -30.75 -32.74 -52.34
C ALA E 135 -30.38 -31.49 -53.17
N PRO E 136 -29.28 -31.50 -53.96
CA PRO E 136 -28.91 -30.28 -54.69
C PRO E 136 -29.70 -30.05 -55.97
N SER E 137 -29.99 -28.76 -56.28
CA SER E 137 -30.75 -28.36 -57.48
C SER E 137 -29.90 -28.51 -58.74
N SER E 138 -30.58 -28.67 -59.88
CA SER E 138 -29.94 -28.83 -61.20
C SER E 138 -29.26 -27.51 -61.67
N LYS E 139 -27.89 -27.47 -61.57
CA LYS E 139 -27.05 -26.32 -61.93
C LYS E 139 -25.70 -26.77 -62.53
N GLY E 143 -22.30 -25.58 -64.30
CA GLY E 143 -20.92 -26.02 -64.47
C GLY E 143 -19.94 -25.36 -63.53
N GLY E 144 -20.29 -25.28 -62.24
CA GLY E 144 -19.47 -24.70 -61.17
C GLY E 144 -19.61 -25.44 -59.86
N THR E 145 -20.22 -24.80 -58.83
CA THR E 145 -20.45 -25.41 -57.53
C THR E 145 -21.94 -25.80 -57.31
N ALA E 146 -22.23 -26.51 -56.22
CA ALA E 146 -23.58 -26.94 -55.85
C ALA E 146 -23.62 -27.28 -54.38
N ALA E 147 -24.54 -26.70 -53.63
CA ALA E 147 -24.60 -27.03 -52.21
C ALA E 147 -25.75 -27.99 -51.93
N LEU E 148 -25.43 -29.06 -51.23
CA LEU E 148 -26.35 -30.08 -50.79
C LEU E 148 -26.08 -30.24 -49.33
N GLY E 149 -27.01 -30.88 -48.65
CA GLY E 149 -26.86 -31.13 -47.23
C GLY E 149 -27.95 -32.02 -46.70
N CYS E 150 -28.05 -32.11 -45.40
CA CYS E 150 -29.12 -32.89 -44.81
C CYS E 150 -29.68 -32.19 -43.55
N LEU E 151 -31.02 -32.24 -43.42
CA LEU E 151 -31.78 -31.59 -42.36
C LEU E 151 -31.95 -32.57 -41.20
N VAL E 152 -31.48 -32.15 -40.00
CA VAL E 152 -31.54 -32.92 -38.77
C VAL E 152 -32.71 -32.30 -38.00
N LYS E 153 -33.86 -33.00 -38.02
CA LYS E 153 -35.12 -32.54 -37.44
C LYS E 153 -35.51 -33.09 -36.06
N ASP E 154 -36.11 -32.22 -35.22
CA ASP E 154 -36.69 -32.48 -33.90
C ASP E 154 -35.90 -33.43 -32.95
N TYR E 155 -34.85 -32.89 -32.29
CA TYR E 155 -34.04 -33.66 -31.34
C TYR E 155 -33.97 -32.98 -29.98
N PHE E 156 -33.57 -33.72 -28.93
CA PHE E 156 -33.46 -33.16 -27.58
C PHE E 156 -32.62 -34.07 -26.65
N PRO E 157 -31.70 -33.48 -25.85
CA PRO E 157 -31.26 -32.08 -25.86
C PRO E 157 -30.10 -31.91 -26.85
N GLU E 158 -29.42 -30.76 -26.82
CA GLU E 158 -28.27 -30.54 -27.67
C GLU E 158 -27.07 -31.32 -27.06
N PRO E 159 -26.09 -31.77 -27.86
CA PRO E 159 -25.86 -31.49 -29.26
C PRO E 159 -25.92 -32.68 -30.22
N VAL E 160 -25.96 -32.36 -31.52
CA VAL E 160 -25.80 -33.35 -32.56
C VAL E 160 -24.49 -32.98 -33.24
N THR E 161 -23.85 -33.97 -33.86
CA THR E 161 -22.59 -33.75 -34.57
C THR E 161 -22.70 -34.39 -35.94
N VAL E 162 -22.86 -33.54 -36.96
CA VAL E 162 -22.99 -33.96 -38.35
C VAL E 162 -21.60 -34.08 -39.00
N SER E 163 -21.33 -35.27 -39.56
CA SER E 163 -20.10 -35.64 -40.25
C SER E 163 -20.43 -35.88 -41.74
N TRP E 164 -19.44 -35.86 -42.63
CA TRP E 164 -19.68 -36.10 -44.07
C TRP E 164 -18.69 -37.11 -44.67
N ASN E 165 -19.24 -38.15 -45.35
CA ASN E 165 -18.52 -39.27 -45.94
C ASN E 165 -17.52 -39.88 -44.93
N SER E 166 -17.99 -40.03 -43.67
CA SER E 166 -17.26 -40.54 -42.49
C SER E 166 -15.90 -39.86 -42.32
N GLY E 167 -15.93 -38.54 -42.17
CA GLY E 167 -14.74 -37.72 -41.98
C GLY E 167 -13.90 -37.46 -43.23
N ALA E 168 -14.18 -38.16 -44.36
CA ALA E 168 -13.44 -37.94 -45.60
C ALA E 168 -13.69 -36.53 -46.18
N LEU E 169 -14.96 -36.12 -46.30
CA LEU E 169 -15.34 -34.81 -46.79
C LEU E 169 -15.41 -33.87 -45.60
N THR E 170 -14.51 -32.88 -45.57
CA THR E 170 -14.41 -31.86 -44.51
C THR E 170 -14.42 -30.48 -45.13
N SER E 171 -13.92 -30.41 -46.37
CA SER E 171 -13.85 -29.18 -47.11
C SER E 171 -15.22 -28.80 -47.64
N GLY E 172 -15.64 -27.57 -47.32
CA GLY E 172 -16.91 -27.01 -47.76
C GLY E 172 -18.10 -27.39 -46.90
N VAL E 173 -17.83 -28.09 -45.78
CA VAL E 173 -18.83 -28.54 -44.81
C VAL E 173 -19.18 -27.37 -43.90
N HIS E 174 -20.48 -27.06 -43.73
CA HIS E 174 -20.90 -26.04 -42.79
C HIS E 174 -22.14 -26.49 -42.03
N THR E 175 -21.92 -27.07 -40.82
CA THR E 175 -23.02 -27.49 -39.95
C THR E 175 -23.48 -26.23 -39.24
N PHE E 176 -24.76 -25.94 -39.36
CA PHE E 176 -25.31 -24.71 -38.82
C PHE E 176 -25.74 -24.82 -37.37
N PRO E 177 -25.63 -23.71 -36.59
CA PRO E 177 -26.13 -23.76 -35.20
C PRO E 177 -27.62 -24.09 -35.22
N ALA E 178 -28.04 -24.92 -34.27
CA ALA E 178 -29.43 -25.38 -34.16
C ALA E 178 -30.44 -24.27 -33.80
N VAL E 179 -31.72 -24.51 -34.10
CA VAL E 179 -32.80 -23.59 -33.79
C VAL E 179 -33.62 -24.22 -32.63
N LEU E 180 -34.09 -23.38 -31.67
CA LEU E 180 -34.92 -23.93 -30.60
C LEU E 180 -36.40 -23.73 -30.89
N GLN E 181 -37.08 -24.83 -31.22
CA GLN E 181 -38.50 -24.81 -31.55
C GLN E 181 -39.36 -24.51 -30.34
N SER E 182 -40.58 -23.99 -30.61
CA SER E 182 -41.60 -23.68 -29.61
C SER E 182 -41.87 -24.95 -28.81
N SER E 183 -41.85 -26.10 -29.51
CA SER E 183 -42.06 -27.45 -28.99
C SER E 183 -41.01 -27.87 -27.96
N GLY E 184 -39.90 -27.14 -27.92
CA GLY E 184 -38.81 -27.40 -26.97
C GLY E 184 -37.72 -28.26 -27.55
N LEU E 185 -37.95 -28.74 -28.78
CA LEU E 185 -37.00 -29.57 -29.50
C LEU E 185 -36.09 -28.72 -30.39
N TYR E 186 -34.91 -29.25 -30.72
CA TYR E 186 -33.92 -28.58 -31.56
C TYR E 186 -33.95 -29.19 -32.93
N SER E 187 -33.59 -28.38 -33.93
CA SER E 187 -33.55 -28.75 -35.34
C SER E 187 -32.36 -28.02 -35.95
N LEU E 188 -31.61 -28.67 -36.86
CA LEU E 188 -30.47 -28.05 -37.59
C LEU E 188 -30.26 -28.62 -38.98
N SER E 189 -29.35 -27.98 -39.75
CA SER E 189 -28.97 -28.42 -41.10
C SER E 189 -27.46 -28.33 -41.24
N SER E 190 -26.90 -29.16 -42.10
CA SER E 190 -25.49 -29.15 -42.43
C SER E 190 -25.46 -29.25 -43.93
N VAL E 191 -24.81 -28.26 -44.57
CA VAL E 191 -24.64 -28.16 -46.01
C VAL E 191 -23.21 -28.43 -46.35
N VAL E 192 -22.98 -28.82 -47.59
CA VAL E 192 -21.64 -29.03 -48.11
C VAL E 192 -21.61 -28.62 -49.57
N THR E 193 -20.77 -27.63 -49.88
CA THR E 193 -20.63 -27.18 -51.27
C THR E 193 -19.63 -28.13 -51.92
N VAL E 194 -20.04 -28.68 -53.05
CA VAL E 194 -19.29 -29.69 -53.81
C VAL E 194 -19.36 -29.36 -55.29
N PRO E 195 -18.35 -29.75 -56.12
CA PRO E 195 -18.42 -29.41 -57.56
C PRO E 195 -19.62 -30.03 -58.27
N SER E 196 -20.39 -29.23 -59.02
CA SER E 196 -21.57 -29.75 -59.74
C SER E 196 -21.25 -30.94 -60.68
N SER E 197 -19.96 -31.04 -61.09
CA SER E 197 -19.38 -32.08 -61.94
C SER E 197 -19.51 -33.43 -61.21
N SER E 198 -19.01 -33.45 -59.95
CA SER E 198 -19.04 -34.61 -59.05
C SER E 198 -20.45 -35.14 -58.74
N LEU E 199 -21.51 -34.29 -58.87
CA LEU E 199 -22.90 -34.71 -58.62
C LEU E 199 -23.26 -35.83 -59.58
N GLY E 200 -23.51 -37.00 -59.03
CA GLY E 200 -23.86 -38.17 -59.81
C GLY E 200 -22.70 -39.10 -60.11
N THR E 201 -21.61 -38.99 -59.36
CA THR E 201 -20.44 -39.86 -59.52
C THR E 201 -19.91 -40.21 -58.15
N GLN E 202 -19.61 -39.19 -57.33
CA GLN E 202 -19.15 -39.34 -55.95
C GLN E 202 -20.36 -39.35 -55.01
N THR E 203 -20.41 -40.30 -54.06
CA THR E 203 -21.57 -40.41 -53.15
C THR E 203 -21.38 -39.57 -51.90
N TYR E 204 -22.39 -38.73 -51.56
CA TYR E 204 -22.33 -37.88 -50.37
C TYR E 204 -23.24 -38.39 -49.26
N ILE E 205 -22.66 -38.70 -48.11
CA ILE E 205 -23.38 -39.26 -46.96
C ILE E 205 -23.14 -38.44 -45.69
N CYS E 206 -24.22 -37.97 -45.05
CA CYS E 206 -24.03 -37.29 -43.80
C CYS E 206 -24.20 -38.28 -42.70
N ASN E 207 -23.31 -38.23 -41.71
CA ASN E 207 -23.37 -39.12 -40.55
C ASN E 207 -23.73 -38.24 -39.35
N VAL E 208 -24.96 -38.42 -38.85
CA VAL E 208 -25.53 -37.64 -37.76
C VAL E 208 -25.39 -38.40 -36.46
N ASN E 209 -24.68 -37.83 -35.48
CA ASN E 209 -24.54 -38.49 -34.19
C ASN E 209 -25.29 -37.69 -33.15
N HIS E 210 -26.13 -38.36 -32.32
CA HIS E 210 -26.88 -37.74 -31.24
C HIS E 210 -26.73 -38.63 -30.03
N LYS E 211 -25.54 -38.52 -29.38
CA LYS E 211 -25.18 -39.29 -28.17
C LYS E 211 -26.25 -39.21 -27.05
N PRO E 212 -26.85 -38.03 -26.72
CA PRO E 212 -27.89 -38.00 -25.68
C PRO E 212 -29.02 -39.04 -25.79
N SER E 213 -29.22 -39.62 -27.00
CA SER E 213 -30.26 -40.63 -27.23
C SER E 213 -29.68 -41.91 -27.84
N ASN E 214 -28.36 -41.93 -28.04
CA ASN E 214 -27.59 -43.04 -28.62
C ASN E 214 -28.07 -43.40 -30.01
N THR E 215 -28.36 -42.34 -30.80
CA THR E 215 -28.84 -42.38 -32.17
C THR E 215 -27.73 -41.95 -33.13
N LYS E 216 -27.53 -42.75 -34.18
CA LYS E 216 -26.55 -42.49 -35.24
C LYS E 216 -27.30 -42.72 -36.54
N VAL E 217 -27.48 -41.65 -37.33
CA VAL E 217 -28.20 -41.74 -38.58
C VAL E 217 -27.30 -41.41 -39.74
N ASP E 218 -27.28 -42.31 -40.75
CA ASP E 218 -26.50 -42.14 -41.97
C ASP E 218 -27.50 -41.96 -43.11
N LYS E 219 -27.40 -40.83 -43.81
CA LYS E 219 -28.28 -40.52 -44.91
C LYS E 219 -27.47 -40.10 -46.14
N LYS E 220 -27.67 -40.83 -47.25
CA LYS E 220 -27.04 -40.53 -48.53
C LYS E 220 -27.88 -39.43 -49.15
N VAL E 221 -27.23 -38.33 -49.52
CA VAL E 221 -27.89 -37.21 -50.16
C VAL E 221 -27.64 -37.39 -51.64
N GLU E 222 -28.71 -37.66 -52.39
CA GLU E 222 -28.68 -37.91 -53.83
C GLU E 222 -29.38 -36.79 -54.64
N PRO E 223 -28.81 -36.38 -55.80
CA PRO E 223 -29.50 -35.38 -56.65
C PRO E 223 -30.89 -35.81 -57.13
N LYS E 224 -31.77 -34.81 -57.39
CA LYS E 224 -33.16 -34.99 -57.81
C LYS E 224 -33.24 -35.47 -59.26
N GLU F 1 -29.90 -8.32 -10.47
CA GLU F 1 -29.63 -9.75 -10.41
C GLU F 1 -28.26 -10.06 -9.76
N SER F 2 -27.20 -9.31 -10.20
CA SER F 2 -25.81 -9.44 -9.73
C SER F 2 -25.43 -8.54 -8.52
N VAL F 3 -24.42 -8.98 -7.74
CA VAL F 3 -23.86 -8.29 -6.56
C VAL F 3 -22.72 -7.37 -7.06
N LEU F 4 -22.01 -7.83 -8.13
CA LEU F 4 -20.94 -7.10 -8.82
C LEU F 4 -21.49 -6.71 -10.20
N THR F 5 -21.66 -5.40 -10.42
CA THR F 5 -22.25 -4.86 -11.65
C THR F 5 -21.17 -4.59 -12.67
N GLN F 6 -21.38 -5.05 -13.93
CA GLN F 6 -20.47 -4.86 -15.08
C GLN F 6 -21.25 -4.38 -16.33
N PRO F 7 -20.65 -3.55 -17.24
CA PRO F 7 -21.37 -3.21 -18.46
C PRO F 7 -21.59 -4.49 -19.29
N PRO F 8 -22.75 -4.68 -19.94
CA PRO F 8 -22.98 -5.96 -20.64
C PRO F 8 -22.08 -6.16 -21.84
N SER F 9 -21.76 -5.06 -22.52
CA SER F 9 -20.94 -5.09 -23.71
C SER F 9 -20.13 -3.81 -23.92
N VAL F 10 -18.85 -4.02 -24.30
CA VAL F 10 -17.88 -3.01 -24.71
C VAL F 10 -17.31 -3.49 -26.03
N SER F 11 -16.85 -2.54 -26.84
CA SER F 11 -16.31 -2.83 -28.18
C SER F 11 -15.19 -1.89 -28.56
N GLY F 12 -14.34 -2.35 -29.46
CA GLY F 12 -13.22 -1.57 -29.97
C GLY F 12 -12.69 -2.14 -31.26
N ALA F 13 -11.95 -1.33 -32.01
CA ALA F 13 -11.31 -1.80 -33.24
C ALA F 13 -9.89 -2.23 -32.83
N PRO F 14 -9.19 -3.11 -33.59
CA PRO F 14 -7.82 -3.47 -33.21
C PRO F 14 -6.93 -2.25 -33.01
N GLY F 15 -6.18 -2.22 -31.92
CA GLY F 15 -5.29 -1.11 -31.60
C GLY F 15 -5.82 -0.21 -30.50
N GLN F 16 -7.13 0.02 -30.50
CA GLN F 16 -7.85 0.84 -29.53
C GLN F 16 -7.70 0.34 -28.11
N ARG F 17 -7.95 1.20 -27.10
CA ARG F 17 -7.88 0.82 -25.69
C ARG F 17 -9.29 0.78 -25.10
N VAL F 18 -9.71 -0.35 -24.56
CA VAL F 18 -11.03 -0.45 -23.95
C VAL F 18 -10.94 -0.82 -22.47
N THR F 19 -11.94 -0.44 -21.65
CA THR F 19 -11.91 -0.73 -20.22
C THR F 19 -13.19 -1.40 -19.74
N ILE F 20 -13.06 -2.38 -18.83
CA ILE F 20 -14.23 -3.05 -18.27
C ILE F 20 -14.35 -2.71 -16.79
N SER F 21 -15.49 -2.10 -16.43
CA SER F 21 -15.80 -1.62 -15.07
C SER F 21 -16.54 -2.65 -14.23
N CYS F 22 -16.00 -2.94 -13.04
CA CYS F 22 -16.59 -3.88 -12.10
C CYS F 22 -16.91 -3.14 -10.81
N THR F 23 -18.18 -2.75 -10.62
CA THR F 23 -18.62 -2.03 -9.42
C THR F 23 -19.42 -2.92 -8.44
N GLY F 24 -19.04 -2.86 -7.18
CA GLY F 24 -19.68 -3.65 -6.13
C GLY F 24 -20.10 -2.84 -4.92
N SER F 25 -20.22 -3.51 -3.77
CA SER F 25 -20.69 -2.93 -2.51
C SER F 25 -19.69 -2.94 -1.35
N SER F 26 -20.17 -2.52 -0.16
CA SER F 26 -19.44 -2.44 1.10
C SER F 26 -19.10 -3.84 1.65
N SER F 27 -19.88 -4.86 1.25
CA SER F 27 -19.71 -6.25 1.66
C SER F 27 -18.71 -6.99 0.77
N ASN F 28 -18.25 -6.38 -0.34
CA ASN F 28 -17.28 -7.05 -1.19
C ASN F 28 -16.03 -6.23 -1.53
N ILE F 29 -16.01 -5.48 -2.67
CA ILE F 29 -14.86 -4.63 -3.07
C ILE F 29 -14.55 -3.61 -1.96
N GLY F 30 -15.63 -3.03 -1.42
CA GLY F 30 -15.60 -2.06 -0.33
C GLY F 30 -14.99 -2.62 0.94
N ALA F 31 -15.23 -3.93 1.21
CA ALA F 31 -14.72 -4.63 2.38
C ALA F 31 -13.21 -5.01 2.31
N GLY F 32 -12.53 -4.51 1.28
CA GLY F 32 -11.10 -4.73 1.09
C GLY F 32 -10.71 -6.03 0.43
N TYR F 33 -11.72 -6.83 -0.03
CA TYR F 33 -11.45 -8.08 -0.72
C TYR F 33 -11.00 -7.73 -2.12
N ASP F 34 -10.01 -8.47 -2.64
CA ASP F 34 -9.47 -8.22 -3.97
C ASP F 34 -10.40 -8.61 -5.10
N VAL F 35 -10.14 -8.05 -6.28
CA VAL F 35 -10.90 -8.34 -7.50
C VAL F 35 -10.07 -9.21 -8.48
N HIS F 36 -10.70 -10.28 -9.01
CA HIS F 36 -10.04 -11.20 -9.93
C HIS F 36 -10.81 -11.25 -11.25
N TRP F 37 -10.11 -11.19 -12.38
CA TRP F 37 -10.72 -11.17 -13.73
C TRP F 37 -10.46 -12.43 -14.52
N TYR F 38 -11.48 -12.92 -15.22
CA TYR F 38 -11.38 -14.14 -16.02
C TYR F 38 -11.79 -13.91 -17.46
N GLN F 39 -11.02 -14.45 -18.41
CA GLN F 39 -11.33 -14.36 -19.83
C GLN F 39 -11.92 -15.69 -20.27
N GLN F 40 -13.09 -15.62 -20.90
CA GLN F 40 -13.74 -16.82 -21.40
C GLN F 40 -13.91 -16.67 -22.91
N LEU F 41 -12.94 -17.22 -23.66
CA LEU F 41 -12.94 -17.16 -25.11
C LEU F 41 -14.08 -18.01 -25.66
N PRO F 42 -14.71 -17.57 -26.77
CA PRO F 42 -15.84 -18.34 -27.33
C PRO F 42 -15.69 -19.88 -27.38
N GLY F 43 -16.62 -20.54 -26.71
CA GLY F 43 -16.70 -22.00 -26.61
C GLY F 43 -15.57 -22.65 -25.83
N THR F 44 -15.13 -22.01 -24.72
CA THR F 44 -14.08 -22.52 -23.85
C THR F 44 -14.42 -22.29 -22.36
N ALA F 45 -13.72 -23.01 -21.48
CA ALA F 45 -13.84 -22.87 -20.02
C ALA F 45 -13.17 -21.54 -19.63
N PRO F 46 -13.57 -20.81 -18.56
CA PRO F 46 -12.85 -19.56 -18.23
C PRO F 46 -11.39 -19.81 -17.82
N LYS F 47 -10.56 -18.75 -17.82
CA LYS F 47 -9.17 -18.82 -17.39
C LYS F 47 -8.74 -17.50 -16.83
N LEU F 48 -8.01 -17.55 -15.72
CA LEU F 48 -7.50 -16.38 -15.00
C LEU F 48 -6.82 -15.40 -15.95
N LEU F 49 -7.16 -14.12 -15.81
CA LEU F 49 -6.65 -13.03 -16.63
C LEU F 49 -5.87 -12.07 -15.75
N ILE F 50 -6.44 -11.67 -14.60
CA ILE F 50 -5.82 -10.78 -13.63
C ILE F 50 -6.17 -11.27 -12.24
N SER F 51 -5.15 -11.48 -11.38
CA SER F 51 -5.37 -11.85 -9.99
C SER F 51 -5.08 -10.64 -9.09
N GLY F 52 -5.75 -10.59 -7.94
CA GLY F 52 -5.62 -9.55 -6.92
C GLY F 52 -5.54 -8.12 -7.43
N ASN F 53 -6.56 -7.71 -8.18
CA ASN F 53 -6.72 -6.39 -8.81
C ASN F 53 -5.80 -6.06 -9.96
N SER F 54 -4.49 -6.27 -9.83
CA SER F 54 -3.54 -5.80 -10.83
C SER F 54 -2.54 -6.80 -11.40
N ASN F 55 -2.35 -7.95 -10.74
CA ASN F 55 -1.35 -8.94 -11.15
C ASN F 55 -1.73 -9.72 -12.39
N ARG F 56 -0.77 -9.94 -13.27
CA ARG F 56 -0.96 -10.71 -14.49
C ARG F 56 -0.30 -12.07 -14.31
N PRO F 57 -1.02 -13.18 -14.60
CA PRO F 57 -0.38 -14.50 -14.58
C PRO F 57 0.67 -14.65 -15.68
N SER F 58 1.51 -15.70 -15.59
CA SER F 58 2.55 -15.98 -16.59
C SER F 58 1.83 -16.49 -17.84
N GLY F 59 1.76 -15.61 -18.83
CA GLY F 59 1.07 -15.90 -20.08
C GLY F 59 0.17 -14.76 -20.51
N VAL F 60 -0.28 -13.94 -19.55
CA VAL F 60 -1.13 -12.80 -19.86
C VAL F 60 -0.25 -11.65 -20.35
N PRO F 61 -0.53 -11.10 -21.56
CA PRO F 61 0.29 -9.99 -22.09
C PRO F 61 0.11 -8.69 -21.34
N ASP F 62 1.15 -7.84 -21.31
CA ASP F 62 1.12 -6.52 -20.64
C ASP F 62 0.02 -5.62 -21.20
N ARG F 63 -0.62 -6.06 -22.30
CA ARG F 63 -1.76 -5.47 -22.99
C ARG F 63 -2.88 -5.27 -21.97
N PHE F 64 -3.06 -6.27 -21.06
CA PHE F 64 -4.05 -6.34 -19.98
C PHE F 64 -3.50 -5.78 -18.69
N SER F 65 -4.27 -4.88 -18.06
CA SER F 65 -3.92 -4.26 -16.78
C SER F 65 -5.13 -4.33 -15.85
N GLY F 66 -4.89 -4.06 -14.56
CA GLY F 66 -5.97 -4.05 -13.58
C GLY F 66 -5.81 -3.03 -12.47
N SER F 67 -6.94 -2.53 -11.97
CA SER F 67 -7.00 -1.59 -10.85
C SER F 67 -8.28 -1.82 -10.02
N LYS F 68 -8.32 -1.22 -8.80
CA LYS F 68 -9.42 -1.28 -7.82
C LYS F 68 -9.35 -0.02 -6.98
N SER F 69 -10.51 0.62 -6.77
CA SER F 69 -10.68 1.82 -5.96
C SER F 69 -12.10 1.88 -5.43
N GLY F 70 -12.20 1.91 -4.11
CA GLY F 70 -13.45 2.00 -3.38
C GLY F 70 -14.26 0.73 -3.47
N THR F 71 -15.46 0.85 -4.04
CA THR F 71 -16.39 -0.23 -4.27
C THR F 71 -16.26 -0.69 -5.74
N SER F 72 -15.30 -0.10 -6.49
CA SER F 72 -15.14 -0.43 -7.91
C SER F 72 -13.74 -0.86 -8.33
N ALA F 73 -13.68 -1.58 -9.45
CA ALA F 73 -12.47 -2.09 -10.06
C ALA F 73 -12.56 -1.95 -11.58
N SER F 74 -11.40 -1.92 -12.28
CA SER F 74 -11.39 -1.78 -13.73
C SER F 74 -10.34 -2.63 -14.39
N LEU F 75 -10.72 -3.30 -15.50
CA LEU F 75 -9.83 -4.11 -16.34
C LEU F 75 -9.60 -3.32 -17.63
N ALA F 76 -8.32 -3.06 -18.00
CA ALA F 76 -8.03 -2.25 -19.17
C ALA F 76 -7.17 -2.95 -20.23
N ILE F 77 -7.75 -3.10 -21.43
CA ILE F 77 -7.11 -3.71 -22.59
C ILE F 77 -6.60 -2.58 -23.46
N THR F 78 -5.28 -2.42 -23.58
CA THR F 78 -4.71 -1.35 -24.41
C THR F 78 -4.01 -2.01 -25.59
N GLY F 79 -4.39 -1.65 -26.80
CA GLY F 79 -3.82 -2.27 -27.99
C GLY F 79 -4.55 -3.56 -28.34
N LEU F 80 -5.87 -3.49 -28.27
CA LEU F 80 -6.84 -4.53 -28.57
C LEU F 80 -6.46 -5.32 -29.84
N GLN F 81 -6.72 -6.62 -29.78
CA GLN F 81 -6.41 -7.57 -30.85
C GLN F 81 -7.63 -8.44 -31.12
N ALA F 82 -7.72 -9.01 -32.33
CA ALA F 82 -8.80 -9.88 -32.73
C ALA F 82 -8.99 -10.99 -31.73
N GLU F 83 -7.89 -11.64 -31.31
CA GLU F 83 -7.87 -12.74 -30.33
C GLU F 83 -8.62 -12.42 -29.02
N ASP F 84 -8.50 -11.17 -28.51
CA ASP F 84 -9.12 -10.61 -27.30
C ASP F 84 -10.63 -10.63 -27.27
N GLU F 85 -11.30 -10.84 -28.43
CA GLU F 85 -12.77 -10.90 -28.46
C GLU F 85 -13.22 -12.12 -27.68
N ALA F 86 -13.70 -11.86 -26.44
CA ALA F 86 -14.14 -12.88 -25.50
C ALA F 86 -15.24 -12.34 -24.53
N ASP F 87 -15.35 -12.96 -23.35
CA ASP F 87 -16.27 -12.56 -22.30
C ASP F 87 -15.42 -12.38 -21.07
N TYR F 88 -15.63 -11.27 -20.35
CA TYR F 88 -14.80 -10.91 -19.22
C TYR F 88 -15.56 -10.84 -17.90
N TYR F 89 -15.31 -11.77 -17.01
CA TYR F 89 -16.00 -11.80 -15.72
C TYR F 89 -15.14 -11.32 -14.58
N CYS F 90 -15.66 -10.44 -13.74
CA CYS F 90 -14.91 -9.98 -12.57
C CYS F 90 -15.42 -10.76 -11.36
N GLN F 91 -14.61 -10.87 -10.30
CA GLN F 91 -14.98 -11.64 -9.10
C GLN F 91 -14.30 -11.13 -7.84
N SER F 92 -15.04 -11.18 -6.70
CA SER F 92 -14.59 -10.82 -5.34
C SER F 92 -15.37 -11.65 -4.29
N TYR F 93 -14.79 -11.81 -3.08
CA TYR F 93 -15.46 -12.52 -1.98
C TYR F 93 -16.38 -11.54 -1.29
N ASP F 94 -17.59 -12.02 -0.91
CA ASP F 94 -18.59 -11.20 -0.22
C ASP F 94 -18.83 -11.69 1.18
N SER F 95 -18.37 -10.88 2.15
CA SER F 95 -18.48 -11.11 3.59
C SER F 95 -19.87 -11.56 4.00
N SER F 96 -20.93 -10.90 3.46
CA SER F 96 -22.32 -11.22 3.77
C SER F 96 -22.80 -12.54 3.10
N LEU F 97 -22.40 -12.78 1.86
CA LEU F 97 -22.82 -14.01 1.19
C LEU F 97 -21.97 -15.21 1.61
N SER F 98 -20.85 -14.95 2.32
CA SER F 98 -19.87 -15.94 2.81
C SER F 98 -19.32 -16.82 1.65
N GLY F 99 -19.26 -16.25 0.44
CA GLY F 99 -18.75 -16.89 -0.76
C GLY F 99 -18.16 -15.91 -1.74
N SER F 100 -17.45 -16.40 -2.76
CA SER F 100 -16.84 -15.54 -3.78
C SER F 100 -17.82 -15.36 -4.93
N VAL F 101 -18.23 -14.10 -5.20
CA VAL F 101 -19.20 -13.78 -6.25
C VAL F 101 -18.66 -13.10 -7.50
N PHE F 102 -19.18 -13.53 -8.66
CA PHE F 102 -18.82 -13.11 -10.01
C PHE F 102 -19.70 -11.98 -10.48
N GLY F 103 -19.15 -11.13 -11.34
CA GLY F 103 -19.90 -10.07 -11.98
C GLY F 103 -20.74 -10.65 -13.11
N GLY F 104 -21.62 -9.83 -13.65
CA GLY F 104 -22.50 -10.24 -14.74
C GLY F 104 -21.81 -10.46 -16.08
N GLY F 105 -20.51 -10.18 -16.15
CA GLY F 105 -19.74 -10.35 -17.38
C GLY F 105 -19.96 -9.28 -18.41
N THR F 106 -18.96 -9.08 -19.26
CA THR F 106 -18.94 -8.09 -20.33
C THR F 106 -18.46 -8.78 -21.60
N LYS F 107 -19.24 -8.68 -22.68
CA LYS F 107 -18.87 -9.29 -23.94
C LYS F 107 -18.11 -8.25 -24.74
N LEU F 108 -16.83 -8.50 -24.94
CA LEU F 108 -15.98 -7.59 -25.71
C LEU F 108 -16.07 -7.97 -27.17
N THR F 109 -16.44 -7.01 -28.04
CA THR F 109 -16.54 -7.24 -29.49
C THR F 109 -15.54 -6.43 -30.27
N VAL F 110 -14.57 -7.10 -30.92
CA VAL F 110 -13.55 -6.46 -31.76
C VAL F 110 -14.20 -6.07 -33.11
N LEU F 111 -14.28 -4.77 -33.38
CA LEU F 111 -14.91 -4.23 -34.58
C LEU F 111 -13.86 -3.85 -35.64
N GLY F 112 -14.32 -3.31 -36.76
CA GLY F 112 -13.46 -2.81 -37.82
C GLY F 112 -13.43 -3.59 -39.11
N GLN F 113 -13.84 -4.87 -39.07
CA GLN F 113 -13.80 -5.73 -40.26
C GLN F 113 -14.74 -5.28 -41.40
N PRO F 114 -14.31 -5.45 -42.67
CA PRO F 114 -15.14 -5.00 -43.80
C PRO F 114 -16.56 -5.57 -43.87
N LYS F 115 -17.49 -4.82 -44.51
CA LYS F 115 -18.87 -5.26 -44.67
C LYS F 115 -18.84 -6.48 -45.58
N ALA F 116 -19.67 -7.48 -45.27
CA ALA F 116 -19.77 -8.72 -46.02
C ALA F 116 -21.22 -9.04 -46.32
N ALA F 117 -21.56 -9.21 -47.61
CA ALA F 117 -22.93 -9.57 -48.01
C ALA F 117 -23.29 -11.02 -47.65
N PRO F 118 -24.56 -11.30 -47.26
CA PRO F 118 -24.92 -12.68 -46.90
C PRO F 118 -24.98 -13.64 -48.10
N SER F 119 -24.62 -14.92 -47.87
CA SER F 119 -24.70 -15.99 -48.85
C SER F 119 -25.92 -16.80 -48.48
N VAL F 120 -27.06 -16.44 -49.08
CA VAL F 120 -28.37 -17.04 -48.82
C VAL F 120 -28.63 -18.27 -49.70
N THR F 121 -28.89 -19.41 -49.05
CA THR F 121 -29.16 -20.68 -49.73
C THR F 121 -30.45 -21.31 -49.17
N LEU F 122 -31.43 -21.50 -50.04
CA LEU F 122 -32.76 -21.99 -49.70
C LEU F 122 -33.05 -23.39 -50.23
N PHE F 123 -33.65 -24.22 -49.37
CA PHE F 123 -34.02 -25.59 -49.74
C PHE F 123 -35.54 -25.82 -49.64
N PRO F 124 -36.13 -26.52 -50.64
CA PRO F 124 -37.55 -26.88 -50.55
C PRO F 124 -37.73 -28.13 -49.68
N PRO F 125 -38.96 -28.56 -49.32
CA PRO F 125 -39.07 -29.76 -48.49
C PRO F 125 -38.81 -31.03 -49.28
N SER F 126 -37.98 -31.91 -48.71
CA SER F 126 -37.62 -33.19 -49.27
C SER F 126 -38.86 -34.06 -49.45
N SER F 127 -38.87 -34.81 -50.56
CA SER F 127 -39.92 -35.76 -50.95
C SER F 127 -40.21 -36.77 -49.81
N GLU F 128 -39.17 -37.09 -49.01
CA GLU F 128 -39.25 -37.97 -47.86
C GLU F 128 -40.06 -37.28 -46.76
N GLU F 129 -39.68 -36.05 -46.38
CA GLU F 129 -40.37 -35.30 -45.32
C GLU F 129 -41.86 -35.11 -45.63
N LEU F 130 -42.20 -34.86 -46.90
CA LEU F 130 -43.58 -34.71 -47.35
C LEU F 130 -44.31 -36.04 -47.23
N GLN F 131 -43.57 -37.17 -47.38
CA GLN F 131 -44.11 -38.52 -47.20
C GLN F 131 -44.33 -38.83 -45.71
N ALA F 132 -43.74 -38.00 -44.85
CA ALA F 132 -43.84 -38.04 -43.40
C ALA F 132 -44.88 -36.99 -42.97
N ASN F 133 -45.64 -36.44 -43.96
CA ASN F 133 -46.72 -35.46 -43.79
C ASN F 133 -46.28 -34.16 -43.09
N LYS F 134 -45.07 -33.69 -43.44
CA LYS F 134 -44.46 -32.45 -42.93
C LYS F 134 -43.82 -31.68 -44.11
N ALA F 135 -43.46 -30.40 -43.89
CA ALA F 135 -42.80 -29.57 -44.92
C ALA F 135 -42.02 -28.45 -44.26
N THR F 136 -40.70 -28.45 -44.45
CA THR F 136 -39.80 -27.46 -43.89
C THR F 136 -38.98 -26.82 -44.97
N LEU F 137 -39.02 -25.48 -45.01
CA LEU F 137 -38.24 -24.68 -45.94
C LEU F 137 -36.99 -24.24 -45.16
N VAL F 138 -35.83 -24.58 -45.68
CA VAL F 138 -34.57 -24.31 -45.00
C VAL F 138 -33.84 -23.19 -45.70
N CYS F 139 -33.68 -22.06 -44.99
CA CYS F 139 -32.99 -20.87 -45.50
C CYS F 139 -31.72 -20.65 -44.72
N LEU F 140 -30.58 -20.93 -45.33
CA LEU F 140 -29.29 -20.80 -44.64
C LEU F 140 -28.57 -19.51 -45.05
N ILE F 141 -28.39 -18.58 -44.08
CA ILE F 141 -27.76 -17.27 -44.24
C ILE F 141 -26.33 -17.34 -43.70
N SER F 142 -25.31 -17.06 -44.54
CA SER F 142 -23.91 -17.16 -44.12
C SER F 142 -22.95 -16.13 -44.74
N ASP F 143 -21.67 -16.10 -44.24
CA ASP F 143 -20.57 -15.22 -44.67
C ASP F 143 -20.91 -13.73 -44.66
N PHE F 144 -21.65 -13.28 -43.64
CA PHE F 144 -22.05 -11.89 -43.56
C PHE F 144 -21.46 -11.13 -42.38
N TYR F 145 -21.30 -9.80 -42.54
CA TYR F 145 -20.83 -8.83 -41.54
C TYR F 145 -21.34 -7.40 -41.86
N PRO F 146 -21.91 -6.65 -40.88
CA PRO F 146 -22.17 -7.00 -39.46
C PRO F 146 -23.20 -8.10 -39.27
N GLY F 147 -23.31 -8.62 -38.05
CA GLY F 147 -24.22 -9.71 -37.72
C GLY F 147 -25.71 -9.39 -37.71
N ALA F 148 -26.13 -8.20 -38.16
CA ALA F 148 -27.54 -7.83 -38.14
C ALA F 148 -28.25 -8.16 -39.43
N VAL F 149 -29.17 -9.13 -39.36
CA VAL F 149 -30.00 -9.55 -40.51
C VAL F 149 -31.45 -9.67 -40.14
N THR F 150 -32.35 -9.36 -41.07
CA THR F 150 -33.78 -9.53 -40.83
C THR F 150 -34.38 -10.40 -41.95
N VAL F 151 -34.75 -11.64 -41.58
CA VAL F 151 -35.34 -12.63 -42.50
C VAL F 151 -36.84 -12.36 -42.67
N ALA F 152 -37.37 -12.59 -43.88
CA ALA F 152 -38.78 -12.39 -44.20
C ALA F 152 -39.23 -13.41 -45.23
N TRP F 153 -40.30 -14.15 -44.92
CA TRP F 153 -40.86 -15.21 -45.77
C TRP F 153 -42.07 -14.73 -46.54
N LYS F 154 -42.25 -15.25 -47.76
CA LYS F 154 -43.36 -14.89 -48.63
C LYS F 154 -43.92 -16.12 -49.30
N ALA F 155 -45.25 -16.23 -49.35
CA ALA F 155 -45.98 -17.27 -50.06
C ALA F 155 -46.42 -16.57 -51.34
N ASP F 156 -45.69 -16.82 -52.45
CA ASP F 156 -45.86 -16.18 -53.76
C ASP F 156 -45.42 -14.71 -53.67
N SER F 157 -46.34 -13.81 -53.27
CA SER F 157 -46.09 -12.36 -53.11
C SER F 157 -46.51 -11.84 -51.72
N SER F 158 -47.49 -12.50 -51.10
CA SER F 158 -48.04 -12.17 -49.77
C SER F 158 -47.11 -12.66 -48.68
N PRO F 159 -46.94 -11.90 -47.57
CA PRO F 159 -45.99 -12.33 -46.53
C PRO F 159 -46.49 -13.31 -45.47
N VAL F 160 -45.67 -14.33 -45.23
CA VAL F 160 -45.86 -15.39 -44.24
C VAL F 160 -45.29 -14.86 -42.93
N LYS F 161 -46.05 -15.00 -41.83
CA LYS F 161 -45.60 -14.56 -40.50
C LYS F 161 -45.48 -15.78 -39.59
N ALA F 162 -46.50 -16.66 -39.65
CA ALA F 162 -46.65 -17.88 -38.84
C ALA F 162 -45.84 -19.08 -39.35
N GLY F 163 -45.34 -19.87 -38.41
CA GLY F 163 -44.54 -21.07 -38.71
C GLY F 163 -43.09 -20.80 -39.03
N VAL F 164 -42.57 -19.63 -38.57
CA VAL F 164 -41.20 -19.18 -38.80
C VAL F 164 -40.38 -19.15 -37.52
N GLU F 165 -39.22 -19.83 -37.55
CA GLU F 165 -38.24 -19.84 -36.46
C GLU F 165 -36.84 -19.59 -37.06
N THR F 166 -36.20 -18.49 -36.63
CA THR F 166 -34.89 -18.05 -37.11
C THR F 166 -33.91 -17.98 -35.97
N THR F 167 -32.66 -18.37 -36.22
CA THR F 167 -31.62 -18.31 -35.19
C THR F 167 -31.10 -16.89 -35.00
N THR F 168 -30.34 -16.69 -33.92
CA THR F 168 -29.68 -15.42 -33.66
C THR F 168 -28.30 -15.57 -34.27
N PRO F 169 -27.85 -14.60 -35.11
CA PRO F 169 -26.56 -14.77 -35.82
C PRO F 169 -25.38 -14.98 -34.89
N SER F 170 -24.53 -15.95 -35.23
CA SER F 170 -23.35 -16.27 -34.46
C SER F 170 -22.15 -16.36 -35.37
N LYS F 171 -21.05 -15.73 -34.97
CA LYS F 171 -19.80 -15.70 -35.71
C LYS F 171 -19.29 -17.13 -35.99
N GLN F 172 -18.99 -17.46 -37.25
CA GLN F 172 -18.47 -18.78 -37.59
C GLN F 172 -16.93 -18.72 -37.55
N SER F 173 -16.30 -19.88 -37.82
CA SER F 173 -14.84 -20.08 -37.84
C SER F 173 -14.07 -19.06 -38.68
N ASN F 174 -14.75 -18.44 -39.68
CA ASN F 174 -14.17 -17.48 -40.61
C ASN F 174 -14.36 -16.02 -40.18
N ASN F 175 -14.63 -15.80 -38.88
CA ASN F 175 -14.86 -14.47 -38.29
C ASN F 175 -16.07 -13.72 -38.83
N LYS F 176 -16.90 -14.38 -39.67
CA LYS F 176 -18.12 -13.81 -40.24
C LYS F 176 -19.33 -14.57 -39.64
N TYR F 177 -20.51 -13.91 -39.58
CA TYR F 177 -21.77 -14.44 -39.00
C TYR F 177 -22.57 -15.41 -39.89
N ALA F 178 -23.41 -16.24 -39.25
CA ALA F 178 -24.32 -17.19 -39.90
C ALA F 178 -25.60 -17.32 -39.10
N ALA F 179 -26.73 -17.54 -39.82
CA ALA F 179 -28.08 -17.67 -39.25
C ALA F 179 -28.88 -18.61 -40.13
N SER F 180 -29.90 -19.25 -39.57
CA SER F 180 -30.78 -20.12 -40.36
C SER F 180 -32.21 -19.79 -40.04
N SER F 181 -33.06 -19.78 -41.04
CA SER F 181 -34.49 -19.54 -40.84
C SER F 181 -35.27 -20.73 -41.37
N TYR F 182 -36.18 -21.28 -40.54
CA TYR F 182 -36.95 -22.46 -40.89
C TYR F 182 -38.44 -22.15 -41.03
N LEU F 183 -38.99 -22.24 -42.26
CA LEU F 183 -40.43 -22.04 -42.46
C LEU F 183 -41.12 -23.39 -42.41
N SER F 184 -42.13 -23.51 -41.53
CA SER F 184 -42.91 -24.71 -41.35
C SER F 184 -44.22 -24.62 -42.12
N LEU F 185 -44.51 -25.65 -42.92
CA LEU F 185 -45.71 -25.72 -43.73
C LEU F 185 -46.34 -27.11 -43.66
N THR F 186 -47.62 -27.19 -44.08
CA THR F 186 -48.29 -28.48 -44.20
C THR F 186 -47.98 -28.89 -45.65
N PRO F 187 -47.90 -30.20 -45.99
CA PRO F 187 -47.62 -30.57 -47.37
C PRO F 187 -48.58 -29.91 -48.36
N GLU F 188 -49.87 -29.74 -47.97
CA GLU F 188 -50.88 -29.10 -48.80
C GLU F 188 -50.57 -27.62 -49.06
N GLN F 189 -50.01 -26.91 -48.06
CA GLN F 189 -49.66 -25.49 -48.18
C GLN F 189 -48.56 -25.33 -49.23
N TRP F 190 -47.49 -26.13 -49.11
CA TRP F 190 -46.35 -26.12 -50.03
C TRP F 190 -46.79 -26.46 -51.45
N LYS F 191 -47.67 -27.49 -51.59
CA LYS F 191 -48.20 -27.98 -52.86
C LYS F 191 -49.21 -27.02 -53.52
N SER F 192 -49.81 -26.09 -52.75
CA SER F 192 -50.78 -25.13 -53.29
C SER F 192 -50.15 -23.91 -53.97
N HIS F 193 -49.31 -23.14 -53.24
CA HIS F 193 -48.65 -21.93 -53.74
C HIS F 193 -47.67 -22.21 -54.88
N ARG F 194 -47.57 -21.27 -55.85
CA ARG F 194 -46.67 -21.35 -57.03
C ARG F 194 -45.21 -21.19 -56.61
N SER F 195 -44.96 -20.41 -55.55
CA SER F 195 -43.65 -20.13 -55.01
C SER F 195 -43.70 -19.76 -53.52
N TYR F 196 -42.55 -19.93 -52.89
CA TYR F 196 -42.24 -19.59 -51.51
C TYR F 196 -40.85 -18.98 -51.55
N SER F 197 -40.67 -17.85 -50.86
CA SER F 197 -39.39 -17.15 -50.90
C SER F 197 -38.84 -16.75 -49.54
N CYS F 198 -37.50 -16.70 -49.44
CA CYS F 198 -36.75 -16.29 -48.27
C CYS F 198 -36.03 -14.98 -48.61
N GLN F 199 -36.39 -13.88 -47.93
CA GLN F 199 -35.77 -12.57 -48.17
C GLN F 199 -34.89 -12.19 -46.99
N VAL F 200 -33.62 -11.85 -47.27
CA VAL F 200 -32.65 -11.50 -46.24
C VAL F 200 -32.16 -10.05 -46.35
N THR F 201 -32.54 -9.22 -45.39
CA THR F 201 -32.09 -7.83 -45.38
C THR F 201 -30.86 -7.71 -44.48
N HIS F 202 -29.78 -7.17 -45.05
CA HIS F 202 -28.52 -6.91 -44.38
C HIS F 202 -28.03 -5.54 -44.90
N GLU F 203 -28.04 -4.54 -44.01
CA GLU F 203 -27.62 -3.18 -44.29
C GLU F 203 -28.48 -2.51 -45.37
N GLY F 204 -29.79 -2.68 -45.23
CA GLY F 204 -30.79 -2.12 -46.15
C GLY F 204 -30.87 -2.78 -47.51
N SER F 205 -29.91 -3.66 -47.79
CA SER F 205 -29.78 -4.39 -49.04
C SER F 205 -30.38 -5.80 -48.88
N THR F 206 -31.37 -6.11 -49.76
CA THR F 206 -32.09 -7.38 -49.71
C THR F 206 -31.70 -8.43 -50.77
N VAL F 207 -31.40 -9.64 -50.26
CA VAL F 207 -31.05 -10.87 -50.98
C VAL F 207 -32.31 -11.74 -50.86
N GLU F 208 -32.78 -12.32 -51.98
CA GLU F 208 -34.00 -13.12 -51.92
C GLU F 208 -33.95 -14.34 -52.81
N LYS F 209 -34.17 -15.52 -52.20
CA LYS F 209 -34.20 -16.79 -52.92
C LYS F 209 -35.60 -17.38 -52.83
N THR F 210 -36.03 -18.06 -53.91
CA THR F 210 -37.36 -18.62 -54.10
C THR F 210 -37.28 -20.11 -54.43
N VAL F 211 -38.20 -20.91 -53.86
CA VAL F 211 -38.37 -22.34 -54.19
C VAL F 211 -39.80 -22.58 -54.65
N ALA F 212 -40.04 -23.62 -55.46
CA ALA F 212 -41.37 -23.90 -56.00
C ALA F 212 -41.64 -25.40 -56.12
N PRO F 213 -42.87 -25.89 -55.84
CA PRO F 213 -43.15 -27.33 -55.97
C PRO F 213 -42.84 -27.94 -57.36
N THR F 214 -42.65 -27.08 -58.40
CA THR F 214 -42.35 -27.51 -59.77
C THR F 214 -41.13 -26.74 -60.32
#